data_6CIL
#
_entry.id   6CIL
#
_cell.length_a   157.332
_cell.length_b   118.830
_cell.length_c   198.960
_cell.angle_alpha   90.000
_cell.angle_beta   100.590
_cell.angle_gamma   90.000
#
_symmetry.space_group_name_H-M   'C 1 2 1'
#
loop_
_entity.id
_entity.type
_entity.pdbx_description
1 polymer 'V(D)J recombination-activating protein 1'
2 polymer 'V(D)J recombination-activating protein 2'
3 polymer 'High mobility group protein B1'
4 polymer 'Intact 12RSS substrate reverse strand'
5 polymer 'Intact 12RSS substrate forward strand'
6 polymer 'Intact 23RSS substrate reverse strand'
7 polymer 'Intact 23RSS substrate forward strand'
8 non-polymer 'ZINC ION'
9 non-polymer 'MANGANESE (II) ION'
#
loop_
_entity_poly.entity_id
_entity_poly.type
_entity_poly.pdbx_seq_one_letter_code
_entity_poly.pdbx_strand_id
1 'polypeptide(L)'
;VHINKGGRPRQHLLSLTRRAQKHRLRELKIQVKEFADKEEGGDVKAVCLTLFLLALRARNEHRQADELEAIMQGRGSGLQ
PAVCLAIRVNTFLSCSQYHKMYRTVKAITGRQIFQPLHALRNAEKVLLPGYHPFEWQPPLKNVSSRTDVGIIDGLSGLAS
SVDEYPVDTIAKRFRYDSALVSALMDMEEDILEGMRSQDLDDYLNGPFTVVVKESCDGMGDVSEKHGSGPAVPEKAVRFS
FTVMRITIEHGSQNVKVFEEPKPNSELCCKPLCLMLADESDHETLTAILSPLIAEREAMKSSELTLEMGGIPRTFKFIFR
GTGYDEKLVREVEGLEASGSVYICTLCDTTRLEASQNLVFHSITRSHAENLQRYEVWRSNPYHESVEELRDRVKGVSAKP
FIETVPSIDALHCDIGNAAEFYKIFQLEIGEVYKHPNASKEERKRWQATLDKHLRKRMNLKPIMRMNGNFARKLMTQETV
DAVCELIPSEERHEALRELMDLYLKMKPVWRSSCPAKECPESLCQYSFNSQRFAELLSTKFKYRYEGKITNYFHKTLAHV
PEIIERDGSIGAWASEGNQSGNKLFRRFRKMNARQSKCYEMEDVLKHHWLYTSKYLQKFMNAHNA
;
A,C
2 'polypeptide(L)'
;MSLQMVTVGHNIALIQPGFSLMNFDGQVFFFGQKGWPKRSCPTGVFHFDIKQNHLKLKPAIFSKDSCYLPPLRYPATCSY
KGSIDSDKHQYIIHGGKTPNNELSDKIYIMSVACKNNKKVTFRCTEKDLVGDVPEPRYGHSIDVVYSRGKSMGVLFGGRS
YMPSTQRTTEKWNSVADCLPHVFLIDFEFGCATSYILPELQDGLSFHVSIARNDTVYILGGHSLASNIRPANLYRIRVDL
PLGTPAVNCTVLPGGISVSSAILTQTNNDEFVIVGGYQLENQKRMVCSLVSLGDNTIEISEMETPDWTSDIKHSKIWFGS
NMGNGTIFLGIPGDNKQAMSEAFYFYTLRCSEEDLSEDQ
;
B,D
3 'polypeptide(L)'
;MGKGDPKKPRGKMSSYAFFVQTCREEHKKKHPDASVNFSEFSKKCSERWKTMSAKEKGKFEDMAKADKARYEREMKTYIP
PKGETKKKFKDPNAPKRPPSAFFLFCSEYRPKIKGEHPGLSIGDVAKKLGEMWNNTAADDKQPYEKKAAKLKEKYEKDIA
AYR
;
N
4 'polydeoxyribonucleotide'
;(DC)(DG)(DG)(DG)(DT)(DT)(DT)(DT)(DT)(DG)(DT)(DT)(DA)(DA)(DG)(DG)(DG)(DC)(DT)(DG)
(DT)(DA)(DT)(DC)(DA)(DC)(DT)(DG)(DT)(DG)(DT)(DA)(DA)(DG)(DA)(DC)(DA)(DG)(DG)(DC)
;
F
5 'polydeoxyribonucleotide'
;(DG)(DC)(DC)(DT)(DG)(DT)(DC)(DT)(DT)(DA)(DC)(DA)(DC)(DA)(DG)(DT)(DG)(DA)(DT)(DA)
(DC)(DA)(DG)(DC)(DC)(DC)(DT)(DT)(DA)(DA)(DC)(DA)(DA)(DA)(DA)(DA)(DC)(DC)(DC)(DG)
;
I
6 'polydeoxyribonucleotide'
;(DC)(DG)(DG)(DG)(DT)(DT)(DT)(DT)(DT)(DG)(DT)(DC)(DT)(DG)(DG)(DC)(DT)(DT)(DC)(DA)
(DC)(DA)(DC)(DT)(DT)(DG)(DA)(DT)(DT)(DT)(DG)(DC)(DA)(DT)(DC)(DA)(DC)(DT)(DG)(DT)
(DG)(DT)(DA)(DA)(DG)(DA)(DC)(DA)(DG)(DG)(DC)(DC)(DA)(DG)(DA)
;
G
7 'polydeoxyribonucleotide'
;(DT)(DC)(DT)(DG)(DG)(DC)(DC)(DT)(DG)(DT)(DC)(DT)(DT)(DA)(DC)(DA)(DC)(DA)(DG)(DT)
(DG)(DA)(DT)(DG)(DC)(DA)(DA)(DA)(DT)(DC)(DA)(DA)(DG)(DT)(DG)(DT)(DG)(DA)(DA)(DG)
(DC)(DC)(DA)(DG)(DA)(DC)(DA)(DA)(DA)(DA)(DA)(DC)(DC)(DC)(DG)
;
J
#
# COMPACT_ATOMS: atom_id res chain seq x y z
N LEU A 25 -32.54 -56.43 -1.36
CA LEU A 25 -33.20 -55.89 -0.19
C LEU A 25 -34.68 -56.26 -0.14
N ARG A 26 -35.15 -57.02 -1.13
CA ARG A 26 -36.57 -57.37 -1.25
C ARG A 26 -37.12 -58.05 0.01
N GLU A 27 -36.28 -58.84 0.71
CA GLU A 27 -36.75 -59.57 1.89
C GLU A 27 -37.05 -58.64 3.05
N LEU A 28 -36.12 -57.74 3.36
CA LEU A 28 -36.40 -56.76 4.41
C LEU A 28 -37.52 -55.82 3.98
N LYS A 29 -37.67 -55.61 2.66
CA LYS A 29 -38.77 -54.78 2.16
C LYS A 29 -40.13 -55.39 2.48
N ILE A 30 -40.28 -56.70 2.23
CA ILE A 30 -41.53 -57.38 2.56
C ILE A 30 -41.76 -57.40 4.08
N GLN A 31 -40.68 -57.61 4.85
CA GLN A 31 -40.80 -57.61 6.31
C GLN A 31 -41.24 -56.25 6.83
N VAL A 32 -40.74 -55.17 6.23
CA VAL A 32 -41.08 -53.82 6.68
C VAL A 32 -42.50 -53.46 6.24
N LYS A 33 -42.91 -53.93 5.07
CA LYS A 33 -44.30 -53.75 4.66
C LYS A 33 -45.24 -54.46 5.64
N GLU A 34 -44.84 -55.64 6.11
CA GLU A 34 -45.59 -56.33 7.16
C GLU A 34 -45.69 -55.49 8.43
N PHE A 35 -44.54 -55.09 8.99
CA PHE A 35 -44.55 -54.30 10.22
C PHE A 35 -45.35 -53.00 10.07
N ALA A 36 -45.36 -52.41 8.89
CA ALA A 36 -46.06 -51.15 8.69
C ALA A 36 -47.56 -51.36 8.61
N ASP A 37 -47.99 -52.36 7.84
CA ASP A 37 -49.41 -52.69 7.79
C ASP A 37 -49.92 -53.15 9.17
N LYS A 38 -49.03 -53.65 10.03
CA LYS A 38 -49.45 -54.13 11.34
C LYS A 38 -50.19 -53.05 12.14
N GLU A 39 -49.61 -51.85 12.22
CA GLU A 39 -50.20 -50.75 12.98
C GLU A 39 -50.15 -49.40 12.27
N GLU A 40 -49.15 -49.15 11.42
CA GLU A 40 -48.91 -47.80 10.92
C GLU A 40 -49.95 -47.36 9.89
N GLY A 41 -50.38 -48.26 9.00
CA GLY A 41 -51.34 -47.92 7.97
C GLY A 41 -50.85 -47.72 6.56
N GLY A 42 -49.57 -48.01 6.28
CA GLY A 42 -49.11 -48.10 4.90
C GLY A 42 -48.52 -46.85 4.26
N ASP A 43 -48.34 -45.76 5.00
CA ASP A 43 -47.59 -44.62 4.46
C ASP A 43 -46.11 -44.81 4.76
N VAL A 44 -45.52 -45.75 4.01
CA VAL A 44 -44.15 -46.17 4.26
C VAL A 44 -43.18 -45.02 4.09
N LYS A 45 -43.40 -44.17 3.06
CA LYS A 45 -42.59 -42.97 2.85
C LYS A 45 -42.15 -42.34 4.18
N ALA A 46 -43.13 -42.06 5.03
CA ALA A 46 -42.84 -41.39 6.29
C ALA A 46 -42.09 -42.30 7.27
N VAL A 47 -42.46 -43.58 7.35
CA VAL A 47 -41.79 -44.40 8.36
C VAL A 47 -40.35 -44.71 7.97
N CYS A 48 -40.06 -44.87 6.68
CA CYS A 48 -38.69 -45.10 6.27
C CYS A 48 -37.87 -43.85 6.43
N LEU A 49 -38.46 -42.68 6.15
CA LEU A 49 -37.79 -41.42 6.45
C LEU A 49 -37.46 -41.29 7.94
N THR A 50 -38.41 -41.61 8.83
CA THR A 50 -38.16 -41.48 10.27
C THR A 50 -37.12 -42.48 10.77
N LEU A 51 -37.18 -43.71 10.27
CA LEU A 51 -36.17 -44.70 10.64
C LEU A 51 -34.78 -44.24 10.24
N PHE A 52 -34.64 -43.74 9.01
CA PHE A 52 -33.32 -43.32 8.53
C PHE A 52 -32.81 -42.07 9.26
N LEU A 53 -33.69 -41.10 9.53
CA LEU A 53 -33.28 -39.92 10.29
C LEU A 53 -32.82 -40.28 11.70
N LEU A 54 -33.58 -41.16 12.38
CA LEU A 54 -33.19 -41.53 13.73
C LEU A 54 -31.90 -42.33 13.75
N ALA A 55 -31.68 -43.17 12.72
CA ALA A 55 -30.38 -43.87 12.59
C ALA A 55 -29.24 -42.87 12.37
N LEU A 56 -29.44 -41.90 11.48
CA LEU A 56 -28.43 -40.88 11.24
C LEU A 56 -28.09 -40.13 12.52
N ARG A 57 -29.12 -39.75 13.29
CA ARG A 57 -28.89 -39.09 14.57
C ARG A 57 -28.15 -40.00 15.55
N ALA A 58 -28.45 -41.31 15.51
CA ALA A 58 -27.74 -42.25 16.36
C ALA A 58 -26.25 -42.27 16.04
N ARG A 59 -25.91 -42.11 14.76
CA ARG A 59 -24.50 -42.03 14.36
C ARG A 59 -23.90 -40.63 14.55
N ASN A 60 -24.54 -39.77 15.36
CA ASN A 60 -24.07 -38.42 15.65
C ASN A 60 -23.75 -37.64 14.37
N GLU A 61 -24.59 -37.80 13.34
CA GLU A 61 -24.38 -37.22 12.01
C GLU A 61 -25.49 -36.21 11.69
N HIS A 62 -25.74 -35.29 12.61
CA HIS A 62 -26.94 -34.46 12.58
C HIS A 62 -27.07 -33.65 11.29
N ARG A 63 -25.96 -33.21 10.71
CA ARG A 63 -26.01 -32.26 9.59
C ARG A 63 -26.75 -32.87 8.39
N GLN A 64 -26.35 -34.08 7.99
CA GLN A 64 -27.01 -34.72 6.86
C GLN A 64 -28.47 -35.00 7.16
N ALA A 65 -28.80 -35.30 8.42
CA ALA A 65 -30.18 -35.53 8.79
C ALA A 65 -31.02 -34.27 8.65
N ASP A 66 -30.52 -33.14 9.12
CA ASP A 66 -31.25 -31.88 8.99
C ASP A 66 -31.42 -31.48 7.53
N GLU A 67 -30.39 -31.72 6.71
CA GLU A 67 -30.52 -31.38 5.29
C GLU A 67 -31.58 -32.24 4.62
N LEU A 68 -31.62 -33.54 4.95
CA LEU A 68 -32.70 -34.39 4.46
C LEU A 68 -34.06 -33.88 4.93
N GLU A 69 -34.16 -33.49 6.20
CA GLU A 69 -35.42 -32.95 6.73
C GLU A 69 -35.87 -31.73 5.93
N ALA A 70 -34.94 -30.81 5.67
CA ALA A 70 -35.31 -29.63 4.92
C ALA A 70 -35.73 -29.97 3.50
N ILE A 71 -35.09 -30.99 2.90
CA ILE A 71 -35.42 -31.33 1.52
C ILE A 71 -36.74 -32.10 1.44
N MET A 72 -37.11 -32.82 2.50
CA MET A 72 -38.40 -33.51 2.52
C MET A 72 -39.54 -32.58 2.90
N GLN A 73 -39.29 -31.58 3.74
CA GLN A 73 -40.29 -30.55 3.97
C GLN A 73 -40.39 -29.58 2.79
N GLY A 74 -39.32 -29.41 2.03
CA GLY A 74 -39.33 -28.56 0.85
C GLY A 74 -39.21 -27.08 1.10
N ARG A 75 -38.84 -26.66 2.32
CA ARG A 75 -38.63 -25.25 2.60
C ARG A 75 -37.52 -24.69 1.71
N GLY A 76 -37.86 -23.63 0.97
CA GLY A 76 -36.99 -23.08 -0.05
C GLY A 76 -35.83 -22.31 0.54
N SER A 77 -34.63 -22.64 0.09
CA SER A 77 -33.42 -21.91 0.49
C SER A 77 -33.17 -20.81 -0.54
N GLY A 78 -33.96 -19.76 -0.43
CA GLY A 78 -33.70 -18.57 -1.21
C GLY A 78 -33.46 -17.40 -0.29
N LEU A 79 -32.30 -16.77 -0.42
CA LEU A 79 -31.97 -15.63 0.41
C LEU A 79 -32.63 -14.38 -0.16
N GLN A 80 -33.32 -13.63 0.68
CA GLN A 80 -33.90 -12.39 0.22
C GLN A 80 -32.79 -11.43 -0.20
N PRO A 81 -33.03 -10.59 -1.22
CA PRO A 81 -31.95 -9.73 -1.74
C PRO A 81 -31.21 -8.95 -0.66
N ALA A 82 -31.92 -8.54 0.40
CA ALA A 82 -31.28 -7.81 1.49
C ALA A 82 -30.23 -8.64 2.22
N VAL A 83 -30.47 -9.95 2.39
CA VAL A 83 -29.48 -10.80 3.08
C VAL A 83 -28.22 -10.93 2.24
N CYS A 84 -28.37 -11.08 0.93
CA CYS A 84 -27.22 -11.13 0.05
C CYS A 84 -26.44 -9.81 0.10
N LEU A 85 -27.16 -8.68 0.06
CA LEU A 85 -26.53 -7.38 0.22
C LEU A 85 -25.73 -7.29 1.52
N ALA A 86 -26.33 -7.78 2.61
CA ALA A 86 -25.66 -7.78 3.91
C ALA A 86 -24.36 -8.56 3.85
N ILE A 87 -24.42 -9.79 3.30
CA ILE A 87 -23.24 -10.64 3.22
C ILE A 87 -22.15 -9.99 2.37
N ARG A 88 -22.51 -9.48 1.19
CA ARG A 88 -21.52 -8.86 0.31
C ARG A 88 -20.85 -7.66 0.98
N VAL A 89 -21.65 -6.78 1.60
CA VAL A 89 -21.10 -5.58 2.22
C VAL A 89 -20.24 -5.95 3.43
N ASN A 90 -20.64 -6.96 4.20
CA ASN A 90 -19.94 -7.29 5.44
C ASN A 90 -18.72 -8.21 5.21
N THR A 91 -18.57 -8.79 4.01
CA THR A 91 -17.37 -9.55 3.66
C THR A 91 -16.55 -8.85 2.58
N PHE A 92 -16.88 -7.60 2.25
CA PHE A 92 -16.05 -6.75 1.42
C PHE A 92 -15.89 -7.31 0.00
N LEU A 93 -16.87 -8.11 -0.45
CA LEU A 93 -16.83 -8.69 -1.78
C LEU A 93 -17.17 -7.65 -2.84
N SER A 94 -16.34 -7.60 -3.88
CA SER A 94 -16.64 -6.76 -5.03
C SER A 94 -17.83 -7.31 -5.80
N CYS A 95 -18.43 -6.46 -6.62
CA CYS A 95 -19.51 -6.92 -7.48
C CYS A 95 -19.06 -8.09 -8.34
N SER A 96 -17.86 -8.02 -8.91
CA SER A 96 -17.36 -9.10 -9.75
C SER A 96 -17.21 -10.39 -8.95
N GLN A 97 -16.67 -10.30 -7.73
CA GLN A 97 -16.45 -11.50 -6.91
C GLN A 97 -17.77 -12.11 -6.47
N TYR A 98 -18.70 -11.26 -6.01
CA TYR A 98 -20.04 -11.73 -5.67
C TYR A 98 -20.73 -12.35 -6.88
N HIS A 99 -20.55 -11.77 -8.06
CA HIS A 99 -21.18 -12.35 -9.24
C HIS A 99 -20.64 -13.73 -9.56
N LYS A 100 -19.31 -13.93 -9.47
CA LYS A 100 -18.75 -15.27 -9.70
C LYS A 100 -19.32 -16.28 -8.70
N MET A 101 -19.36 -15.91 -7.42
CA MET A 101 -19.93 -16.85 -6.44
C MET A 101 -21.39 -17.14 -6.74
N TYR A 102 -22.18 -16.09 -7.00
CA TYR A 102 -23.58 -16.25 -7.34
C TYR A 102 -23.78 -17.21 -8.51
N ARG A 103 -23.10 -16.94 -9.62
CA ARG A 103 -23.29 -17.77 -10.81
C ARG A 103 -22.85 -19.21 -10.54
N THR A 104 -21.78 -19.40 -9.76
CA THR A 104 -21.29 -20.76 -9.51
C THR A 104 -22.25 -21.56 -8.64
N VAL A 105 -22.74 -20.96 -7.55
CA VAL A 105 -23.71 -21.66 -6.71
C VAL A 105 -24.98 -21.96 -7.50
N LYS A 106 -25.49 -20.97 -8.24
CA LYS A 106 -26.68 -21.21 -9.04
C LYS A 106 -26.45 -22.34 -10.04
N ALA A 107 -25.31 -22.34 -10.71
CA ALA A 107 -25.07 -23.36 -11.72
C ALA A 107 -24.94 -24.75 -11.11
N ILE A 108 -24.32 -24.87 -9.94
CA ILE A 108 -24.04 -26.20 -9.41
C ILE A 108 -25.20 -26.79 -8.62
N THR A 109 -25.97 -25.99 -7.88
CA THR A 109 -27.15 -26.56 -7.21
C THR A 109 -28.41 -26.42 -8.03
N GLY A 110 -28.33 -25.70 -9.15
CA GLY A 110 -29.50 -25.39 -9.95
C GLY A 110 -30.48 -24.43 -9.33
N ARG A 111 -30.31 -24.09 -8.05
CA ARG A 111 -31.23 -23.22 -7.33
C ARG A 111 -30.56 -21.87 -7.12
N GLN A 112 -31.39 -20.82 -7.16
CA GLN A 112 -30.90 -19.44 -7.07
C GLN A 112 -30.87 -18.99 -5.61
N ILE A 113 -29.90 -19.55 -4.87
CA ILE A 113 -29.81 -19.23 -3.45
C ILE A 113 -29.46 -17.76 -3.26
N PHE A 114 -28.36 -17.30 -3.86
CA PHE A 114 -28.04 -15.89 -3.86
C PHE A 114 -28.75 -15.20 -5.01
N GLN A 115 -29.08 -13.94 -4.81
CA GLN A 115 -29.76 -13.15 -5.84
C GLN A 115 -28.74 -12.47 -6.76
N PRO A 116 -29.15 -12.14 -7.96
CA PRO A 116 -28.22 -11.49 -8.90
C PRO A 116 -28.05 -10.02 -8.58
N LEU A 117 -27.00 -9.43 -9.16
CA LEU A 117 -26.48 -8.17 -8.66
C LEU A 117 -27.53 -7.08 -8.66
N HIS A 118 -28.40 -7.07 -9.68
CA HIS A 118 -29.35 -5.97 -9.76
C HIS A 118 -30.32 -5.99 -8.59
N ALA A 119 -30.68 -7.18 -8.10
CA ALA A 119 -31.57 -7.25 -6.93
C ALA A 119 -30.89 -6.66 -5.71
N LEU A 120 -29.59 -6.87 -5.59
CA LEU A 120 -28.84 -6.23 -4.50
C LEU A 120 -28.81 -4.71 -4.65
N ARG A 121 -28.59 -4.19 -5.87
CA ARG A 121 -28.60 -2.73 -6.06
C ARG A 121 -29.94 -2.14 -5.65
N ASN A 122 -31.00 -2.85 -6.01
CA ASN A 122 -32.34 -2.39 -5.69
C ASN A 122 -32.64 -2.49 -4.20
N ALA A 123 -32.08 -3.51 -3.52
CA ALA A 123 -32.22 -3.59 -2.07
C ALA A 123 -31.39 -2.52 -1.36
N GLU A 124 -30.25 -2.13 -1.95
CA GLU A 124 -29.43 -1.07 -1.40
C GLU A 124 -30.17 0.27 -1.44
N LYS A 125 -30.93 0.54 -2.51
CA LYS A 125 -31.66 1.80 -2.59
C LYS A 125 -32.49 2.05 -1.32
N VAL A 126 -33.04 1.00 -0.72
CA VAL A 126 -33.88 1.16 0.47
C VAL A 126 -33.07 1.58 1.69
N LEU A 127 -31.86 1.06 1.82
CA LEU A 127 -31.06 1.28 3.03
C LEU A 127 -30.29 2.58 3.01
N LEU A 128 -30.22 3.23 1.88
CA LEU A 128 -29.48 4.46 1.70
C LEU A 128 -30.39 5.65 1.91
N PRO A 129 -29.84 6.78 2.28
CA PRO A 129 -30.66 7.98 2.42
C PRO A 129 -31.36 8.31 1.10
N GLY A 130 -32.51 8.99 1.22
CA GLY A 130 -33.26 9.50 0.08
C GLY A 130 -34.43 8.66 -0.38
N TYR A 131 -34.66 7.50 0.23
CA TYR A 131 -35.67 6.56 -0.23
C TYR A 131 -37.04 6.88 0.35
N HIS A 132 -37.10 7.10 1.67
CA HIS A 132 -38.33 7.33 2.41
C HIS A 132 -38.70 8.82 2.44
N PRO A 133 -39.99 9.10 2.43
CA PRO A 133 -40.45 10.47 2.61
C PRO A 133 -40.61 10.85 4.07
N PHE A 134 -40.57 12.14 4.31
CA PHE A 134 -40.70 12.68 5.66
C PHE A 134 -41.20 14.14 5.57
N GLU A 135 -41.44 14.74 6.74
CA GLU A 135 -41.68 16.20 6.75
C GLU A 135 -41.17 16.85 8.01
N TRP A 136 -40.84 18.12 7.86
CA TRP A 136 -40.40 18.93 8.98
C TRP A 136 -41.43 20.01 9.25
N GLN A 137 -41.89 20.04 10.50
CA GLN A 137 -42.88 21.02 10.95
C GLN A 137 -42.30 21.83 12.12
N PRO A 138 -41.97 23.12 11.92
CA PRO A 138 -42.18 23.73 10.60
C PRO A 138 -41.03 23.36 9.67
N PRO A 139 -41.18 23.65 8.37
CA PRO A 139 -40.08 23.37 7.45
C PRO A 139 -38.76 23.92 7.93
N LEU A 140 -37.71 23.15 7.64
CA LEU A 140 -36.37 23.53 8.07
C LEU A 140 -35.91 24.78 7.38
N LYS A 141 -35.34 25.69 8.18
CA LYS A 141 -34.85 26.95 7.65
C LYS A 141 -33.54 26.74 6.87
N ASN A 142 -33.54 27.15 5.60
CA ASN A 142 -32.42 27.08 4.66
C ASN A 142 -32.03 25.66 4.26
N VAL A 143 -32.96 24.71 4.39
CA VAL A 143 -32.72 23.33 4.00
C VAL A 143 -33.80 22.94 3.03
N SER A 144 -33.41 22.33 1.91
CA SER A 144 -34.37 21.95 0.90
C SER A 144 -35.35 20.91 1.45
N SER A 145 -36.61 20.99 1.01
CA SER A 145 -37.67 20.09 1.44
C SER A 145 -37.72 18.81 0.63
N ARG A 146 -36.89 18.70 -0.42
CA ARG A 146 -36.79 17.47 -1.21
C ARG A 146 -36.39 16.30 -0.33
N THR A 147 -37.06 15.17 -0.54
CA THR A 147 -36.74 13.99 0.26
C THR A 147 -36.03 12.89 -0.53
N ASP A 148 -35.90 13.05 -1.85
CA ASP A 148 -35.18 12.08 -2.67
C ASP A 148 -33.71 12.40 -2.79
N VAL A 149 -33.14 13.08 -1.82
CA VAL A 149 -31.77 13.60 -1.94
C VAL A 149 -30.84 12.52 -1.42
N GLY A 150 -29.82 12.20 -2.20
CA GLY A 150 -28.91 11.13 -1.83
C GLY A 150 -27.50 11.56 -1.51
N ILE A 151 -26.51 11.09 -2.28
CA ILE A 151 -25.15 11.54 -2.10
C ILE A 151 -24.98 12.89 -2.75
N ILE A 152 -24.43 13.85 -2.01
CA ILE A 152 -24.31 15.23 -2.43
C ILE A 152 -22.84 15.61 -2.39
N ASP A 153 -22.48 16.54 -3.27
CA ASP A 153 -21.11 17.02 -3.36
C ASP A 153 -20.71 17.69 -2.06
N GLY A 154 -19.60 17.23 -1.48
CA GLY A 154 -19.23 17.74 -0.17
C GLY A 154 -18.85 19.19 -0.21
N LEU A 155 -18.36 19.66 -1.36
CA LEU A 155 -18.00 21.06 -1.50
C LEU A 155 -19.21 22.00 -1.38
N SER A 156 -20.43 21.49 -1.55
CA SER A 156 -21.64 22.29 -1.37
C SER A 156 -21.58 23.55 -2.24
N GLY A 157 -21.25 23.34 -3.52
CA GLY A 157 -21.17 24.39 -4.51
C GLY A 157 -19.97 25.31 -4.40
N LEU A 158 -18.94 24.91 -3.65
CA LEU A 158 -17.78 25.75 -3.47
C LEU A 158 -17.14 26.10 -4.81
N ALA A 159 -16.80 27.38 -4.97
CA ALA A 159 -16.25 27.85 -6.23
C ALA A 159 -14.89 27.21 -6.50
N SER A 160 -14.71 26.72 -7.72
CA SER A 160 -13.49 26.00 -8.09
C SER A 160 -12.78 26.62 -9.28
N SER A 161 -13.21 27.79 -9.74
CA SER A 161 -12.56 28.47 -10.86
C SER A 161 -11.10 28.76 -10.51
N VAL A 162 -10.30 28.93 -11.56
CA VAL A 162 -8.89 29.23 -11.35
C VAL A 162 -8.70 30.55 -10.62
N ASP A 163 -9.70 31.45 -10.69
CA ASP A 163 -9.60 32.74 -10.03
C ASP A 163 -9.74 32.62 -8.50
N GLU A 164 -10.71 31.82 -8.03
CA GLU A 164 -11.02 31.74 -6.61
C GLU A 164 -9.92 30.95 -5.93
N TYR A 165 -10.08 30.69 -4.63
CA TYR A 165 -9.11 29.87 -3.91
C TYR A 165 -9.05 28.46 -4.52
N PRO A 166 -7.85 27.86 -4.63
CA PRO A 166 -7.74 26.51 -5.23
C PRO A 166 -8.41 25.45 -4.37
N VAL A 167 -9.19 24.58 -5.00
CA VAL A 167 -9.85 23.49 -4.31
C VAL A 167 -9.09 22.20 -4.63
N ASP A 168 -8.37 21.67 -3.65
CA ASP A 168 -7.55 20.48 -3.82
C ASP A 168 -8.17 19.25 -3.20
N THR A 169 -9.45 19.31 -2.87
CA THR A 169 -10.06 18.25 -2.11
C THR A 169 -11.27 17.68 -2.83
N ILE A 170 -11.58 16.44 -2.50
CA ILE A 170 -12.82 15.80 -2.92
C ILE A 170 -13.52 15.31 -1.66
N ALA A 171 -14.85 15.46 -1.65
CA ALA A 171 -15.65 15.16 -0.47
C ALA A 171 -17.04 14.77 -0.92
N LYS A 172 -17.64 13.84 -0.19
CA LYS A 172 -19.01 13.47 -0.48
C LYS A 172 -19.73 13.35 0.85
N ARG A 173 -20.99 13.77 0.86
CA ARG A 173 -21.74 13.79 2.11
C ARG A 173 -23.20 13.50 1.82
N PHE A 174 -23.94 13.26 2.88
CA PHE A 174 -25.40 13.21 2.81
C PHE A 174 -25.98 14.56 3.22
N ARG A 175 -27.26 14.72 2.97
CA ARG A 175 -27.98 15.76 3.69
C ARG A 175 -28.28 15.24 5.09
N TYR A 176 -27.90 16.02 6.10
CA TYR A 176 -27.90 15.54 7.47
C TYR A 176 -29.26 14.95 7.85
N ASP A 177 -30.33 15.67 7.54
CA ASP A 177 -31.67 15.17 7.85
C ASP A 177 -31.94 13.88 7.09
N SER A 178 -31.63 13.85 5.80
CA SER A 178 -31.83 12.65 4.98
C SER A 178 -31.14 11.45 5.61
N ALA A 179 -29.93 11.66 6.11
CA ALA A 179 -29.23 10.62 6.80
C ALA A 179 -29.96 10.20 8.08
N LEU A 180 -30.47 11.17 8.85
CA LEU A 180 -31.18 10.81 10.07
C LEU A 180 -32.42 10.00 9.77
N VAL A 181 -33.10 10.35 8.67
CA VAL A 181 -34.27 9.58 8.24
C VAL A 181 -33.89 8.14 7.95
N SER A 182 -32.89 7.95 7.07
CA SER A 182 -32.54 6.60 6.68
C SER A 182 -32.08 5.79 7.89
N ALA A 183 -31.35 6.43 8.82
CA ALA A 183 -30.87 5.71 10.00
C ALA A 183 -32.03 5.29 10.92
N LEU A 184 -32.98 6.19 11.14
CA LEU A 184 -34.12 5.83 11.98
C LEU A 184 -34.90 4.68 11.35
N MET A 185 -35.07 4.73 10.04
CA MET A 185 -35.76 3.63 9.37
C MET A 185 -34.97 2.33 9.49
N ASP A 186 -33.63 2.42 9.47
CA ASP A 186 -32.78 1.25 9.63
C ASP A 186 -32.96 0.60 11.00
N MET A 187 -33.20 1.38 12.05
CA MET A 187 -33.38 0.77 13.35
C MET A 187 -34.85 0.69 13.76
N GLU A 188 -35.76 0.83 12.79
CA GLU A 188 -37.19 0.73 13.08
C GLU A 188 -37.54 -0.57 13.83
N GLU A 189 -36.96 -1.69 13.41
CA GLU A 189 -37.28 -2.97 14.06
C GLU A 189 -36.90 -2.95 15.53
N ASP A 190 -35.75 -2.37 15.84
CA ASP A 190 -35.32 -2.26 17.23
C ASP A 190 -36.18 -1.28 18.01
N ILE A 191 -36.67 -0.22 17.35
CA ILE A 191 -37.54 0.72 18.05
C ILE A 191 -38.84 0.06 18.46
N LEU A 192 -39.48 -0.64 17.52
CA LEU A 192 -40.74 -1.32 17.83
C LEU A 192 -40.55 -2.37 18.90
N GLU A 193 -39.51 -3.21 18.76
CA GLU A 193 -39.28 -4.25 19.75
C GLU A 193 -38.91 -3.67 21.11
N GLY A 194 -38.30 -2.49 21.15
CA GLY A 194 -37.98 -1.88 22.44
C GLY A 194 -39.21 -1.34 23.13
N MET A 195 -40.11 -0.71 22.36
CA MET A 195 -41.39 -0.31 22.95
C MET A 195 -42.15 -1.51 23.48
N ARG A 196 -42.26 -2.58 22.69
CA ARG A 196 -42.87 -3.79 23.20
C ARG A 196 -42.22 -4.27 24.50
N SER A 197 -40.89 -4.34 24.52
CA SER A 197 -40.20 -4.84 25.71
C SER A 197 -40.37 -3.93 26.91
N GLN A 198 -40.72 -2.66 26.71
CA GLN A 198 -41.02 -1.78 27.82
C GLN A 198 -42.49 -1.77 28.18
N ASP A 199 -43.25 -2.74 27.62
CA ASP A 199 -44.69 -2.87 27.82
C ASP A 199 -45.46 -1.67 27.25
N LEU A 200 -44.96 -1.11 26.16
CA LEU A 200 -45.64 -0.02 25.46
C LEU A 200 -46.18 -0.52 24.13
N ASP A 201 -46.93 0.33 23.46
CA ASP A 201 -47.66 -0.07 22.27
C ASP A 201 -46.87 0.11 20.98
N ASP A 202 -47.03 -0.86 20.07
CA ASP A 202 -46.38 -0.80 18.75
C ASP A 202 -46.75 0.45 17.97
N TYR A 203 -48.05 0.77 17.92
CA TYR A 203 -48.56 1.87 17.10
C TYR A 203 -48.57 3.22 17.82
N LEU A 204 -48.20 3.26 19.10
CA LEU A 204 -48.14 4.53 19.83
C LEU A 204 -47.18 5.48 19.11
N ASN A 205 -47.56 6.77 19.04
CA ASN A 205 -46.86 7.73 18.19
C ASN A 205 -46.42 8.99 18.93
N GLY A 206 -46.38 8.97 20.27
CA GLY A 206 -46.01 10.15 21.03
C GLY A 206 -44.65 10.70 20.65
N PRO A 207 -44.29 11.89 21.15
CA PRO A 207 -43.05 12.51 20.68
C PRO A 207 -41.81 11.78 21.16
N PHE A 208 -41.23 10.97 20.27
CA PHE A 208 -39.93 10.35 20.51
C PHE A 208 -38.82 11.41 20.53
N THR A 209 -37.81 11.18 21.36
CA THR A 209 -36.64 12.03 21.42
C THR A 209 -35.39 11.19 21.18
N VAL A 210 -34.59 11.59 20.19
CA VAL A 210 -33.36 10.92 19.78
C VAL A 210 -32.18 11.77 20.25
N VAL A 211 -31.28 11.16 21.03
CA VAL A 211 -30.01 11.81 21.34
C VAL A 211 -29.00 11.35 20.30
N VAL A 212 -28.40 12.32 19.62
CA VAL A 212 -27.55 12.04 18.48
C VAL A 212 -26.15 12.50 18.84
N LYS A 213 -25.19 11.58 18.76
CA LYS A 213 -23.78 11.90 18.99
C LYS A 213 -23.12 12.27 17.67
N GLU A 214 -22.46 13.42 17.64
CA GLU A 214 -21.65 13.82 16.50
C GLU A 214 -20.19 13.50 16.77
N SER A 215 -19.53 12.96 15.76
CA SER A 215 -18.12 12.60 15.85
C SER A 215 -17.40 13.14 14.61
N CYS A 216 -16.15 13.52 14.83
CA CYS A 216 -15.29 14.00 13.76
C CYS A 216 -13.87 13.54 14.07
N ASP A 217 -13.18 13.03 13.08
CA ASP A 217 -11.77 12.72 13.29
C ASP A 217 -11.13 12.71 11.93
N GLY A 218 -9.82 12.96 11.92
CA GLY A 218 -8.99 12.70 10.77
C GLY A 218 -8.47 11.27 10.81
N MET A 219 -8.45 10.63 9.65
CA MET A 219 -8.05 9.23 9.57
C MET A 219 -6.59 9.09 9.22
N GLY A 220 -5.80 10.11 9.55
CA GLY A 220 -4.39 9.95 9.33
C GLY A 220 -4.11 9.88 7.84
N ASP A 221 -3.12 9.06 7.48
CA ASP A 221 -2.80 8.85 6.08
C ASP A 221 -3.67 7.75 5.46
N VAL A 222 -4.22 8.05 4.27
CA VAL A 222 -4.97 7.09 3.46
C VAL A 222 -4.21 6.64 2.19
N SER A 223 -3.05 7.25 1.89
CA SER A 223 -2.38 7.02 0.61
C SER A 223 -2.14 5.55 0.40
N GLU A 224 -2.34 5.10 -0.83
CA GLU A 224 -1.79 3.81 -1.28
C GLU A 224 -0.51 4.06 -2.06
N LYS A 225 0.54 3.29 -1.78
CA LYS A 225 1.83 3.53 -2.41
C LYS A 225 2.60 2.26 -2.78
N GLU A 234 -1.45 12.00 2.04
CA GLU A 234 -2.88 12.17 1.74
C GLU A 234 -3.75 11.82 2.94
N LYS A 235 -4.37 12.82 3.54
CA LYS A 235 -5.21 12.58 4.71
C LYS A 235 -6.69 12.63 4.38
N ALA A 236 -7.47 12.12 5.33
CA ALA A 236 -8.93 12.11 5.26
C ALA A 236 -9.52 12.54 6.59
N VAL A 237 -10.76 13.01 6.52
CA VAL A 237 -11.55 13.33 7.69
C VAL A 237 -12.91 12.67 7.55
N ARG A 238 -13.44 12.17 8.67
CA ARG A 238 -14.73 11.48 8.72
C ARG A 238 -15.63 12.25 9.68
N PHE A 239 -16.76 12.76 9.17
CA PHE A 239 -17.76 13.44 9.99
C PHE A 239 -18.96 12.52 10.11
N SER A 240 -19.32 12.15 11.35
CA SER A 240 -20.28 11.07 11.56
C SER A 240 -21.25 11.38 12.70
N PHE A 241 -22.28 10.55 12.80
CA PHE A 241 -23.19 10.57 13.94
C PHE A 241 -23.55 9.15 14.37
N THR A 242 -23.75 8.99 15.67
CA THR A 242 -24.20 7.74 16.29
C THR A 242 -25.54 8.03 16.97
N VAL A 243 -26.54 7.19 16.72
CA VAL A 243 -27.81 7.31 17.44
C VAL A 243 -27.62 6.70 18.84
N MET A 244 -27.71 7.53 19.87
CA MET A 244 -27.32 7.10 21.20
C MET A 244 -28.48 6.48 21.98
N ARG A 245 -29.62 7.16 22.03
CA ARG A 245 -30.79 6.54 22.64
C ARG A 245 -32.03 7.28 22.20
N ILE A 246 -33.12 6.54 22.16
CA ILE A 246 -34.42 7.07 21.78
C ILE A 246 -35.39 6.83 22.93
N THR A 247 -35.96 7.91 23.45
CA THR A 247 -36.94 7.84 24.53
C THR A 247 -38.30 8.29 24.01
N ILE A 248 -39.35 7.82 24.68
CA ILE A 248 -40.71 8.20 24.34
C ILE A 248 -41.30 8.89 25.56
N GLU A 249 -42.26 9.79 25.32
CA GLU A 249 -42.93 10.53 26.39
C GLU A 249 -44.30 9.91 26.62
N HIS A 250 -44.43 9.20 27.75
CA HIS A 250 -45.61 8.43 28.15
C HIS A 250 -46.01 8.90 29.55
N GLY A 251 -46.87 9.92 29.63
CA GLY A 251 -47.12 10.57 30.91
C GLY A 251 -46.12 11.68 31.16
N SER A 252 -45.62 11.80 32.40
CA SER A 252 -44.49 12.67 32.71
C SER A 252 -43.21 11.86 32.89
N GLN A 253 -43.09 10.77 32.15
CA GLN A 253 -41.97 9.85 32.23
C GLN A 253 -41.36 9.75 30.85
N ASN A 254 -40.05 9.54 30.81
CA ASN A 254 -39.36 9.35 29.54
C ASN A 254 -38.88 7.90 29.54
N VAL A 255 -39.61 7.05 28.86
CA VAL A 255 -39.37 5.60 28.89
C VAL A 255 -38.34 5.29 27.81
N LYS A 256 -37.22 4.70 28.21
CA LYS A 256 -36.11 4.48 27.28
C LYS A 256 -36.46 3.31 26.38
N VAL A 257 -36.87 3.57 25.14
CA VAL A 257 -37.22 2.49 24.22
C VAL A 257 -36.08 2.03 23.33
N PHE A 258 -34.94 2.74 23.28
CA PHE A 258 -33.74 2.20 22.63
C PHE A 258 -32.49 2.82 23.23
N GLU A 259 -31.45 2.00 23.37
CA GLU A 259 -30.14 2.51 23.77
C GLU A 259 -29.06 1.76 23.01
N GLU A 260 -28.10 2.48 22.46
CA GLU A 260 -27.03 1.84 21.71
C GLU A 260 -26.20 0.96 22.61
N PRO A 261 -26.07 -0.33 22.31
CA PRO A 261 -25.27 -1.21 23.20
C PRO A 261 -23.78 -0.95 23.15
N LYS A 262 -23.21 -0.76 21.97
CA LYS A 262 -21.78 -0.59 21.78
C LYS A 262 -21.62 0.79 21.15
N PRO A 263 -21.58 1.85 21.97
CA PRO A 263 -21.68 3.20 21.39
C PRO A 263 -20.42 3.63 20.67
N ASN A 264 -19.27 3.00 20.91
CA ASN A 264 -18.02 3.36 20.24
C ASN A 264 -17.56 2.30 19.23
N SER A 265 -18.47 1.52 18.67
CA SER A 265 -18.10 0.58 17.64
C SER A 265 -18.30 1.21 16.28
N GLU A 266 -17.43 0.85 15.32
CA GLU A 266 -17.59 1.28 13.95
C GLU A 266 -18.89 0.80 13.35
N LEU A 267 -19.53 -0.18 14.00
CA LEU A 267 -20.76 -0.78 13.53
C LEU A 267 -21.93 0.21 13.59
N CYS A 268 -21.84 1.24 14.41
CA CYS A 268 -22.95 2.17 14.53
C CYS A 268 -22.53 3.64 14.40
N CYS A 269 -21.26 3.93 14.15
CA CYS A 269 -20.82 5.28 13.81
C CYS A 269 -21.22 5.56 12.37
N LYS A 270 -22.35 6.22 12.19
CA LYS A 270 -22.80 6.25 10.81
C LYS A 270 -22.15 7.40 10.07
N PRO A 271 -21.54 7.13 8.91
CA PRO A 271 -20.84 8.19 8.18
C PRO A 271 -21.82 9.16 7.53
N LEU A 272 -21.45 10.42 7.60
CA LEU A 272 -22.23 11.55 7.10
C LEU A 272 -21.47 12.35 6.06
N CYS A 273 -20.17 12.56 6.27
CA CYS A 273 -19.32 13.25 5.31
C CYS A 273 -17.91 12.65 5.32
N LEU A 274 -17.44 12.21 4.15
CA LEU A 274 -16.07 11.75 3.97
C LEU A 274 -15.34 12.77 3.11
N MET A 275 -14.21 13.29 3.61
CA MET A 275 -13.47 14.27 2.83
C MET A 275 -11.99 13.92 2.84
N LEU A 276 -11.33 14.21 1.72
CA LEU A 276 -9.87 14.07 1.60
C LEU A 276 -9.24 15.43 1.87
N ALA A 277 -8.81 15.65 3.10
CA ALA A 277 -8.37 16.95 3.56
C ALA A 277 -7.68 16.72 4.89
N ASP A 278 -6.97 17.72 5.36
CA ASP A 278 -6.18 17.62 6.58
C ASP A 278 -6.99 18.25 7.71
N GLU A 279 -7.17 17.51 8.81
CA GLU A 279 -7.89 18.10 9.94
C GLU A 279 -7.29 19.43 10.39
N SER A 280 -6.02 19.71 10.06
CA SER A 280 -5.38 20.99 10.33
C SER A 280 -5.53 22.05 9.22
N ASP A 281 -6.08 21.73 8.05
CA ASP A 281 -6.29 22.71 6.99
C ASP A 281 -7.62 23.42 7.27
N HIS A 282 -7.56 24.53 8.03
CA HIS A 282 -8.77 25.11 8.59
C HIS A 282 -9.75 25.56 7.52
N GLU A 283 -9.24 26.12 6.43
CA GLU A 283 -10.08 26.69 5.38
C GLU A 283 -10.97 25.63 4.76
N THR A 284 -10.37 24.51 4.35
CA THR A 284 -11.15 23.46 3.72
C THR A 284 -12.07 22.79 4.72
N LEU A 285 -11.60 22.64 5.95
CA LEU A 285 -12.43 22.02 6.98
C LEU A 285 -13.70 22.81 7.22
N THR A 286 -13.59 24.13 7.43
CA THR A 286 -14.80 24.91 7.65
C THR A 286 -15.67 24.95 6.41
N ALA A 287 -15.07 25.10 5.21
CA ALA A 287 -15.86 25.12 3.97
C ALA A 287 -16.71 23.85 3.83
N ILE A 288 -16.16 22.68 4.19
CA ILE A 288 -16.86 21.41 4.00
C ILE A 288 -17.89 21.17 5.10
N LEU A 289 -17.59 21.57 6.35
CA LEU A 289 -18.44 21.26 7.49
C LEU A 289 -19.54 22.28 7.76
N SER A 290 -19.32 23.57 7.46
CA SER A 290 -20.35 24.57 7.69
C SER A 290 -21.73 24.18 7.15
N PRO A 291 -21.86 23.64 5.93
CA PRO A 291 -23.18 23.15 5.50
C PRO A 291 -23.82 22.19 6.49
N LEU A 292 -23.03 21.27 7.04
CA LEU A 292 -23.58 20.33 8.00
C LEU A 292 -24.00 21.02 9.29
N ILE A 293 -23.20 21.99 9.75
CA ILE A 293 -23.57 22.65 10.99
C ILE A 293 -24.83 23.48 10.80
N ALA A 294 -25.03 24.05 9.62
CA ALA A 294 -26.27 24.79 9.39
C ALA A 294 -27.48 23.85 9.38
N GLU A 295 -27.39 22.72 8.67
CA GLU A 295 -28.50 21.75 8.68
C GLU A 295 -28.83 21.31 10.10
N ARG A 296 -27.79 21.02 10.89
CA ARG A 296 -27.99 20.54 12.25
C ARG A 296 -28.68 21.60 13.09
N GLU A 297 -28.18 22.84 13.00
CA GLU A 297 -28.77 23.92 13.75
C GLU A 297 -30.25 24.08 13.39
N ALA A 298 -30.58 23.93 12.10
CA ALA A 298 -31.97 24.03 11.66
C ALA A 298 -32.82 22.88 12.19
N MET A 299 -32.25 21.67 12.31
CA MET A 299 -33.04 20.59 12.89
C MET A 299 -33.22 20.74 14.38
N LYS A 300 -32.41 21.57 15.04
CA LYS A 300 -32.68 21.76 16.46
C LYS A 300 -34.02 22.45 16.68
N SER A 301 -34.56 23.13 15.67
CA SER A 301 -35.77 23.92 15.78
C SER A 301 -36.98 23.32 15.08
N SER A 302 -37.10 22.00 15.02
CA SER A 302 -38.29 21.45 14.39
C SER A 302 -38.54 20.04 14.90
N GLU A 303 -39.67 19.48 14.47
CA GLU A 303 -40.03 18.10 14.79
C GLU A 303 -40.21 17.35 13.48
N LEU A 304 -39.56 16.22 13.37
CA LEU A 304 -39.61 15.39 12.17
C LEU A 304 -40.78 14.42 12.27
N THR A 305 -41.72 14.52 11.33
CA THR A 305 -42.81 13.58 11.19
C THR A 305 -42.44 12.57 10.12
N LEU A 306 -42.52 11.30 10.48
CA LEU A 306 -42.02 10.24 9.62
C LEU A 306 -42.84 8.98 9.87
N GLU A 307 -43.19 8.26 8.79
CA GLU A 307 -44.15 7.16 8.86
C GLU A 307 -43.45 5.84 9.13
N MET A 308 -43.70 5.25 10.31
CA MET A 308 -43.07 4.01 10.73
C MET A 308 -44.14 2.98 11.07
N GLY A 309 -44.05 1.79 10.45
CA GLY A 309 -45.00 0.73 10.73
C GLY A 309 -46.43 1.10 10.39
N GLY A 310 -46.61 2.05 9.45
CA GLY A 310 -47.91 2.57 9.10
C GLY A 310 -48.34 3.80 9.87
N ILE A 311 -47.75 4.10 11.01
CA ILE A 311 -48.21 5.17 11.90
C ILE A 311 -47.26 6.35 11.75
N PRO A 312 -47.75 7.55 11.43
CA PRO A 312 -46.89 8.74 11.53
C PRO A 312 -46.44 8.95 12.97
N ARG A 313 -45.14 9.17 13.14
CA ARG A 313 -44.54 9.45 14.43
C ARG A 313 -43.81 10.78 14.36
N THR A 314 -43.58 11.37 15.52
CA THR A 314 -42.84 12.61 15.61
C THR A 314 -41.53 12.37 16.36
N PHE A 315 -40.46 13.04 15.91
CA PHE A 315 -39.13 12.93 16.47
C PHE A 315 -38.58 14.33 16.77
N LYS A 316 -38.07 14.50 17.99
CA LYS A 316 -37.27 15.66 18.38
C LYS A 316 -35.82 15.23 18.52
N PHE A 317 -34.90 16.13 18.18
CA PHE A 317 -33.49 15.78 18.18
C PHE A 317 -32.66 16.61 19.15
N ILE A 318 -31.76 15.92 19.87
CA ILE A 318 -30.77 16.53 20.73
C ILE A 318 -29.38 16.16 20.21
N PHE A 319 -28.62 17.16 19.75
CA PHE A 319 -27.29 16.94 19.17
C PHE A 319 -26.20 17.26 20.19
N ARG A 320 -25.37 16.26 20.49
CA ARG A 320 -24.28 16.39 21.44
C ARG A 320 -22.96 16.07 20.73
N GLY A 321 -22.21 17.12 20.40
CA GLY A 321 -20.94 16.93 19.74
C GLY A 321 -19.87 16.54 20.73
N THR A 322 -19.75 15.23 20.97
CA THR A 322 -18.86 14.72 21.99
C THR A 322 -17.71 13.93 21.40
N GLY A 323 -17.85 13.48 20.16
CA GLY A 323 -16.88 12.64 19.51
C GLY A 323 -15.80 13.48 18.90
N TYR A 324 -15.22 14.33 19.71
CA TYR A 324 -14.11 15.17 19.28
C TYR A 324 -12.99 14.94 20.26
N ASP A 325 -11.85 14.49 19.75
CA ASP A 325 -10.69 14.38 20.60
C ASP A 325 -10.17 15.79 20.92
N GLU A 326 -9.28 15.87 21.91
CA GLU A 326 -8.85 17.17 22.38
C GLU A 326 -8.44 18.08 21.22
N LYS A 327 -7.55 17.61 20.34
CA LYS A 327 -7.01 18.50 19.32
C LYS A 327 -8.10 19.06 18.42
N LEU A 328 -9.08 18.22 18.04
CA LEU A 328 -10.12 18.73 17.16
C LEU A 328 -11.07 19.65 17.91
N VAL A 329 -11.30 19.40 19.20
CA VAL A 329 -12.09 20.34 20.00
C VAL A 329 -11.43 21.71 20.01
N ARG A 330 -10.14 21.76 20.37
CA ARG A 330 -9.42 23.03 20.43
C ARG A 330 -9.37 23.74 19.08
N GLU A 331 -9.26 22.99 17.99
CA GLU A 331 -9.25 23.65 16.69
C GLU A 331 -10.61 24.26 16.37
N VAL A 332 -11.69 23.49 16.58
CA VAL A 332 -13.03 23.94 16.17
C VAL A 332 -13.76 24.76 17.23
N GLU A 333 -13.22 24.89 18.45
CA GLU A 333 -13.76 25.80 19.46
C GLU A 333 -12.85 26.99 19.71
N GLY A 334 -12.03 27.35 18.72
CA GLY A 334 -11.20 28.55 18.74
C GLY A 334 -10.16 28.69 19.82
N LEU A 335 -9.88 27.60 20.55
CA LEU A 335 -8.86 27.60 21.59
C LEU A 335 -7.47 27.45 20.97
N GLU A 336 -6.46 27.59 21.81
CA GLU A 336 -5.08 27.47 21.36
C GLU A 336 -4.66 26.00 21.23
N ALA A 337 -3.46 25.80 20.68
CA ALA A 337 -2.96 24.45 20.51
C ALA A 337 -2.68 23.85 21.89
N SER A 338 -2.55 22.51 21.93
CA SER A 338 -2.60 21.80 23.21
C SER A 338 -1.38 22.07 24.09
N GLY A 339 -0.29 22.60 23.50
CA GLY A 339 0.89 22.99 24.26
C GLY A 339 0.73 24.24 25.08
N SER A 340 -0.37 24.97 24.88
CA SER A 340 -0.53 26.24 25.57
C SER A 340 -0.62 26.01 27.08
N VAL A 341 -0.56 27.12 27.81
CA VAL A 341 -0.76 27.12 29.25
C VAL A 341 -2.22 26.94 29.63
N TYR A 342 -3.16 27.18 28.72
CA TYR A 342 -4.57 26.99 29.00
C TYR A 342 -4.89 25.53 28.67
N ILE A 343 -4.69 24.67 29.67
CA ILE A 343 -4.66 23.22 29.45
C ILE A 343 -6.06 22.64 29.35
N CYS A 344 -7.03 23.17 30.11
CA CYS A 344 -8.35 22.56 30.09
C CYS A 344 -9.16 23.18 28.96
N THR A 345 -9.84 22.33 28.21
CA THR A 345 -10.87 22.76 27.27
C THR A 345 -12.20 22.96 27.98
N LEU A 346 -12.26 22.64 29.29
CA LEU A 346 -13.46 22.80 30.12
C LEU A 346 -13.37 23.97 31.11
N CYS A 347 -12.19 24.52 31.34
CA CYS A 347 -12.04 25.57 32.33
C CYS A 347 -10.92 26.53 31.92
N ASP A 348 -10.83 27.63 32.66
CA ASP A 348 -9.95 28.76 32.38
C ASP A 348 -8.59 28.60 33.03
N THR A 349 -8.30 27.43 33.60
CA THR A 349 -7.11 27.29 34.41
C THR A 349 -5.87 27.36 33.54
N THR A 350 -4.74 27.61 34.20
CA THR A 350 -3.44 27.54 33.58
C THR A 350 -2.71 26.34 34.15
N ARG A 351 -1.70 25.84 33.42
CA ARG A 351 -0.95 24.69 33.89
C ARG A 351 -0.47 24.89 35.32
N LEU A 352 0.07 26.08 35.62
CA LEU A 352 0.54 26.38 36.96
C LEU A 352 -0.61 26.40 37.97
N GLU A 353 -1.70 27.07 37.63
CA GLU A 353 -2.84 27.10 38.55
C GLU A 353 -3.36 25.70 38.83
N ALA A 354 -3.56 24.90 37.77
CA ALA A 354 -4.11 23.56 37.95
C ALA A 354 -3.14 22.65 38.67
N SER A 355 -1.85 23.04 38.71
CA SER A 355 -0.89 22.29 39.52
C SER A 355 -0.87 22.74 40.97
N GLN A 356 -1.19 24.01 41.24
CA GLN A 356 -1.25 24.49 42.62
C GLN A 356 -2.61 24.24 43.25
N ASN A 357 -3.67 24.39 42.46
CA ASN A 357 -5.05 24.09 42.84
C ASN A 357 -5.45 22.78 42.16
N LEU A 358 -5.40 21.67 42.92
CA LEU A 358 -5.60 20.38 42.27
C LEU A 358 -7.06 20.14 41.92
N VAL A 359 -7.98 20.39 42.85
CA VAL A 359 -9.32 19.80 42.79
C VAL A 359 -10.39 20.81 42.42
N PHE A 360 -10.29 22.06 42.90
CA PHE A 360 -11.44 22.97 42.86
C PHE A 360 -11.46 23.77 41.57
N HIS A 361 -12.12 23.18 40.55
CA HIS A 361 -12.38 23.81 39.27
C HIS A 361 -13.75 23.33 38.80
N SER A 362 -14.50 24.24 38.19
CA SER A 362 -15.82 23.96 37.66
C SER A 362 -15.78 24.03 36.14
N ILE A 363 -16.75 23.39 35.50
CA ILE A 363 -16.86 23.47 34.05
C ILE A 363 -17.43 24.84 33.66
N THR A 364 -16.62 25.69 33.02
CA THR A 364 -17.05 27.05 32.70
C THR A 364 -17.06 27.40 31.22
N ARG A 365 -16.23 26.78 30.38
CA ARG A 365 -16.28 27.15 28.98
C ARG A 365 -17.55 26.61 28.34
N SER A 366 -17.97 27.29 27.29
CA SER A 366 -19.19 26.96 26.55
C SER A 366 -19.07 27.64 25.20
N HIS A 367 -19.74 27.07 24.20
CA HIS A 367 -19.58 27.59 22.85
C HIS A 367 -19.86 29.09 22.81
N ALA A 368 -20.85 29.54 23.59
CA ALA A 368 -21.20 30.96 23.59
C ALA A 368 -20.10 31.81 24.21
N GLU A 369 -19.60 31.42 25.38
CA GLU A 369 -18.51 32.17 25.98
C GLU A 369 -17.34 32.28 25.03
N ASN A 370 -17.03 31.20 24.33
CA ASN A 370 -15.88 31.19 23.43
C ASN A 370 -16.09 32.12 22.23
N LEU A 371 -17.29 32.07 21.62
CA LEU A 371 -17.60 33.02 20.55
C LEU A 371 -17.45 34.45 21.02
N GLN A 372 -17.97 34.73 22.21
CA GLN A 372 -17.82 36.05 22.81
C GLN A 372 -16.35 36.42 22.95
N ARG A 373 -15.55 35.51 23.50
CA ARG A 373 -14.15 35.83 23.75
C ARG A 373 -13.38 36.02 22.47
N TYR A 374 -13.74 35.30 21.41
CA TYR A 374 -13.13 35.66 20.12
C TYR A 374 -13.45 37.08 19.77
N GLU A 375 -14.71 37.49 19.98
CA GLU A 375 -15.01 38.88 19.66
C GLU A 375 -14.16 39.82 20.50
N VAL A 376 -13.96 39.47 21.77
CA VAL A 376 -13.10 40.25 22.66
C VAL A 376 -11.66 40.31 22.13
N TRP A 377 -11.12 39.17 21.71
CA TRP A 377 -9.78 39.15 21.13
C TRP A 377 -9.69 40.01 19.87
N ARG A 378 -10.66 39.87 18.97
CA ARG A 378 -10.60 40.53 17.68
C ARG A 378 -10.74 42.05 17.79
N SER A 379 -11.58 42.54 18.71
CA SER A 379 -11.81 43.98 18.80
C SER A 379 -10.95 44.68 19.84
N ASN A 380 -10.44 43.97 20.84
CA ASN A 380 -9.61 44.56 21.87
C ASN A 380 -10.24 45.80 22.51
N PRO A 381 -11.40 45.66 23.16
CA PRO A 381 -12.14 46.85 23.57
C PRO A 381 -11.53 47.57 24.75
N TYR A 382 -10.65 46.93 25.53
CA TYR A 382 -10.02 47.63 26.63
C TYR A 382 -8.58 48.02 26.33
N HIS A 383 -8.23 48.08 25.04
CA HIS A 383 -6.94 48.58 24.52
C HIS A 383 -5.77 48.01 25.33
N GLU A 384 -5.64 46.69 25.26
CA GLU A 384 -4.66 45.93 26.02
C GLU A 384 -3.48 45.49 25.17
N SER A 385 -2.37 45.22 25.85
CA SER A 385 -1.25 44.56 25.23
C SER A 385 -1.62 43.11 24.96
N VAL A 386 -0.83 42.46 24.10
CA VAL A 386 -1.22 41.14 23.65
C VAL A 386 -1.28 40.13 24.81
N GLU A 387 -0.32 40.18 25.74
CA GLU A 387 -0.37 39.27 26.89
C GLU A 387 -1.64 39.47 27.71
N GLU A 388 -1.92 40.72 28.07
CA GLU A 388 -3.09 41.00 28.89
C GLU A 388 -4.37 40.58 28.19
N LEU A 389 -4.45 40.83 26.88
CA LEU A 389 -5.61 40.43 26.10
C LEU A 389 -5.79 38.92 26.11
N ARG A 390 -4.73 38.18 25.82
CA ARG A 390 -4.80 36.73 25.87
C ARG A 390 -5.24 36.27 27.24
N ASP A 391 -4.72 36.91 28.28
CA ASP A 391 -5.18 36.65 29.64
C ASP A 391 -6.67 36.87 29.77
N ARG A 392 -7.20 37.93 29.12
CA ARG A 392 -8.61 38.26 29.25
C ARG A 392 -9.51 37.23 28.56
N VAL A 393 -9.12 36.80 27.37
CA VAL A 393 -9.94 35.86 26.59
C VAL A 393 -9.57 34.42 26.90
N LYS A 394 -8.65 34.21 27.85
CA LYS A 394 -8.19 32.89 28.29
C LYS A 394 -7.73 32.03 27.11
N GLY A 395 -7.01 32.66 26.19
CA GLY A 395 -6.46 31.94 25.08
C GLY A 395 -7.42 31.70 23.93
N VAL A 396 -8.67 32.14 24.03
CA VAL A 396 -9.56 31.97 22.90
C VAL A 396 -9.19 33.00 21.85
N SER A 397 -8.37 32.59 20.88
CA SER A 397 -7.75 33.52 19.95
C SER A 397 -8.19 33.30 18.51
N ALA A 398 -9.22 32.48 18.29
CA ALA A 398 -9.78 32.30 16.96
C ALA A 398 -11.26 32.05 17.11
N LYS A 399 -11.99 32.21 16.02
CA LYS A 399 -13.44 32.18 16.12
C LYS A 399 -13.91 30.73 16.12
N PRO A 400 -14.59 30.26 17.17
CA PRO A 400 -15.12 28.90 17.15
C PRO A 400 -16.13 28.73 16.03
N PHE A 401 -16.34 27.50 15.59
CA PHE A 401 -17.43 27.29 14.64
C PHE A 401 -18.18 25.98 14.82
N ILE A 402 -17.83 25.15 15.80
CA ILE A 402 -18.61 23.96 16.10
C ILE A 402 -18.79 23.91 17.61
N GLU A 403 -20.04 23.90 18.04
CA GLU A 403 -20.34 23.76 19.45
C GLU A 403 -20.16 22.30 19.83
N THR A 404 -19.19 22.02 20.69
CA THR A 404 -18.88 20.66 21.08
C THR A 404 -19.22 20.48 22.56
N VAL A 405 -19.33 19.21 22.95
CA VAL A 405 -19.40 18.84 24.35
C VAL A 405 -18.06 18.17 24.70
N PRO A 406 -17.04 18.96 25.03
CA PRO A 406 -15.71 18.38 25.25
C PRO A 406 -15.67 17.54 26.52
N SER A 407 -15.01 16.40 26.44
CA SER A 407 -15.03 15.43 27.53
C SER A 407 -13.64 14.87 27.83
N ILE A 408 -13.64 13.67 28.43
CA ILE A 408 -12.45 12.86 28.66
C ILE A 408 -12.90 11.40 28.57
N ASP A 409 -11.95 10.50 28.41
CA ASP A 409 -12.19 9.05 28.33
C ASP A 409 -11.42 8.34 29.45
N ALA A 410 -11.85 7.12 29.76
CA ALA A 410 -11.31 6.45 30.95
C ALA A 410 -9.80 6.27 30.86
N LEU A 411 -9.33 6.03 29.64
CA LEU A 411 -7.92 5.77 29.38
C LEU A 411 -7.05 6.86 30.00
N HIS A 412 -7.39 8.12 29.72
CA HIS A 412 -6.50 9.19 30.14
C HIS A 412 -6.52 9.40 31.64
N CYS A 413 -7.60 9.04 32.33
CA CYS A 413 -7.58 9.07 33.80
C CYS A 413 -6.55 8.07 34.32
N ASP A 414 -6.69 6.80 33.89
CA ASP A 414 -5.70 5.80 34.26
C ASP A 414 -4.29 6.26 33.91
N ILE A 415 -4.15 6.93 32.76
CA ILE A 415 -2.82 7.28 32.25
C ILE A 415 -2.18 8.38 33.08
N GLY A 416 -2.89 9.49 33.28
CA GLY A 416 -2.36 10.55 34.11
C GLY A 416 -1.99 10.05 35.48
N ASN A 417 -2.89 9.26 36.09
CA ASN A 417 -2.60 8.73 37.42
C ASN A 417 -1.33 7.87 37.41
N ALA A 418 -1.17 7.00 36.41
CA ALA A 418 0.02 6.15 36.34
C ALA A 418 1.28 6.98 36.16
N ALA A 419 1.26 7.96 35.26
CA ALA A 419 2.44 8.82 35.07
C ALA A 419 2.87 9.46 36.40
N GLU A 420 1.92 10.01 37.16
CA GLU A 420 2.31 10.62 38.42
C GLU A 420 2.83 9.59 39.41
N PHE A 421 2.16 8.44 39.51
CA PHE A 421 2.61 7.40 40.44
C PHE A 421 4.01 6.88 40.10
N TYR A 422 4.28 6.66 38.81
CA TYR A 422 5.61 6.23 38.38
C TYR A 422 6.67 7.25 38.74
N LYS A 423 6.39 8.53 38.53
CA LYS A 423 7.38 9.53 38.92
C LYS A 423 7.56 9.54 40.44
N ILE A 424 6.48 9.31 41.19
CA ILE A 424 6.59 9.22 42.64
C ILE A 424 7.45 8.04 43.04
N PHE A 425 7.30 6.90 42.36
CA PHE A 425 8.13 5.73 42.64
C PHE A 425 9.60 6.05 42.42
N GLN A 426 9.92 6.66 41.27
CA GLN A 426 11.29 7.08 41.01
C GLN A 426 11.82 7.88 42.19
N LEU A 427 11.05 8.90 42.60
CA LEU A 427 11.54 9.81 43.62
C LEU A 427 11.49 9.24 45.04
N GLU A 428 10.71 8.17 45.26
CA GLU A 428 10.68 7.46 46.53
C GLU A 428 11.83 6.47 46.67
N ILE A 429 12.39 6.02 45.55
CA ILE A 429 13.58 5.16 45.61
C ILE A 429 14.82 5.98 45.93
N GLY A 430 14.94 7.18 45.37
CA GLY A 430 16.06 8.03 45.72
C GLY A 430 15.94 8.84 47.00
N GLU A 431 14.88 8.63 47.79
CA GLU A 431 14.68 9.35 49.05
C GLU A 431 14.70 10.87 48.87
N VAL A 432 14.05 11.36 47.82
CA VAL A 432 14.01 12.81 47.61
C VAL A 432 13.36 13.52 48.79
N TYR A 433 12.41 12.84 49.47
CA TYR A 433 11.78 13.41 50.66
C TYR A 433 12.81 13.77 51.72
N LYS A 434 14.00 13.17 51.64
CA LYS A 434 15.14 13.40 52.53
C LYS A 434 16.26 14.17 51.85
N HIS A 435 16.49 13.94 50.55
CA HIS A 435 17.57 14.59 49.80
C HIS A 435 16.98 15.51 48.74
N PRO A 436 17.13 16.83 48.87
CA PRO A 436 16.45 17.75 47.93
C PRO A 436 17.04 17.75 46.54
N ASN A 437 18.36 17.64 46.42
CA ASN A 437 19.05 17.84 45.16
C ASN A 437 19.53 16.49 44.63
N ALA A 438 19.48 16.35 43.30
CA ALA A 438 19.99 15.17 42.63
C ALA A 438 20.39 15.52 41.21
N SER A 439 21.50 14.96 40.75
CA SER A 439 21.92 15.10 39.37
C SER A 439 21.07 14.22 38.46
N LYS A 440 21.15 14.49 37.16
CA LYS A 440 20.42 13.68 36.19
C LYS A 440 20.87 12.21 36.25
N GLU A 441 22.17 11.97 36.47
CA GLU A 441 22.65 10.59 36.60
C GLU A 441 21.96 9.84 37.73
N GLU A 442 21.80 10.50 38.88
CA GLU A 442 21.16 9.86 40.01
C GLU A 442 19.71 9.54 39.71
N ARG A 443 19.02 10.42 38.98
CA ARG A 443 17.64 10.16 38.63
C ARG A 443 17.53 9.02 37.62
N LYS A 444 18.41 8.99 36.62
CA LYS A 444 18.43 7.89 35.67
C LYS A 444 18.73 6.56 36.36
N ARG A 445 19.60 6.58 37.38
CA ARG A 445 19.89 5.34 38.10
C ARG A 445 18.70 4.91 38.98
N TRP A 446 17.96 5.87 39.54
CA TRP A 446 16.73 5.53 40.24
C TRP A 446 15.73 4.87 39.30
N GLN A 447 15.49 5.49 38.14
CA GLN A 447 14.56 4.91 37.18
C GLN A 447 15.03 3.54 36.72
N ALA A 448 16.33 3.37 36.48
CA ALA A 448 16.84 2.06 36.11
C ALA A 448 16.59 1.05 37.21
N THR A 449 16.83 1.43 38.47
CA THR A 449 16.56 0.53 39.58
C THR A 449 15.11 0.07 39.55
N LEU A 450 14.19 1.04 39.44
CA LEU A 450 12.77 0.74 39.48
C LEU A 450 12.34 -0.13 38.30
N ASP A 451 12.90 0.13 37.11
CA ASP A 451 12.56 -0.65 35.93
C ASP A 451 13.06 -2.09 36.06
N LYS A 452 14.31 -2.26 36.49
CA LYS A 452 14.85 -3.61 36.70
C LYS A 452 14.02 -4.38 37.71
N HIS A 453 13.66 -3.72 38.81
CA HIS A 453 12.92 -4.42 39.85
C HIS A 453 11.53 -4.80 39.38
N LEU A 454 10.87 -3.92 38.63
CA LEU A 454 9.56 -4.27 38.12
C LEU A 454 9.64 -5.40 37.10
N ARG A 455 10.64 -5.39 36.21
CA ARG A 455 10.84 -6.53 35.31
C ARG A 455 11.02 -7.82 36.09
N LYS A 456 11.84 -7.78 37.14
CA LYS A 456 12.18 -9.01 37.86
C LYS A 456 10.99 -9.51 38.65
N ARG A 457 10.39 -8.65 39.47
CA ARG A 457 9.39 -9.09 40.45
C ARG A 457 7.98 -9.08 39.90
N MET A 458 7.67 -8.25 38.92
CA MET A 458 6.33 -8.18 38.39
C MET A 458 6.23 -8.68 36.97
N ASN A 459 7.35 -8.92 36.31
CA ASN A 459 7.35 -9.25 34.88
C ASN A 459 6.65 -8.16 34.11
N LEU A 460 6.73 -6.93 34.61
CA LEU A 460 6.29 -5.80 33.83
C LEU A 460 7.45 -5.36 32.96
N LYS A 461 7.23 -5.32 31.66
CA LYS A 461 8.27 -4.79 30.79
C LYS A 461 8.41 -3.32 31.10
N PRO A 462 9.63 -2.78 31.14
CA PRO A 462 9.74 -1.33 31.21
C PRO A 462 9.37 -0.74 29.87
N ILE A 463 8.76 0.45 29.93
CA ILE A 463 8.28 1.14 28.75
C ILE A 463 8.88 2.53 28.74
N MET A 464 9.24 2.97 27.54
CA MET A 464 9.89 4.24 27.30
C MET A 464 8.88 5.33 26.96
N ARG A 465 7.64 4.94 26.66
CA ARG A 465 6.58 5.89 26.40
C ARG A 465 5.31 5.44 27.07
N MET A 466 4.55 6.40 27.60
CA MET A 466 3.34 6.04 28.31
C MET A 466 2.37 5.32 27.39
N ASN A 467 1.45 4.56 27.99
CA ASN A 467 0.48 3.83 27.18
C ASN A 467 -0.61 3.29 28.11
N GLY A 468 -1.70 2.80 27.50
CA GLY A 468 -2.85 2.35 28.26
C GLY A 468 -2.61 1.17 29.17
N ASN A 469 -2.21 0.03 28.60
CA ASN A 469 -2.17 -1.18 29.41
C ASN A 469 -1.06 -1.19 30.46
N PHE A 470 0.06 -0.49 30.21
CA PHE A 470 1.03 -0.24 31.29
C PHE A 470 0.36 0.44 32.47
N ALA A 471 -0.38 1.51 32.22
CA ALA A 471 -1.14 2.16 33.29
C ALA A 471 -2.07 1.18 33.98
N ARG A 472 -2.77 0.35 33.20
CA ARG A 472 -3.67 -0.64 33.78
C ARG A 472 -2.94 -1.58 34.72
N LYS A 473 -1.77 -2.05 34.32
CA LYS A 473 -1.05 -3.05 35.10
C LYS A 473 -0.27 -2.44 36.25
N LEU A 474 0.13 -1.18 36.16
CA LEU A 474 0.95 -0.61 37.21
C LEU A 474 0.12 -0.24 38.44
N MET A 475 -1.12 0.19 38.23
CA MET A 475 -2.01 0.66 39.30
C MET A 475 -2.68 -0.51 40.03
N THR A 476 -1.87 -1.22 40.82
CA THR A 476 -2.33 -2.27 41.70
C THR A 476 -1.67 -2.10 43.06
N GLN A 477 -2.30 -2.64 44.10
CA GLN A 477 -1.69 -2.59 45.42
C GLN A 477 -0.51 -3.54 45.51
N GLU A 478 -0.55 -4.63 44.72
CA GLU A 478 0.54 -5.59 44.66
C GLU A 478 1.83 -4.96 44.18
N THR A 479 1.75 -4.10 43.16
CA THR A 479 2.93 -3.40 42.69
C THR A 479 3.41 -2.38 43.73
N VAL A 480 2.49 -1.85 44.54
CA VAL A 480 2.90 -0.99 45.65
C VAL A 480 3.72 -1.78 46.65
N ASP A 481 3.27 -2.99 46.99
CA ASP A 481 4.06 -3.91 47.82
C ASP A 481 5.45 -4.13 47.24
N ALA A 482 5.49 -4.51 45.96
CA ALA A 482 6.76 -4.70 45.26
C ALA A 482 7.69 -3.50 45.40
N VAL A 483 7.18 -2.29 45.12
CA VAL A 483 8.02 -1.11 45.16
C VAL A 483 8.44 -0.77 46.59
N CYS A 484 7.59 -1.09 47.57
CA CYS A 484 7.97 -0.92 48.97
C CYS A 484 9.15 -1.80 49.35
N GLU A 485 9.28 -2.95 48.70
CA GLU A 485 10.46 -3.79 48.92
C GLU A 485 11.78 -3.05 48.68
N LEU A 486 11.75 -1.85 48.12
CA LEU A 486 12.97 -1.10 47.87
C LEU A 486 13.09 0.18 48.68
N ILE A 487 12.07 0.57 49.44
CA ILE A 487 12.04 1.84 50.15
C ILE A 487 12.31 1.59 51.62
N PRO A 488 13.26 2.28 52.23
CA PRO A 488 13.64 1.97 53.61
C PRO A 488 12.56 2.33 54.63
N SER A 489 12.09 3.56 54.62
CA SER A 489 11.22 4.05 55.68
C SER A 489 9.82 3.49 55.48
N GLU A 490 9.22 2.94 56.54
CA GLU A 490 7.89 2.39 56.40
C GLU A 490 6.77 3.43 56.53
N GLU A 491 7.06 4.63 57.05
CA GLU A 491 6.08 5.72 56.97
C GLU A 491 5.74 6.04 55.52
N ARG A 492 6.71 5.87 54.62
CA ARG A 492 6.47 6.10 53.21
C ARG A 492 5.81 4.90 52.55
N HIS A 493 5.96 3.71 53.12
CA HIS A 493 5.09 2.57 52.75
C HIS A 493 3.63 2.89 53.08
N GLU A 494 3.37 3.46 54.27
CA GLU A 494 2.02 3.88 54.63
C GLU A 494 1.50 4.94 53.66
N ALA A 495 2.35 5.92 53.34
CA ALA A 495 2.01 6.96 52.38
C ALA A 495 1.62 6.37 51.01
N LEU A 496 2.47 5.49 50.46
CA LEU A 496 2.19 4.91 49.14
C LEU A 496 0.96 4.00 49.14
N ARG A 497 0.78 3.20 50.20
CA ARG A 497 -0.39 2.33 50.26
C ARG A 497 -1.68 3.14 50.30
N GLU A 498 -1.70 4.23 51.08
CA GLU A 498 -2.89 5.08 51.14
C GLU A 498 -3.14 5.79 49.81
N LEU A 499 -2.10 6.40 49.22
CA LEU A 499 -2.26 7.06 47.92
C LEU A 499 -2.87 6.12 46.89
N MET A 500 -2.34 4.88 46.82
CA MET A 500 -2.87 3.89 45.87
C MET A 500 -4.25 3.39 46.25
N ASP A 501 -4.54 3.33 47.56
CA ASP A 501 -5.88 2.98 47.99
C ASP A 501 -6.91 4.01 47.50
N LEU A 502 -6.56 5.30 47.59
CA LEU A 502 -7.44 6.35 47.08
C LEU A 502 -7.61 6.23 45.58
N TYR A 503 -6.52 5.98 44.85
CA TYR A 503 -6.64 5.77 43.42
C TYR A 503 -7.65 4.66 43.12
N LEU A 504 -7.58 3.58 43.89
CA LEU A 504 -8.40 2.42 43.60
C LEU A 504 -9.87 2.65 44.00
N LYS A 505 -10.09 3.51 44.99
CA LYS A 505 -11.45 3.90 45.34
C LYS A 505 -12.06 4.78 44.25
N MET A 506 -11.25 5.66 43.64
CA MET A 506 -11.75 6.61 42.64
C MET A 506 -11.98 5.95 41.28
N LYS A 507 -11.05 5.10 40.83
CA LYS A 507 -11.08 4.47 39.50
C LYS A 507 -12.46 3.97 39.05
N PRO A 508 -13.23 3.23 39.89
CA PRO A 508 -14.53 2.73 39.41
C PRO A 508 -15.42 3.79 38.81
N VAL A 509 -15.36 5.03 39.31
CA VAL A 509 -16.21 6.09 38.79
C VAL A 509 -15.95 6.27 37.30
N TRP A 510 -14.69 6.52 36.93
CA TRP A 510 -14.40 6.85 35.54
C TRP A 510 -14.22 5.62 34.67
N ARG A 511 -14.28 4.42 35.23
CA ARG A 511 -14.20 3.31 34.31
C ARG A 511 -15.55 2.69 34.01
N SER A 512 -16.48 2.71 34.96
CA SER A 512 -17.73 1.99 34.78
C SER A 512 -18.56 2.58 33.64
N SER A 513 -19.53 1.77 33.17
CA SER A 513 -20.43 2.18 32.10
C SER A 513 -21.57 3.04 32.62
N CYS A 514 -22.05 2.78 33.84
CA CYS A 514 -23.07 3.61 34.49
C CYS A 514 -22.75 3.68 35.97
N PRO A 515 -21.86 4.60 36.36
CA PRO A 515 -21.48 4.72 37.78
C PRO A 515 -22.67 4.93 38.69
N ALA A 516 -23.71 5.64 38.22
CA ALA A 516 -24.91 5.85 39.03
C ALA A 516 -25.42 4.53 39.59
N LYS A 517 -25.54 3.53 38.72
CA LYS A 517 -26.03 2.24 39.15
C LYS A 517 -24.93 1.31 39.64
N GLU A 518 -23.73 1.37 39.06
CA GLU A 518 -22.77 0.29 39.28
C GLU A 518 -21.93 0.47 40.53
N CYS A 519 -21.68 1.71 40.94
CA CYS A 519 -20.93 1.98 42.18
C CYS A 519 -21.37 3.32 42.76
N PRO A 520 -22.62 3.41 43.23
CA PRO A 520 -23.11 4.68 43.77
C PRO A 520 -22.24 5.25 44.88
N GLU A 521 -21.65 4.39 45.74
CA GLU A 521 -20.88 4.92 46.87
C GLU A 521 -19.56 5.54 46.42
N SER A 522 -18.87 4.88 45.47
CA SER A 522 -17.66 5.48 44.91
C SER A 522 -17.97 6.82 44.25
N LEU A 523 -19.10 6.89 43.51
CA LEU A 523 -19.48 8.12 42.83
C LEU A 523 -19.75 9.24 43.82
N CYS A 524 -20.56 8.97 44.85
CA CYS A 524 -20.82 9.96 45.88
C CYS A 524 -19.53 10.41 46.56
N GLN A 525 -18.65 9.49 46.87
CA GLN A 525 -17.47 9.85 47.64
C GLN A 525 -16.31 10.34 46.76
N TYR A 526 -16.49 10.37 45.43
CA TYR A 526 -15.39 10.74 44.53
C TYR A 526 -14.80 12.10 44.90
N SER A 527 -15.65 13.09 45.13
CA SER A 527 -15.15 14.42 45.44
C SER A 527 -14.29 14.39 46.71
N PHE A 528 -14.74 13.65 47.73
CA PHE A 528 -14.00 13.54 48.99
C PHE A 528 -12.67 12.81 48.79
N ASN A 529 -12.70 11.74 48.00
CA ASN A 529 -11.50 10.94 47.78
C ASN A 529 -10.45 11.75 47.02
N SER A 530 -10.88 12.52 46.00
CA SER A 530 -9.93 13.34 45.25
C SER A 530 -9.40 14.48 46.11
N GLN A 531 -10.23 15.00 47.02
CA GLN A 531 -9.72 16.02 47.93
C GLN A 531 -8.62 15.44 48.82
N ARG A 532 -8.86 14.24 49.40
CA ARG A 532 -7.85 13.64 50.28
C ARG A 532 -6.60 13.24 49.50
N PHE A 533 -6.79 12.76 48.28
CA PHE A 533 -5.68 12.49 47.38
C PHE A 533 -4.81 13.73 47.22
N ALA A 534 -5.45 14.86 46.90
CA ALA A 534 -4.70 16.10 46.72
C ALA A 534 -4.01 16.52 48.01
N GLU A 535 -4.68 16.33 49.14
CA GLU A 535 -4.09 16.74 50.41
C GLU A 535 -2.89 15.88 50.75
N LEU A 536 -2.98 14.58 50.47
CA LEU A 536 -1.84 13.69 50.63
C LEU A 536 -0.68 14.11 49.74
N LEU A 537 -0.96 14.40 48.46
CA LEU A 537 0.12 14.85 47.58
C LEU A 537 0.74 16.14 48.06
N SER A 538 -0.07 17.03 48.63
CA SER A 538 0.43 18.34 49.05
C SER A 538 1.14 18.30 50.38
N THR A 539 0.87 17.30 51.21
CA THR A 539 1.51 17.19 52.51
C THR A 539 2.67 16.20 52.49
N LYS A 540 2.39 14.92 52.23
CA LYS A 540 3.42 13.89 52.34
C LYS A 540 4.15 13.58 51.03
N PHE A 541 3.98 14.42 49.98
CA PHE A 541 4.65 14.20 48.71
C PHE A 541 5.07 15.51 48.08
N LYS A 542 5.46 16.48 48.92
CA LYS A 542 5.78 17.84 48.48
C LYS A 542 6.73 17.89 47.28
N TYR A 543 7.59 16.88 47.14
CA TYR A 543 8.59 16.87 46.09
C TYR A 543 7.98 16.74 44.70
N ARG A 544 6.81 16.13 44.59
CA ARG A 544 6.20 15.89 43.27
C ARG A 544 5.35 17.06 42.84
N TYR A 545 5.88 18.28 43.06
CA TYR A 545 5.35 19.51 42.52
C TYR A 545 6.46 20.20 41.78
N GLU A 546 6.27 20.42 40.49
CA GLU A 546 7.22 21.15 39.68
C GLU A 546 6.52 22.21 38.84
N GLY A 547 5.27 22.50 39.15
CA GLY A 547 4.54 23.47 38.37
C GLY A 547 3.99 22.92 37.07
N LYS A 548 4.08 21.62 36.84
CA LYS A 548 3.54 21.01 35.64
C LYS A 548 2.44 20.04 36.03
N ILE A 549 1.51 19.81 35.11
CA ILE A 549 0.42 18.88 35.32
C ILE A 549 -0.19 18.58 33.96
N THR A 550 -0.76 17.40 33.82
CA THR A 550 -1.25 16.95 32.54
C THR A 550 -2.72 17.38 32.35
N ASN A 551 -3.14 17.48 31.10
CA ASN A 551 -4.56 17.68 30.84
C ASN A 551 -5.36 16.59 31.51
N TYR A 552 -4.87 15.37 31.39
CA TYR A 552 -5.62 14.22 31.85
C TYR A 552 -5.72 14.20 33.37
N PHE A 553 -4.63 14.54 34.07
CA PHE A 553 -4.69 14.53 35.52
C PHE A 553 -5.69 15.56 36.01
N HIS A 554 -5.56 16.79 35.51
CA HIS A 554 -6.44 17.86 35.90
C HIS A 554 -7.91 17.48 35.70
N LYS A 555 -8.24 16.99 34.49
CA LYS A 555 -9.60 16.52 34.23
C LYS A 555 -10.00 15.40 35.19
N THR A 556 -9.06 14.51 35.52
CA THR A 556 -9.42 13.38 36.38
C THR A 556 -9.67 13.82 37.82
N LEU A 557 -8.93 14.82 38.29
CA LEU A 557 -9.03 15.25 39.67
C LEU A 557 -10.09 16.31 39.91
N ALA A 558 -10.47 17.06 38.87
CA ALA A 558 -11.34 18.20 39.05
C ALA A 558 -12.68 18.12 38.34
N HIS A 559 -12.79 17.46 37.19
CA HIS A 559 -14.01 17.52 36.39
C HIS A 559 -14.74 16.20 36.28
N VAL A 560 -14.24 15.11 36.88
CA VAL A 560 -14.88 13.81 36.71
C VAL A 560 -16.30 13.80 37.24
N PRO A 561 -16.62 14.37 38.42
CA PRO A 561 -18.01 14.29 38.90
C PRO A 561 -18.96 15.06 38.01
N GLU A 562 -18.58 16.28 37.66
CA GLU A 562 -19.43 17.11 36.82
C GLU A 562 -19.61 16.49 35.44
N ILE A 563 -18.55 15.88 34.90
CA ILE A 563 -18.70 15.19 33.62
C ILE A 563 -19.66 14.01 33.76
N ILE A 564 -19.61 13.31 34.89
CA ILE A 564 -20.52 12.18 35.09
C ILE A 564 -21.94 12.70 35.16
N GLU A 565 -22.15 13.89 35.74
CA GLU A 565 -23.50 14.42 35.83
C GLU A 565 -23.97 15.05 34.52
N ARG A 566 -23.05 15.47 33.65
CA ARG A 566 -23.44 15.97 32.33
C ARG A 566 -23.76 14.83 31.36
N ASP A 567 -22.92 13.78 31.33
CA ASP A 567 -23.08 12.73 30.34
C ASP A 567 -23.57 11.41 30.92
N GLY A 568 -23.35 11.17 32.22
CA GLY A 568 -23.63 9.90 32.86
C GLY A 568 -22.47 8.93 32.92
N SER A 569 -21.44 9.11 32.10
CA SER A 569 -20.39 8.10 32.05
C SER A 569 -19.11 8.69 31.47
N ILE A 570 -18.00 8.05 31.82
CA ILE A 570 -16.71 8.31 31.21
C ILE A 570 -16.26 7.13 30.33
N GLY A 571 -16.44 5.89 30.80
CA GLY A 571 -15.90 4.72 30.11
C GLY A 571 -16.45 4.47 28.72
N GLN A 579 -8.47 3.45 16.02
CA GLN A 579 -7.30 2.99 15.31
C GLN A 579 -7.68 1.95 14.25
N SER A 580 -8.95 2.00 13.85
CA SER A 580 -9.55 1.00 12.97
C SER A 580 -10.25 1.69 11.82
N GLY A 581 -10.69 2.92 12.04
CA GLY A 581 -11.44 3.61 11.01
C GLY A 581 -10.65 3.77 9.74
N ASN A 582 -9.34 4.03 9.88
CA ASN A 582 -8.48 4.12 8.70
C ASN A 582 -8.49 2.83 7.91
N LYS A 583 -8.39 1.68 8.59
CA LYS A 583 -8.45 0.40 7.89
C LYS A 583 -9.77 0.22 7.13
N LEU A 584 -10.89 0.59 7.74
CA LEU A 584 -12.17 0.51 7.06
C LEU A 584 -12.19 1.36 5.80
N PHE A 585 -11.75 2.61 5.94
CA PHE A 585 -11.74 3.52 4.81
C PHE A 585 -10.86 2.97 3.69
N ARG A 586 -9.63 2.56 4.02
CA ARG A 586 -8.69 2.06 3.01
C ARG A 586 -9.20 0.80 2.33
N ARG A 587 -9.75 -0.13 3.10
CA ARG A 587 -10.27 -1.36 2.54
C ARG A 587 -11.36 -1.08 1.53
N PHE A 588 -12.29 -0.19 1.89
CA PHE A 588 -13.34 0.13 0.92
C PHE A 588 -12.76 0.81 -0.30
N ARG A 589 -11.76 1.66 -0.10
CA ARG A 589 -11.17 2.36 -1.22
C ARG A 589 -10.54 1.39 -2.21
N LYS A 590 -9.87 0.37 -1.70
CA LYS A 590 -9.18 -0.58 -2.56
C LYS A 590 -10.12 -1.59 -3.23
N MET A 591 -11.07 -2.14 -2.48
CA MET A 591 -11.75 -3.37 -2.87
C MET A 591 -13.20 -3.16 -3.27
N ASN A 592 -13.71 -1.96 -3.15
CA ASN A 592 -15.13 -1.77 -3.42
C ASN A 592 -15.40 -0.41 -4.05
N ALA A 593 -14.41 0.19 -4.72
CA ALA A 593 -14.53 1.57 -5.18
C ALA A 593 -14.08 1.74 -6.61
N ARG A 594 -14.87 2.46 -7.42
CA ARG A 594 -14.46 2.76 -8.79
C ARG A 594 -13.19 3.58 -8.73
N GLN A 595 -12.27 3.31 -9.66
CA GLN A 595 -10.95 3.95 -9.60
C GLN A 595 -10.99 5.24 -10.41
N SER A 596 -11.71 6.23 -9.86
CA SER A 596 -11.88 7.58 -10.41
C SER A 596 -12.16 8.56 -9.28
N LYS A 597 -11.59 9.77 -9.35
CA LYS A 597 -11.46 10.58 -8.13
C LYS A 597 -12.79 11.08 -7.58
N CYS A 598 -13.81 11.28 -8.42
CA CYS A 598 -15.10 11.77 -7.90
C CYS A 598 -16.09 10.64 -7.61
N TYR A 599 -15.92 9.46 -8.20
CA TYR A 599 -16.82 8.37 -7.82
C TYR A 599 -16.28 7.52 -6.68
N GLU A 600 -14.96 7.43 -6.51
CA GLU A 600 -14.46 6.53 -5.48
C GLU A 600 -14.95 6.98 -4.12
N MET A 601 -15.02 8.31 -3.92
CA MET A 601 -15.44 8.82 -2.63
C MET A 601 -16.89 8.47 -2.33
N GLU A 602 -17.80 8.66 -3.29
CA GLU A 602 -19.19 8.31 -3.00
C GLU A 602 -19.39 6.80 -2.91
N ASP A 603 -18.59 6.02 -3.62
CA ASP A 603 -18.65 4.57 -3.51
C ASP A 603 -18.24 4.11 -2.12
N VAL A 604 -17.19 4.74 -1.58
CA VAL A 604 -16.75 4.46 -0.22
C VAL A 604 -17.79 4.89 0.79
N LEU A 605 -18.40 6.07 0.59
CA LEU A 605 -19.43 6.56 1.50
C LEU A 605 -20.64 5.63 1.53
N LYS A 606 -21.10 5.25 0.35
CA LYS A 606 -22.23 4.35 0.24
C LYS A 606 -21.92 3.03 0.93
N HIS A 607 -20.72 2.47 0.70
CA HIS A 607 -20.36 1.20 1.34
C HIS A 607 -20.24 1.33 2.85
N HIS A 608 -19.75 2.48 3.33
CA HIS A 608 -19.62 2.68 4.77
C HIS A 608 -20.99 2.75 5.44
N TRP A 609 -21.92 3.51 4.84
CA TRP A 609 -23.29 3.55 5.33
C TRP A 609 -23.91 2.16 5.38
N LEU A 610 -23.76 1.38 4.29
CA LEU A 610 -24.27 0.01 4.31
C LEU A 610 -23.63 -0.83 5.41
N TYR A 611 -22.32 -0.64 5.65
CA TYR A 611 -21.65 -1.41 6.71
C TYR A 611 -22.24 -1.11 8.08
N THR A 612 -22.74 0.11 8.26
CA THR A 612 -23.21 0.57 9.56
C THR A 612 -24.70 0.34 9.81
N SER A 613 -25.43 -0.28 8.90
CA SER A 613 -26.88 -0.40 9.06
C SER A 613 -27.23 -1.59 9.95
N LYS A 614 -28.00 -1.34 11.01
CA LYS A 614 -28.36 -2.38 11.97
C LYS A 614 -29.22 -3.48 11.34
N TYR A 615 -30.01 -3.13 10.34
CA TYR A 615 -30.87 -4.11 9.68
C TYR A 615 -30.05 -5.24 9.07
N LEU A 616 -28.86 -4.96 8.57
CA LEU A 616 -28.02 -5.99 8.00
C LEU A 616 -27.15 -6.68 9.07
N GLN A 617 -26.72 -5.93 10.08
CA GLN A 617 -26.00 -6.59 11.17
C GLN A 617 -26.87 -7.65 11.83
N LYS A 618 -28.18 -7.41 11.83
CA LYS A 618 -29.11 -8.37 12.40
C LYS A 618 -29.08 -9.67 11.59
N PHE A 619 -29.05 -9.59 10.26
CA PHE A 619 -28.90 -10.81 9.50
C PHE A 619 -27.56 -11.45 9.77
N MET A 620 -26.54 -10.67 10.10
CA MET A 620 -25.26 -11.32 10.37
C MET A 620 -25.17 -11.86 11.80
N ASN A 621 -26.21 -11.64 12.62
CA ASN A 621 -26.35 -12.27 13.94
C ASN A 621 -27.50 -13.26 13.99
N ALA A 622 -27.80 -13.93 12.88
CA ALA A 622 -28.98 -14.78 12.81
C ALA A 622 -28.87 -15.99 13.73
N HIS A 623 -27.69 -16.62 13.78
CA HIS A 623 -27.46 -17.79 14.62
C HIS A 623 -27.68 -17.55 16.14
N ASN A 624 -27.88 -16.30 16.58
CA ASN A 624 -28.22 -16.04 18.00
C ASN A 624 -29.71 -15.88 18.26
N MET B 1 12.41 44.00 -17.30
CA MET B 1 11.64 43.14 -16.42
C MET B 1 12.37 41.81 -16.14
N SER B 2 13.01 41.72 -14.97
CA SER B 2 13.87 40.60 -14.61
C SER B 2 13.20 39.69 -13.58
N LEU B 3 13.16 38.39 -13.90
CA LEU B 3 12.57 37.35 -13.06
C LEU B 3 13.65 36.67 -12.22
N GLN B 4 13.34 36.46 -10.93
CA GLN B 4 14.31 35.88 -10.00
C GLN B 4 13.59 34.98 -9.01
N MET B 5 14.01 33.71 -8.91
CA MET B 5 13.44 32.77 -7.95
C MET B 5 13.83 33.17 -6.52
N VAL B 6 13.00 32.79 -5.55
CA VAL B 6 13.22 33.17 -4.15
C VAL B 6 13.09 31.94 -3.25
N THR B 7 14.02 31.81 -2.30
CA THR B 7 13.86 30.81 -1.26
C THR B 7 13.12 31.42 -0.07
N VAL B 8 12.57 30.55 0.77
CA VAL B 8 11.71 30.98 1.87
C VAL B 8 12.15 30.31 3.17
N GLY B 9 11.86 30.99 4.28
CA GLY B 9 12.24 30.53 5.60
C GLY B 9 11.36 29.40 6.09
N HIS B 10 11.43 29.12 7.38
CA HIS B 10 10.74 27.94 7.94
C HIS B 10 9.23 28.05 7.79
N ASN B 11 8.68 29.25 7.89
CA ASN B 11 7.23 29.42 7.90
C ASN B 11 6.68 29.67 6.50
N ILE B 12 7.14 28.92 5.51
CA ILE B 12 6.67 29.13 4.14
C ILE B 12 5.18 28.85 4.02
N ALA B 13 4.64 27.99 4.89
CA ALA B 13 3.26 27.53 4.75
C ALA B 13 2.24 28.64 4.88
N LEU B 14 2.58 29.74 5.59
CA LEU B 14 1.67 30.88 5.77
C LEU B 14 1.20 31.48 4.44
N ILE B 15 2.02 31.40 3.40
CA ILE B 15 1.74 32.07 2.13
C ILE B 15 0.71 31.24 1.37
N GLN B 16 -0.41 31.86 1.06
CA GLN B 16 -1.53 31.22 0.37
C GLN B 16 -2.07 32.19 -0.67
N PRO B 17 -2.76 31.70 -1.69
CA PRO B 17 -3.40 32.60 -2.64
C PRO B 17 -4.42 33.49 -1.96
N GLY B 18 -4.50 34.76 -2.39
CA GLY B 18 -5.35 35.74 -1.75
C GLY B 18 -4.69 36.56 -0.66
N PHE B 19 -3.40 36.34 -0.43
CA PHE B 19 -2.67 37.12 0.53
C PHE B 19 -2.51 38.54 0.03
N SER B 20 -2.03 39.40 0.91
CA SER B 20 -1.84 40.81 0.60
C SER B 20 -0.45 41.26 1.05
N LEU B 21 0.12 42.20 0.30
CA LEU B 21 1.38 42.84 0.67
C LEU B 21 1.15 44.33 0.81
N MET B 22 1.76 44.91 1.84
CA MET B 22 1.66 46.36 2.03
C MET B 22 3.04 46.95 2.21
N ASN B 23 3.23 48.15 1.70
CA ASN B 23 4.50 48.83 1.71
C ASN B 23 4.39 50.06 2.59
N PHE B 24 5.24 50.13 3.63
CA PHE B 24 5.35 51.29 4.52
C PHE B 24 6.81 51.74 4.48
N ASP B 25 7.05 52.87 3.79
CA ASP B 25 8.35 53.54 3.75
C ASP B 25 9.44 52.62 3.22
N GLY B 26 9.10 51.89 2.15
CA GLY B 26 10.01 50.94 1.55
C GLY B 26 9.98 49.54 2.15
N GLN B 27 9.61 49.42 3.44
CA GLN B 27 9.54 48.10 4.05
C GLN B 27 8.23 47.41 3.68
N VAL B 28 8.34 46.16 3.22
CA VAL B 28 7.18 45.37 2.82
C VAL B 28 6.74 44.45 3.95
N PHE B 29 5.43 44.27 4.06
CA PHE B 29 4.80 43.42 5.05
C PHE B 29 3.80 42.51 4.35
N PHE B 30 3.46 41.44 5.04
CA PHE B 30 2.65 40.35 4.53
C PHE B 30 1.44 40.18 5.45
N PHE B 31 0.28 39.95 4.85
CA PHE B 31 -0.97 39.81 5.59
C PHE B 31 -1.88 38.78 4.92
N GLY B 32 -2.62 38.03 5.73
CA GLY B 32 -3.52 37.03 5.22
C GLY B 32 -2.88 35.66 5.29
N GLN B 33 -2.36 35.27 6.44
CA GLN B 33 -1.71 33.96 6.56
C GLN B 33 -2.73 32.82 6.43
N LYS B 34 -2.23 31.62 6.13
CA LYS B 34 -3.08 30.43 6.15
C LYS B 34 -3.30 29.98 7.60
N GLY B 35 -4.52 29.54 7.88
CA GLY B 35 -4.90 29.20 9.24
C GLY B 35 -5.01 30.42 10.11
N TRP B 36 -5.56 30.27 11.32
CA TRP B 36 -5.62 31.38 12.25
C TRP B 36 -4.24 31.63 12.83
N PRO B 37 -3.97 32.84 13.30
CA PRO B 37 -2.64 33.14 13.84
C PRO B 37 -2.23 32.14 14.91
N LYS B 38 -0.94 31.87 14.98
CA LYS B 38 -0.40 30.98 15.99
C LYS B 38 0.36 31.77 17.05
N ARG B 39 0.64 31.13 18.18
CA ARG B 39 1.33 31.81 19.27
C ARG B 39 2.70 32.32 18.86
N SER B 40 3.26 31.78 17.79
CA SER B 40 4.50 32.31 17.24
C SER B 40 4.29 33.72 16.68
N CYS B 41 3.09 34.05 16.16
CA CYS B 41 2.76 35.40 15.69
C CYS B 41 1.25 35.64 15.85
N PRO B 42 0.83 36.26 16.96
CA PRO B 42 -0.61 36.42 17.21
C PRO B 42 -1.31 37.35 16.24
N THR B 43 -0.58 38.29 15.64
CA THR B 43 -1.17 39.32 14.78
C THR B 43 -1.53 38.81 13.40
N GLY B 44 -0.76 37.87 12.85
CA GLY B 44 -0.93 37.45 11.46
C GLY B 44 -0.31 38.37 10.44
N VAL B 45 0.47 39.36 10.87
CA VAL B 45 1.15 40.32 10.01
C VAL B 45 2.65 40.16 10.16
N PHE B 46 3.36 40.12 9.03
CA PHE B 46 4.76 39.73 9.07
C PHE B 46 5.63 40.68 8.26
N HIS B 47 6.76 41.08 8.84
CA HIS B 47 7.81 41.69 8.04
CA HIS B 47 7.84 41.68 8.06
C HIS B 47 8.22 40.73 6.93
N PHE B 48 8.10 41.20 5.70
CA PHE B 48 8.31 40.42 4.49
C PHE B 48 9.59 40.97 3.88
N ASP B 49 10.73 40.35 4.20
CA ASP B 49 12.02 40.89 3.76
C ASP B 49 12.76 39.85 2.93
N ILE B 50 13.07 40.21 1.69
CA ILE B 50 13.81 39.36 0.76
C ILE B 50 15.24 39.88 0.74
N LYS B 51 16.17 39.09 1.26
CA LYS B 51 17.58 39.43 1.29
C LYS B 51 18.34 38.39 0.49
N GLN B 52 18.99 38.85 -0.58
CA GLN B 52 19.77 38.01 -1.49
C GLN B 52 18.97 36.79 -1.97
N ASN B 53 17.76 37.08 -2.46
CA ASN B 53 16.84 36.09 -3.00
C ASN B 53 16.41 35.05 -1.97
N HIS B 54 16.51 35.40 -0.68
CA HIS B 54 15.95 34.58 0.40
C HIS B 54 14.90 35.36 1.16
N LEU B 55 13.70 34.79 1.30
CA LEU B 55 12.58 35.48 1.91
C LEU B 55 12.43 35.06 3.36
N LYS B 56 12.46 36.03 4.26
CA LYS B 56 12.17 35.80 5.66
C LYS B 56 10.88 36.51 6.02
N LEU B 57 9.99 35.78 6.69
CA LEU B 57 8.79 36.33 7.31
C LEU B 57 9.05 36.39 8.81
N LYS B 58 9.07 37.61 9.35
CA LYS B 58 9.32 37.82 10.77
C LYS B 58 8.10 38.47 11.42
N PRO B 59 7.65 38.01 12.58
CA PRO B 59 6.41 38.55 13.15
C PRO B 59 6.57 40.00 13.58
N ALA B 60 5.53 40.81 13.33
CA ALA B 60 5.42 42.18 13.81
C ALA B 60 4.33 42.27 14.86
N ILE B 61 4.42 43.28 15.74
CA ILE B 61 3.49 43.40 16.86
C ILE B 61 2.56 44.58 16.65
N PHE B 62 1.38 44.51 17.26
CA PHE B 62 0.37 45.55 17.18
C PHE B 62 0.52 46.48 18.39
N SER B 63 -0.10 47.65 18.29
CA SER B 63 -0.10 48.59 19.40
C SER B 63 -1.17 48.21 20.41
N LYS B 64 -1.15 48.87 21.57
CA LYS B 64 -2.11 48.52 22.61
C LYS B 64 -3.54 48.80 22.16
N ASP B 65 -3.75 49.83 21.34
CA ASP B 65 -5.08 50.24 20.90
C ASP B 65 -5.55 49.59 19.57
N SER B 66 -4.99 48.45 19.17
CA SER B 66 -5.30 47.84 17.87
C SER B 66 -6.44 46.85 17.96
N CYS B 67 -7.14 46.67 16.85
CA CYS B 67 -7.96 45.47 16.63
C CYS B 67 -7.08 44.34 16.16
N TYR B 68 -7.46 43.11 16.50
CA TYR B 68 -6.68 41.94 16.06
C TYR B 68 -7.46 41.26 14.94
N LEU B 69 -7.30 41.84 13.75
CA LEU B 69 -8.10 41.44 12.62
C LEU B 69 -7.83 39.99 12.26
N PRO B 70 -8.85 39.28 11.77
CA PRO B 70 -8.61 37.93 11.28
C PRO B 70 -7.87 37.99 9.96
N PRO B 71 -7.04 37.00 9.66
CA PRO B 71 -6.42 36.96 8.34
C PRO B 71 -7.50 36.86 7.27
N LEU B 72 -7.31 37.59 6.17
CA LEU B 72 -8.34 37.71 5.15
C LEU B 72 -7.79 37.36 3.77
N ARG B 73 -8.53 36.51 3.06
CA ARG B 73 -8.17 36.07 1.73
C ARG B 73 -9.04 36.82 0.74
N TYR B 74 -8.43 37.34 -0.33
CA TYR B 74 -9.02 38.15 -1.39
C TYR B 74 -9.81 39.34 -0.85
N PRO B 75 -9.30 40.08 0.14
CA PRO B 75 -10.00 41.27 0.59
C PRO B 75 -9.67 42.44 -0.33
N ALA B 76 -10.42 43.52 -0.14
CA ALA B 76 -10.19 44.79 -0.83
C ALA B 76 -9.14 45.63 -0.10
N THR B 77 -8.06 45.96 -0.79
CA THR B 77 -6.95 46.70 -0.20
C THR B 77 -6.63 47.94 -1.03
N CYS B 78 -6.27 49.03 -0.33
CA CYS B 78 -5.85 50.26 -1.01
C CYS B 78 -4.98 51.11 -0.09
N SER B 79 -4.28 52.08 -0.69
CA SER B 79 -3.38 52.97 0.01
C SER B 79 -3.98 54.38 0.16
N TYR B 80 -3.81 54.97 1.35
CA TYR B 80 -4.38 56.26 1.75
C TYR B 80 -3.24 57.15 2.22
N LYS B 81 -3.20 58.39 1.75
CA LYS B 81 -2.15 59.34 2.17
C LYS B 81 -2.56 60.26 3.32
N LYS B 88 1.19 59.87 8.43
CA LYS B 88 -0.22 59.88 8.07
C LYS B 88 -0.52 58.98 6.88
N HIS B 89 0.40 58.06 6.57
CA HIS B 89 0.20 57.08 5.49
C HIS B 89 -0.37 55.79 6.05
N GLN B 90 -1.46 55.31 5.44
CA GLN B 90 -2.14 54.15 5.99
C GLN B 90 -2.74 53.31 4.87
N TYR B 91 -3.22 52.12 5.27
CA TYR B 91 -3.77 51.10 4.39
C TYR B 91 -5.18 50.74 4.80
N ILE B 92 -6.06 50.55 3.82
CA ILE B 92 -7.45 50.17 4.06
C ILE B 92 -7.68 48.73 3.59
N ILE B 93 -8.25 47.91 4.47
CA ILE B 93 -8.66 46.56 4.18
C ILE B 93 -10.17 46.48 4.43
N HIS B 94 -10.92 46.04 3.42
CA HIS B 94 -12.36 45.82 3.54
C HIS B 94 -12.70 44.44 3.00
N GLY B 95 -13.43 43.67 3.81
CA GLY B 95 -13.95 42.40 3.34
C GLY B 95 -12.95 41.27 3.44
N GLY B 96 -13.11 40.30 2.55
CA GLY B 96 -12.26 39.13 2.49
C GLY B 96 -12.89 37.91 3.13
N LYS B 97 -12.19 36.78 2.98
CA LYS B 97 -12.59 35.52 3.57
C LYS B 97 -11.78 35.30 4.85
N THR B 98 -12.48 34.90 5.93
CA THR B 98 -11.79 34.54 7.14
C THR B 98 -11.46 33.05 7.06
N PRO B 99 -10.57 32.60 7.88
CA PRO B 99 -10.28 31.16 7.90
C PRO B 99 -11.52 30.30 8.09
N ASN B 100 -12.58 30.83 8.69
CA ASN B 100 -13.78 30.01 8.84
C ASN B 100 -14.66 30.04 7.59
N ASN B 101 -14.15 30.58 6.48
CA ASN B 101 -14.86 30.74 5.20
C ASN B 101 -16.00 31.73 5.28
N GLU B 102 -16.09 32.50 6.38
CA GLU B 102 -17.02 33.61 6.50
C GLU B 102 -16.49 34.83 5.76
N LEU B 103 -17.42 35.64 5.29
CA LEU B 103 -17.08 36.91 4.68
C LEU B 103 -17.28 38.04 5.68
N SER B 104 -16.31 38.95 5.71
CA SER B 104 -16.35 40.13 6.59
C SER B 104 -16.92 41.32 5.83
N ASP B 105 -17.79 42.07 6.53
CA ASP B 105 -18.23 43.40 6.11
C ASP B 105 -17.43 44.49 6.79
N LYS B 106 -16.53 44.11 7.70
CA LYS B 106 -15.77 45.05 8.50
C LYS B 106 -14.73 45.73 7.64
N ILE B 107 -14.29 46.90 8.08
CA ILE B 107 -13.20 47.59 7.43
C ILE B 107 -12.16 47.95 8.47
N TYR B 108 -10.90 47.67 8.17
CA TYR B 108 -9.78 47.87 9.06
C TYR B 108 -8.79 48.83 8.41
N ILE B 109 -8.12 49.62 9.25
CA ILE B 109 -7.16 50.63 8.85
C ILE B 109 -5.82 50.33 9.51
N MET B 110 -4.76 50.27 8.70
CA MET B 110 -3.42 49.88 9.12
C MET B 110 -2.49 51.08 9.03
N SER B 111 -1.79 51.40 10.12
CA SER B 111 -0.81 52.48 10.07
C SER B 111 0.35 52.16 11.01
N VAL B 112 1.50 52.81 10.77
CA VAL B 112 2.69 52.59 11.60
C VAL B 112 2.56 53.38 12.89
N ALA B 113 2.47 52.69 14.03
CA ALA B 113 2.27 53.38 15.31
C ALA B 113 3.58 53.81 15.98
N CYS B 114 4.62 52.99 15.87
CA CYS B 114 5.93 53.25 16.46
C CYS B 114 6.95 52.47 15.64
N LYS B 115 8.14 53.02 15.46
CA LYS B 115 9.17 52.31 14.69
C LYS B 115 10.41 52.20 15.55
N ASN B 116 10.74 50.99 16.00
CA ASN B 116 11.91 50.76 16.83
C ASN B 116 12.84 49.84 16.06
N ASN B 117 13.93 50.40 15.55
CA ASN B 117 14.97 49.64 14.87
C ASN B 117 14.39 48.66 13.86
N LYS B 118 13.53 49.16 12.98
CA LYS B 118 12.95 48.39 11.88
C LYS B 118 12.22 47.14 12.35
N LYS B 119 11.87 47.06 13.64
CA LYS B 119 10.90 46.09 14.16
C LYS B 119 9.68 46.92 14.55
N VAL B 120 8.73 46.99 13.64
CA VAL B 120 7.70 48.01 13.63
C VAL B 120 6.48 47.55 14.43
N THR B 121 5.90 48.48 15.17
CA THR B 121 4.60 48.29 15.78
C THR B 121 3.52 48.92 14.89
N PHE B 122 2.43 48.21 14.67
CA PHE B 122 1.31 48.68 13.86
C PHE B 122 0.14 49.08 14.73
N ARG B 123 -0.70 49.96 14.16
CA ARG B 123 -2.03 50.25 14.66
C ARG B 123 -3.03 49.71 13.65
N CYS B 124 -3.89 48.78 14.08
CA CYS B 124 -4.96 48.26 13.25
C CYS B 124 -6.28 48.61 13.92
N THR B 125 -7.01 49.54 13.32
CA THR B 125 -8.25 50.03 13.88
C THR B 125 -9.44 49.69 12.99
N GLU B 126 -10.49 49.15 13.58
CA GLU B 126 -11.70 48.86 12.83
C GLU B 126 -12.54 50.12 12.75
N LYS B 127 -13.00 50.44 11.55
CA LYS B 127 -13.86 51.59 11.31
C LYS B 127 -15.28 51.08 11.12
N ASP B 128 -16.20 51.58 11.92
CA ASP B 128 -17.57 51.17 11.75
C ASP B 128 -18.14 51.85 10.52
N LEU B 129 -19.13 51.21 9.89
CA LEU B 129 -19.73 51.72 8.67
C LEU B 129 -21.25 51.74 8.82
N VAL B 130 -21.87 52.86 8.45
CA VAL B 130 -23.32 53.02 8.51
C VAL B 130 -23.83 53.59 7.20
N GLY B 131 -25.11 53.37 6.94
CA GLY B 131 -25.75 53.84 5.74
C GLY B 131 -26.10 52.78 4.72
N ASP B 132 -25.51 52.90 3.54
CA ASP B 132 -25.61 51.85 2.54
C ASP B 132 -24.35 51.01 2.67
N VAL B 133 -24.32 50.17 3.71
CA VAL B 133 -23.13 49.34 3.92
C VAL B 133 -23.07 48.28 2.83
N PRO B 134 -21.91 48.06 2.24
CA PRO B 134 -21.80 47.01 1.22
C PRO B 134 -21.89 45.64 1.86
N GLU B 135 -22.63 44.74 1.21
CA GLU B 135 -22.72 43.37 1.70
C GLU B 135 -21.33 42.76 1.75
N PRO B 136 -21.10 41.82 2.66
CA PRO B 136 -19.77 41.21 2.77
C PRO B 136 -19.37 40.57 1.45
N ARG B 137 -18.11 40.77 1.06
CA ARG B 137 -17.65 40.49 -0.28
C ARG B 137 -16.21 39.99 -0.23
N TYR B 138 -15.79 39.31 -1.29
CA TYR B 138 -14.37 39.12 -1.52
C TYR B 138 -14.05 39.37 -2.99
N GLY B 139 -12.79 39.67 -3.26
CA GLY B 139 -12.32 39.93 -4.61
C GLY B 139 -12.81 41.21 -5.26
N HIS B 140 -12.95 42.28 -4.47
CA HIS B 140 -13.57 43.52 -4.92
C HIS B 140 -12.57 44.67 -4.76
N SER B 141 -12.87 45.79 -5.42
CA SER B 141 -11.91 46.89 -5.51
C SER B 141 -12.35 48.08 -4.65
N ILE B 142 -11.37 48.70 -4.00
CA ILE B 142 -11.58 49.92 -3.25
C ILE B 142 -10.35 50.79 -3.51
N ASP B 143 -10.57 52.08 -3.79
CA ASP B 143 -9.49 53.03 -4.05
C ASP B 143 -9.92 54.40 -3.56
N VAL B 144 -8.95 55.27 -3.29
CA VAL B 144 -9.25 56.56 -2.70
C VAL B 144 -9.16 57.65 -3.77
N VAL B 145 -10.21 58.45 -3.85
CA VAL B 145 -10.29 59.56 -4.79
C VAL B 145 -10.23 60.86 -4.03
N TYR B 146 -9.66 61.87 -4.67
CA TYR B 146 -9.61 63.22 -4.16
C TYR B 146 -10.29 64.06 -5.20
N SER B 147 -11.38 64.70 -4.80
CA SER B 147 -12.11 65.60 -5.67
C SER B 147 -12.29 66.90 -4.90
N ARG B 148 -11.73 67.98 -5.45
CA ARG B 148 -11.75 69.29 -4.81
C ARG B 148 -11.50 69.20 -3.30
N GLY B 149 -10.26 68.83 -2.97
CA GLY B 149 -9.78 68.82 -1.60
C GLY B 149 -10.50 67.88 -0.70
N LYS B 150 -11.24 66.92 -1.23
CA LYS B 150 -11.97 66.00 -0.40
C LYS B 150 -11.56 64.57 -0.75
N SER B 151 -11.44 63.74 0.28
CA SER B 151 -10.97 62.37 0.15
C SER B 151 -12.12 61.40 0.42
N MET B 152 -12.35 60.47 -0.51
CA MET B 152 -13.49 59.58 -0.48
C MET B 152 -13.07 58.23 -1.03
N GLY B 153 -13.63 57.15 -0.50
CA GLY B 153 -13.31 55.81 -0.97
C GLY B 153 -14.37 55.34 -1.95
N VAL B 154 -13.91 54.72 -3.04
CA VAL B 154 -14.78 54.18 -4.08
C VAL B 154 -14.60 52.67 -4.10
N LEU B 155 -15.71 51.93 -4.05
CA LEU B 155 -15.73 50.48 -3.86
C LEU B 155 -16.66 49.84 -4.86
N PHE B 156 -16.20 48.80 -5.52
CA PHE B 156 -16.98 48.19 -6.58
C PHE B 156 -16.77 46.69 -6.67
N GLY B 157 -17.87 45.97 -6.92
CA GLY B 157 -17.80 44.61 -7.38
C GLY B 157 -17.63 43.57 -6.29
N GLY B 158 -17.23 42.39 -6.72
CA GLY B 158 -16.85 41.35 -5.80
C GLY B 158 -17.88 40.24 -5.82
N ARG B 159 -17.74 39.34 -4.87
CA ARG B 159 -18.64 38.20 -4.76
C ARG B 159 -19.09 38.01 -3.33
N SER B 160 -20.22 37.32 -3.19
CA SER B 160 -20.74 36.98 -1.88
C SER B 160 -21.56 35.72 -1.96
N TYR B 161 -21.95 35.20 -0.81
CA TYR B 161 -22.82 34.05 -0.81
C TYR B 161 -24.25 34.49 -1.10
N MET B 162 -25.11 33.51 -1.33
CA MET B 162 -26.52 33.78 -1.57
C MET B 162 -27.13 34.53 -0.38
N PRO B 163 -28.21 35.27 -0.61
CA PRO B 163 -28.87 35.95 0.50
C PRO B 163 -29.48 34.94 1.44
N SER B 164 -29.61 35.35 2.72
CA SER B 164 -30.13 34.46 3.74
C SER B 164 -31.46 33.83 3.35
N THR B 165 -32.21 34.46 2.43
CA THR B 165 -33.47 33.90 2.02
C THR B 165 -33.26 32.70 1.12
N GLN B 166 -32.39 32.86 0.12
CA GLN B 166 -32.24 31.89 -0.94
C GLN B 166 -31.13 30.86 -0.70
N ARG B 167 -30.29 31.06 0.31
CA ARG B 167 -29.19 30.13 0.54
C ARG B 167 -29.74 28.79 1.01
N THR B 168 -29.26 27.71 0.40
CA THR B 168 -29.63 26.36 0.79
C THR B 168 -28.36 25.57 1.09
N THR B 169 -28.43 24.68 2.07
CA THR B 169 -27.24 23.97 2.52
C THR B 169 -26.61 23.14 1.41
N GLU B 170 -27.43 22.58 0.51
CA GLU B 170 -26.87 21.81 -0.59
C GLU B 170 -25.93 22.64 -1.47
N LYS B 171 -26.17 23.95 -1.58
CA LYS B 171 -25.32 24.89 -2.30
C LYS B 171 -24.82 26.00 -1.38
N TRP B 172 -24.53 25.62 -0.14
CA TRP B 172 -24.19 26.59 0.89
C TRP B 172 -23.09 27.53 0.46
N ASN B 173 -22.05 26.97 -0.15
CA ASN B 173 -20.86 27.73 -0.47
C ASN B 173 -20.94 28.37 -1.85
N SER B 174 -22.05 28.16 -2.58
CA SER B 174 -22.24 28.80 -3.86
C SER B 174 -22.09 30.30 -3.73
N VAL B 175 -21.44 30.91 -4.72
CA VAL B 175 -21.15 32.33 -4.67
C VAL B 175 -21.78 32.97 -5.88
N ALA B 176 -21.99 34.28 -5.79
CA ALA B 176 -22.56 35.07 -6.88
C ALA B 176 -21.93 36.45 -6.88
N ASP B 177 -21.98 37.08 -8.05
CA ASP B 177 -21.49 38.44 -8.17
C ASP B 177 -22.39 39.41 -7.43
N CYS B 178 -21.76 40.38 -6.78
CA CYS B 178 -22.49 41.44 -6.14
C CYS B 178 -23.11 42.34 -7.21
N LEU B 179 -24.13 43.07 -6.80
CA LEU B 179 -24.75 44.06 -7.68
C LEU B 179 -23.76 45.18 -7.98
N PRO B 180 -23.63 45.60 -9.24
CA PRO B 180 -22.56 46.55 -9.62
C PRO B 180 -22.91 47.99 -9.25
N HIS B 181 -23.07 48.22 -7.96
CA HIS B 181 -23.30 49.54 -7.43
C HIS B 181 -21.95 50.09 -7.03
N VAL B 182 -21.74 51.37 -7.24
CA VAL B 182 -20.52 52.00 -6.76
C VAL B 182 -20.78 52.54 -5.36
N PHE B 183 -19.84 52.32 -4.45
CA PHE B 183 -20.03 52.73 -3.07
C PHE B 183 -19.03 53.82 -2.77
N LEU B 184 -19.55 54.99 -2.42
CA LEU B 184 -18.72 56.05 -1.86
C LEU B 184 -18.72 55.89 -0.35
N ILE B 185 -17.52 55.88 0.24
CA ILE B 185 -17.32 55.56 1.65
C ILE B 185 -16.49 56.67 2.24
N ASP B 186 -17.08 57.41 3.17
CA ASP B 186 -16.38 58.47 3.87
C ASP B 186 -15.85 57.91 5.18
N PHE B 187 -14.52 57.90 5.30
CA PHE B 187 -13.83 57.36 6.45
C PHE B 187 -13.90 58.34 7.61
N GLU B 188 -13.94 59.64 7.30
CA GLU B 188 -13.99 60.65 8.35
C GLU B 188 -15.23 60.48 9.20
N PHE B 189 -16.35 60.12 8.57
CA PHE B 189 -17.60 59.94 9.29
C PHE B 189 -17.97 58.48 9.43
N GLY B 190 -17.41 57.60 8.60
CA GLY B 190 -17.77 56.20 8.68
C GLY B 190 -19.10 55.95 8.01
N CYS B 191 -19.37 56.61 6.89
CA CYS B 191 -20.65 56.46 6.21
C CYS B 191 -20.48 55.98 4.78
N ALA B 192 -21.53 55.37 4.25
CA ALA B 192 -21.48 54.71 2.95
C ALA B 192 -22.74 55.01 2.15
N THR B 193 -22.58 55.31 0.86
CA THR B 193 -23.68 55.56 -0.05
C THR B 193 -23.52 54.75 -1.34
N SER B 194 -24.64 54.19 -1.81
CA SER B 194 -24.66 53.34 -2.99
C SER B 194 -25.27 54.09 -4.17
N TYR B 195 -24.55 54.10 -5.29
CA TYR B 195 -24.95 54.79 -6.50
C TYR B 195 -25.12 53.73 -7.56
N ILE B 196 -26.33 53.63 -8.11
CA ILE B 196 -26.57 52.70 -9.21
C ILE B 196 -26.18 53.39 -10.51
N LEU B 197 -25.35 52.72 -11.30
CA LEU B 197 -24.95 53.35 -12.54
C LEU B 197 -25.51 52.57 -13.73
N PRO B 198 -26.01 53.26 -14.76
CA PRO B 198 -26.53 52.53 -15.95
C PRO B 198 -25.46 51.88 -16.81
N GLU B 199 -24.23 52.42 -16.83
CA GLU B 199 -23.17 51.89 -17.69
C GLU B 199 -22.64 50.55 -17.18
N LEU B 200 -22.81 50.27 -15.87
CA LEU B 200 -22.34 49.05 -15.23
C LEU B 200 -23.53 48.13 -14.99
N GLN B 201 -23.81 47.27 -15.97
CA GLN B 201 -24.99 46.41 -15.93
C GLN B 201 -24.72 45.07 -15.25
N ASP B 202 -23.53 44.50 -15.45
CA ASP B 202 -23.20 43.16 -14.98
C ASP B 202 -22.33 43.22 -13.74
N GLY B 203 -22.33 42.13 -12.99
CA GLY B 203 -21.44 42.03 -11.86
C GLY B 203 -20.02 41.82 -12.32
N LEU B 204 -19.08 42.14 -11.44
CA LEU B 204 -17.68 42.02 -11.83
C LEU B 204 -16.86 41.74 -10.58
N SER B 205 -15.89 40.83 -10.71
CA SER B 205 -15.01 40.47 -9.61
C SER B 205 -13.60 40.23 -10.13
N PHE B 206 -12.60 40.31 -9.24
CA PHE B 206 -11.20 40.01 -9.56
C PHE B 206 -10.63 40.92 -10.66
N HIS B 207 -11.16 42.13 -10.78
CA HIS B 207 -10.70 43.13 -11.74
C HIS B 207 -9.61 43.98 -11.14
N VAL B 208 -8.96 44.79 -11.96
CA VAL B 208 -7.91 45.69 -11.49
C VAL B 208 -8.44 47.11 -11.43
N SER B 209 -7.98 47.88 -10.46
CA SER B 209 -8.46 49.24 -10.30
C SER B 209 -7.26 50.19 -10.18
N ILE B 210 -7.30 51.29 -10.94
CA ILE B 210 -6.28 52.33 -10.93
C ILE B 210 -6.92 53.67 -10.60
N ALA B 211 -6.41 54.35 -9.58
CA ALA B 211 -7.03 55.55 -9.05
C ALA B 211 -6.12 56.74 -9.28
N ARG B 212 -6.62 57.74 -10.03
CA ARG B 212 -5.89 58.97 -10.31
C ARG B 212 -6.81 60.15 -10.09
N ASN B 213 -6.42 61.03 -9.17
CA ASN B 213 -7.18 62.24 -8.85
C ASN B 213 -8.62 61.86 -8.47
N ASP B 214 -9.61 62.41 -9.16
CA ASP B 214 -11.03 62.13 -8.89
C ASP B 214 -11.58 60.96 -9.71
N THR B 215 -10.72 60.11 -10.26
CA THR B 215 -11.15 59.07 -11.18
C THR B 215 -10.61 57.71 -10.76
N VAL B 216 -11.39 56.67 -11.01
CA VAL B 216 -10.97 55.28 -10.86
C VAL B 216 -11.29 54.52 -12.14
N TYR B 217 -10.27 53.89 -12.72
CA TYR B 217 -10.43 53.05 -13.90
C TYR B 217 -10.53 51.59 -13.48
N ILE B 218 -11.51 50.90 -14.06
CA ILE B 218 -11.83 49.52 -13.77
C ILE B 218 -11.47 48.72 -15.02
N LEU B 219 -10.62 47.70 -14.84
CA LEU B 219 -10.05 46.92 -15.94
C LEU B 219 -10.34 45.43 -15.77
N GLY B 220 -10.78 44.82 -16.88
CA GLY B 220 -10.95 43.38 -16.97
C GLY B 220 -11.93 42.80 -15.97
N GLY B 221 -11.51 41.71 -15.33
CA GLY B 221 -12.35 41.00 -14.41
C GLY B 221 -13.07 39.83 -15.04
N HIS B 222 -13.86 39.18 -14.19
CA HIS B 222 -14.63 37.99 -14.53
C HIS B 222 -16.06 38.18 -14.07
N SER B 223 -17.00 37.90 -14.96
CA SER B 223 -18.42 37.99 -14.67
C SER B 223 -18.97 36.58 -14.55
N LEU B 224 -19.54 36.26 -13.39
CA LEU B 224 -19.95 34.90 -13.11
C LEU B 224 -21.15 34.49 -13.95
N ALA B 225 -22.15 35.36 -14.11
CA ALA B 225 -23.38 34.98 -14.80
C ALA B 225 -23.10 34.59 -16.26
N SER B 226 -22.41 35.45 -17.00
CA SER B 226 -22.06 35.17 -18.38
C SER B 226 -20.89 34.19 -18.50
N ASN B 227 -20.09 34.05 -17.44
CA ASN B 227 -18.84 33.29 -17.46
C ASN B 227 -17.92 33.85 -18.56
N ILE B 228 -17.79 35.17 -18.58
CA ILE B 228 -16.97 35.89 -19.53
C ILE B 228 -15.99 36.78 -18.78
N ARG B 229 -14.80 36.95 -19.35
CA ARG B 229 -13.83 37.91 -18.85
C ARG B 229 -13.79 39.14 -19.77
N PRO B 230 -14.72 40.08 -19.60
CA PRO B 230 -14.92 41.11 -20.65
C PRO B 230 -13.68 41.97 -20.85
N ALA B 231 -13.43 42.31 -22.11
CA ALA B 231 -12.30 43.17 -22.48
C ALA B 231 -12.71 44.63 -22.43
N ASN B 232 -13.31 45.03 -21.30
CA ASN B 232 -13.85 46.37 -21.14
C ASN B 232 -13.04 47.19 -20.16
N LEU B 233 -13.09 48.50 -20.35
CA LEU B 233 -12.50 49.50 -19.47
C LEU B 233 -13.57 50.52 -19.10
N TYR B 234 -13.75 50.74 -17.79
CA TYR B 234 -14.76 51.66 -17.27
C TYR B 234 -14.07 52.76 -16.48
N ARG B 235 -14.34 54.01 -16.83
CA ARG B 235 -13.89 55.16 -16.05
C ARG B 235 -15.01 55.66 -15.15
N ILE B 236 -14.69 55.89 -13.88
CA ILE B 236 -15.67 56.38 -12.92
C ILE B 236 -15.09 57.67 -12.35
N ARG B 237 -15.77 58.76 -12.63
CA ARG B 237 -15.39 60.05 -12.12
C ARG B 237 -16.33 60.41 -10.98
N VAL B 238 -15.74 60.92 -9.89
CA VAL B 238 -16.47 61.23 -8.68
C VAL B 238 -16.27 62.70 -8.37
N ASP B 239 -17.37 63.43 -8.17
CA ASP B 239 -17.35 64.84 -7.83
C ASP B 239 -17.83 64.98 -6.40
N LEU B 240 -17.08 65.76 -5.61
CA LEU B 240 -17.31 65.96 -4.18
C LEU B 240 -17.63 67.43 -3.91
N PRO B 241 -18.90 67.83 -4.09
CA PRO B 241 -19.29 69.19 -3.70
C PRO B 241 -19.70 69.24 -2.24
N LEU B 242 -20.33 70.34 -1.81
CA LEU B 242 -20.81 70.44 -0.43
C LEU B 242 -21.90 69.41 -0.15
N GLY B 243 -22.76 69.14 -1.13
CA GLY B 243 -23.85 68.21 -0.98
C GLY B 243 -23.46 66.77 -1.30
N THR B 244 -24.48 65.98 -1.63
CA THR B 244 -24.27 64.60 -2.03
C THR B 244 -23.28 64.53 -3.19
N PRO B 245 -22.27 63.67 -3.11
CA PRO B 245 -21.32 63.52 -4.23
C PRO B 245 -22.01 62.89 -5.44
N ALA B 246 -21.42 63.08 -6.61
CA ALA B 246 -22.01 62.51 -7.81
C ALA B 246 -21.01 61.59 -8.50
N VAL B 247 -21.54 60.47 -8.99
CA VAL B 247 -20.76 59.44 -9.63
C VAL B 247 -21.19 59.37 -11.09
N ASN B 248 -20.22 59.45 -12.01
CA ASN B 248 -20.48 59.27 -13.43
C ASN B 248 -19.54 58.21 -13.98
N CYS B 249 -20.08 57.33 -14.81
CA CYS B 249 -19.26 56.30 -15.42
C CYS B 249 -19.27 56.46 -16.94
N THR B 250 -18.14 56.13 -17.56
CA THR B 250 -17.97 56.22 -19.01
C THR B 250 -17.25 54.97 -19.51
N VAL B 251 -17.77 54.33 -20.57
CA VAL B 251 -17.07 53.21 -21.18
C VAL B 251 -16.02 53.72 -22.16
N LEU B 252 -14.83 53.13 -22.15
CA LEU B 252 -13.78 53.56 -23.07
C LEU B 252 -13.30 52.32 -23.81
N PRO B 253 -13.28 52.32 -25.13
CA PRO B 253 -12.76 51.15 -25.84
C PRO B 253 -11.26 50.98 -25.65
N GLY B 254 -10.80 49.76 -25.95
CA GLY B 254 -9.43 49.35 -25.71
C GLY B 254 -9.16 48.71 -24.36
N GLY B 255 -10.17 48.04 -23.77
CA GLY B 255 -10.00 47.45 -22.46
C GLY B 255 -9.45 46.04 -22.57
N ILE B 256 -8.49 45.73 -21.72
CA ILE B 256 -7.95 44.37 -21.72
C ILE B 256 -8.97 43.41 -21.12
N SER B 257 -8.84 42.13 -21.49
CA SER B 257 -9.65 41.05 -20.93
C SER B 257 -8.74 40.22 -20.06
N VAL B 258 -8.87 40.40 -18.74
CA VAL B 258 -8.03 39.67 -17.79
C VAL B 258 -8.63 39.70 -16.39
N SER B 259 -8.69 38.53 -15.75
CA SER B 259 -9.08 38.37 -14.36
C SER B 259 -7.88 38.01 -13.50
N SER B 260 -7.89 38.47 -12.25
CA SER B 260 -6.87 38.11 -11.26
C SER B 260 -5.47 38.57 -11.66
N ALA B 261 -5.39 39.67 -12.40
CA ALA B 261 -4.11 40.29 -12.72
C ALA B 261 -3.55 41.00 -11.49
N ILE B 262 -2.24 41.28 -11.53
CA ILE B 262 -1.54 42.02 -10.48
C ILE B 262 -1.04 43.33 -11.07
N LEU B 263 -1.11 44.40 -10.26
CA LEU B 263 -0.86 45.77 -10.69
C LEU B 263 0.25 46.40 -9.86
N THR B 264 1.21 47.02 -10.54
CA THR B 264 2.34 47.70 -9.89
C THR B 264 2.57 49.06 -10.53
N GLN B 265 3.20 49.94 -9.76
CA GLN B 265 3.48 51.33 -10.16
C GLN B 265 4.97 51.45 -10.46
N THR B 266 5.32 51.60 -11.74
CA THR B 266 6.71 51.79 -12.10
C THR B 266 7.10 53.25 -11.99
N ASN B 267 6.19 54.14 -12.34
CA ASN B 267 6.47 55.55 -12.11
C ASN B 267 5.15 56.32 -12.10
N ASN B 268 5.20 57.55 -11.61
CA ASN B 268 4.01 58.39 -11.60
C ASN B 268 3.39 58.47 -12.99
N ASP B 269 2.09 58.20 -13.06
CA ASP B 269 1.26 58.12 -14.26
C ASP B 269 1.64 56.98 -15.20
N GLU B 270 2.34 55.94 -14.71
CA GLU B 270 2.56 54.74 -15.51
C GLU B 270 2.68 53.51 -14.62
N PHE B 271 1.80 52.54 -14.92
CA PHE B 271 1.63 51.28 -14.20
C PHE B 271 1.85 50.11 -15.14
N VAL B 272 2.31 48.98 -14.59
CA VAL B 272 2.48 47.73 -15.32
C VAL B 272 1.48 46.71 -14.80
N ILE B 273 0.84 45.98 -15.72
CA ILE B 273 -0.07 44.89 -15.37
C ILE B 273 0.56 43.61 -15.90
N VAL B 274 0.86 42.66 -15.00
CA VAL B 274 1.38 41.34 -15.36
C VAL B 274 0.48 40.30 -14.70
N GLY B 275 0.51 39.07 -15.24
CA GLY B 275 -0.28 38.00 -14.66
C GLY B 275 -1.74 37.95 -15.06
N GLY B 276 -2.41 36.96 -14.47
CA GLY B 276 -3.84 36.72 -14.58
C GLY B 276 -4.18 35.63 -15.59
N TYR B 277 -5.48 35.45 -15.79
CA TYR B 277 -6.01 34.46 -16.71
C TYR B 277 -6.87 35.08 -17.80
N GLN B 278 -6.64 34.64 -19.05
CA GLN B 278 -7.44 35.09 -20.20
C GLN B 278 -8.63 34.18 -20.47
N LEU B 279 -8.47 32.89 -20.16
CA LEU B 279 -9.53 31.90 -20.15
C LEU B 279 -9.32 30.97 -18.96
N GLU B 280 -10.31 30.13 -18.68
CA GLU B 280 -10.23 29.27 -17.50
C GLU B 280 -8.98 28.40 -17.52
N ASN B 281 -8.65 27.84 -18.69
CA ASN B 281 -7.46 26.99 -18.82
C ASN B 281 -6.22 27.74 -19.28
N GLN B 282 -6.36 28.98 -19.75
CA GLN B 282 -5.25 29.73 -20.30
C GLN B 282 -4.80 30.79 -19.33
N LYS B 283 -3.61 31.32 -19.57
CA LYS B 283 -3.05 32.33 -18.70
C LYS B 283 -2.72 33.55 -19.53
N ARG B 284 -2.68 34.69 -18.87
CA ARG B 284 -2.24 35.91 -19.53
C ARG B 284 -0.73 35.97 -19.38
N MET B 285 0.01 35.52 -20.41
CA MET B 285 1.45 35.58 -20.38
C MET B 285 1.96 36.94 -20.81
N VAL B 286 1.18 37.65 -21.62
CA VAL B 286 1.60 38.98 -22.05
C VAL B 286 1.52 39.95 -20.87
N CYS B 287 2.16 41.10 -21.04
CA CYS B 287 2.14 42.15 -20.03
C CYS B 287 1.79 43.49 -20.69
N SER B 288 1.14 44.36 -19.93
CA SER B 288 0.68 45.61 -20.49
C SER B 288 1.18 46.78 -19.66
N LEU B 289 1.28 47.95 -20.31
CA LEU B 289 1.65 49.22 -19.67
C LEU B 289 0.51 50.21 -19.84
N VAL B 290 0.13 50.88 -18.75
CA VAL B 290 -0.89 51.92 -18.76
C VAL B 290 -0.24 53.24 -18.39
N SER B 291 -0.44 54.25 -19.24
CA SER B 291 0.06 55.59 -18.98
C SER B 291 -1.13 56.52 -18.82
N LEU B 292 -1.16 57.25 -17.71
CA LEU B 292 -2.30 58.07 -17.34
C LEU B 292 -2.10 59.51 -17.75
N GLY B 293 -3.08 60.08 -18.44
CA GLY B 293 -3.12 61.51 -18.69
C GLY B 293 -4.27 62.11 -17.93
N ASP B 294 -4.28 63.44 -17.74
CA ASP B 294 -5.24 64.02 -16.81
C ASP B 294 -6.68 63.71 -17.18
N ASN B 295 -6.94 63.40 -18.44
CA ASN B 295 -8.24 62.87 -18.83
C ASN B 295 -8.11 61.66 -19.74
N THR B 296 -6.91 61.23 -20.07
CA THR B 296 -6.71 60.11 -20.98
C THR B 296 -6.05 58.93 -20.26
N ILE B 297 -6.27 57.75 -20.81
CA ILE B 297 -5.58 56.54 -20.36
C ILE B 297 -5.09 55.79 -21.60
N GLU B 298 -3.87 55.27 -21.55
CA GLU B 298 -3.25 54.59 -22.68
C GLU B 298 -2.82 53.18 -22.27
N ILE B 299 -3.29 52.18 -23.00
CA ILE B 299 -2.94 50.78 -22.74
C ILE B 299 -2.14 50.28 -23.94
N SER B 300 -0.89 49.88 -23.68
CA SER B 300 0.01 49.40 -24.73
C SER B 300 0.63 48.08 -24.31
N GLU B 301 0.73 47.16 -25.27
CA GLU B 301 1.47 45.94 -25.02
C GLU B 301 2.93 46.27 -24.71
N MET B 302 3.53 45.52 -23.78
CA MET B 302 4.95 45.65 -23.52
C MET B 302 5.63 44.31 -23.76
N GLU B 303 6.96 44.32 -23.69
CA GLU B 303 7.69 43.09 -23.93
C GLU B 303 7.35 42.06 -22.85
N THR B 304 6.96 40.86 -23.30
CA THR B 304 6.72 39.78 -22.37
C THR B 304 8.03 39.31 -21.76
N PRO B 305 8.07 39.10 -20.45
CA PRO B 305 9.33 38.70 -19.80
C PRO B 305 9.70 37.27 -20.11
N ASP B 306 10.89 36.88 -19.65
CA ASP B 306 11.47 35.57 -19.96
C ASP B 306 10.96 34.54 -18.95
N TRP B 307 9.73 34.07 -19.18
CA TRP B 307 9.13 33.06 -18.33
C TRP B 307 9.89 31.73 -18.42
N THR B 308 10.01 31.02 -17.28
CA THR B 308 10.58 29.67 -17.28
C THR B 308 9.52 28.65 -17.63
N SER B 309 9.96 27.40 -17.82
CA SER B 309 9.03 26.35 -18.20
C SER B 309 7.98 26.10 -17.13
N ASP B 310 8.37 26.24 -15.87
CA ASP B 310 7.45 25.99 -14.77
C ASP B 310 6.26 26.94 -14.82
N ILE B 311 6.52 28.24 -15.01
CA ILE B 311 5.45 29.23 -15.08
C ILE B 311 4.59 29.01 -16.32
N LYS B 312 5.22 28.73 -17.47
CA LYS B 312 4.47 28.57 -18.71
C LYS B 312 3.52 27.38 -18.63
N HIS B 313 3.94 26.30 -17.95
CA HIS B 313 3.16 25.08 -17.85
C HIS B 313 2.38 24.97 -16.56
N SER B 314 2.45 25.96 -15.68
CA SER B 314 1.62 25.99 -14.49
C SER B 314 0.19 26.37 -14.85
N LYS B 315 -0.78 25.68 -14.25
CA LYS B 315 -2.18 26.01 -14.52
C LYS B 315 -2.62 27.26 -13.77
N ILE B 316 -2.11 27.45 -12.57
CA ILE B 316 -2.48 28.56 -11.69
C ILE B 316 -1.21 29.31 -11.29
N TRP B 317 -1.35 30.62 -11.07
CA TRP B 317 -0.33 31.44 -10.42
C TRP B 317 -1.00 32.52 -9.60
N PHE B 318 -0.32 32.97 -8.56
CA PHE B 318 -0.89 33.97 -7.67
C PHE B 318 0.22 34.93 -7.24
N GLY B 319 -0.16 36.13 -6.81
CA GLY B 319 0.87 37.08 -6.41
C GLY B 319 0.30 38.37 -5.86
N SER B 320 1.22 39.26 -5.50
CA SER B 320 0.82 40.59 -5.09
C SER B 320 1.94 41.59 -5.38
N ASN B 321 1.58 42.86 -5.33
CA ASN B 321 2.51 43.97 -5.54
C ASN B 321 3.32 44.20 -4.27
N MET B 322 4.64 44.30 -4.43
CA MET B 322 5.51 44.66 -3.29
C MET B 322 5.63 46.17 -3.12
N GLY B 323 5.42 46.94 -4.18
CA GLY B 323 5.45 48.39 -4.11
C GLY B 323 6.53 49.04 -4.96
N ASN B 324 7.76 48.53 -4.86
CA ASN B 324 8.88 49.12 -5.57
C ASN B 324 8.92 48.68 -7.03
N GLY B 325 7.78 48.77 -7.72
CA GLY B 325 7.68 48.29 -9.07
C GLY B 325 8.10 46.83 -9.23
N THR B 326 8.01 46.04 -8.18
CA THR B 326 8.43 44.62 -8.18
C THR B 326 7.28 43.77 -7.66
N ILE B 327 6.94 42.70 -8.37
CA ILE B 327 5.86 41.83 -8.00
C ILE B 327 6.41 40.53 -7.41
N PHE B 328 5.65 39.95 -6.47
CA PHE B 328 5.97 38.66 -5.85
C PHE B 328 4.94 37.62 -6.26
N LEU B 329 5.41 36.58 -6.95
CA LEU B 329 4.62 35.56 -7.62
C LEU B 329 4.85 34.18 -7.00
N GLY B 330 3.88 33.29 -7.26
CA GLY B 330 3.92 31.91 -6.84
C GLY B 330 3.16 30.96 -7.73
N ILE B 331 3.75 29.78 -7.93
CA ILE B 331 3.13 28.69 -8.69
C ILE B 331 3.21 27.41 -7.89
N PRO B 332 2.25 26.51 -8.03
CA PRO B 332 2.31 25.24 -7.30
C PRO B 332 3.29 24.29 -7.95
N GLY B 333 3.94 23.47 -7.12
CA GLY B 333 4.84 22.45 -7.63
C GLY B 333 4.29 21.04 -7.61
N GLU B 341 8.35 20.79 -3.28
CA GLU B 341 7.82 21.88 -2.46
C GLU B 341 6.38 22.24 -2.79
N ALA B 342 5.66 22.79 -1.81
CA ALA B 342 4.26 23.13 -1.98
C ALA B 342 4.10 24.23 -3.03
N PHE B 343 4.81 25.35 -2.83
CA PHE B 343 4.76 26.49 -3.73
C PHE B 343 6.18 26.99 -4.03
N TYR B 344 6.36 27.48 -5.26
CA TYR B 344 7.62 28.04 -5.71
C TYR B 344 7.37 29.52 -5.98
N PHE B 345 8.30 30.37 -5.53
CA PHE B 345 8.07 31.81 -5.54
C PHE B 345 9.14 32.56 -6.36
N TYR B 346 8.70 33.64 -6.99
CA TYR B 346 9.53 34.47 -7.85
C TYR B 346 9.32 35.96 -7.55
N THR B 347 10.30 36.76 -7.96
CA THR B 347 10.27 38.22 -7.90
C THR B 347 10.50 38.77 -9.30
N LEU B 348 9.53 39.52 -9.81
CA LEU B 348 9.61 40.13 -11.14
C LEU B 348 9.73 41.65 -10.99
N ARG B 349 10.88 42.19 -11.40
CA ARG B 349 11.15 43.61 -11.24
C ARG B 349 10.87 44.33 -12.56
N CYS B 350 10.75 45.64 -12.47
CA CYS B 350 10.37 46.48 -13.61
C CYS B 350 11.08 47.84 -13.53
N LEU C 14 -45.17 -39.12 12.81
CA LEU C 14 -44.40 -38.03 12.19
C LEU C 14 -44.69 -36.67 12.87
N SER C 15 -45.94 -36.47 13.33
CA SER C 15 -46.21 -35.36 14.25
C SER C 15 -45.55 -35.60 15.61
N LEU C 16 -45.08 -36.82 15.86
CA LEU C 16 -44.42 -37.19 17.10
C LEU C 16 -43.02 -36.58 17.19
N THR C 17 -42.51 -36.48 18.42
CA THR C 17 -41.18 -35.97 18.68
C THR C 17 -40.15 -37.11 18.60
N ARG C 18 -38.91 -36.82 19.01
CA ARG C 18 -37.80 -37.75 18.80
C ARG C 18 -37.86 -38.92 19.77
N ARG C 19 -38.01 -38.65 21.07
CA ARG C 19 -38.18 -39.76 22.01
C ARG C 19 -39.44 -40.55 21.70
N ALA C 20 -40.48 -39.89 21.18
CA ALA C 20 -41.71 -40.59 20.83
C ALA C 20 -41.48 -41.54 19.66
N GLN C 21 -40.94 -40.98 18.56
CA GLN C 21 -40.69 -41.79 17.38
C GLN C 21 -39.78 -42.94 17.73
N LYS C 22 -38.81 -42.69 18.62
CA LYS C 22 -37.89 -43.74 19.02
C LYS C 22 -38.61 -44.85 19.77
N HIS C 23 -39.44 -44.49 20.76
CA HIS C 23 -40.15 -45.50 21.55
C HIS C 23 -41.21 -46.23 20.72
N ARG C 24 -41.92 -45.51 19.85
CA ARG C 24 -42.98 -46.11 19.05
C ARG C 24 -42.46 -47.07 18.00
N LEU C 25 -41.19 -46.95 17.61
CA LEU C 25 -40.64 -47.85 16.61
C LEU C 25 -39.55 -48.76 17.17
N ARG C 26 -39.25 -48.67 18.47
CA ARG C 26 -38.12 -49.41 19.06
C ARG C 26 -38.15 -50.90 18.74
N GLU C 27 -39.35 -51.49 18.63
CA GLU C 27 -39.44 -52.93 18.36
C GLU C 27 -38.97 -53.23 16.94
N LEU C 28 -39.44 -52.45 15.96
CA LEU C 28 -38.95 -52.63 14.61
C LEU C 28 -37.50 -52.23 14.51
N LYS C 29 -37.04 -51.32 15.37
CA LYS C 29 -35.63 -50.93 15.38
C LYS C 29 -34.74 -52.10 15.77
N ILE C 30 -35.12 -52.79 16.85
CA ILE C 30 -34.35 -53.97 17.26
C ILE C 30 -34.44 -55.06 16.21
N GLN C 31 -35.63 -55.24 15.62
CA GLN C 31 -35.81 -56.27 14.59
C GLN C 31 -34.93 -55.98 13.38
N VAL C 32 -34.82 -54.71 12.99
CA VAL C 32 -34.02 -54.35 11.82
C VAL C 32 -32.53 -54.40 12.13
N LYS C 33 -32.12 -54.04 13.35
CA LYS C 33 -30.71 -54.18 13.72
C LYS C 33 -30.29 -55.65 13.70
N GLU C 34 -31.16 -56.53 14.19
CA GLU C 34 -30.93 -57.96 14.05
C GLU C 34 -30.78 -58.36 12.58
N PHE C 35 -31.79 -58.01 11.76
CA PHE C 35 -31.76 -58.34 10.33
C PHE C 35 -30.51 -57.80 9.63
N ALA C 36 -30.00 -56.66 10.08
CA ALA C 36 -28.81 -56.07 9.46
C ALA C 36 -27.53 -56.77 9.91
N ASP C 37 -27.40 -57.04 11.21
CA ASP C 37 -26.24 -57.78 11.70
C ASP C 37 -26.18 -59.20 11.12
N LYS C 38 -27.33 -59.77 10.73
CA LYS C 38 -27.36 -61.12 10.19
C LYS C 38 -26.51 -61.27 8.92
N GLU C 39 -26.69 -60.37 7.96
CA GLU C 39 -25.94 -60.43 6.71
C GLU C 39 -25.39 -59.09 6.22
N GLU C 40 -26.02 -57.95 6.53
CA GLU C 40 -25.63 -56.68 5.93
C GLU C 40 -24.28 -56.20 6.47
N GLY C 41 -24.01 -56.41 7.76
CA GLY C 41 -22.78 -55.98 8.38
C GLY C 41 -22.83 -54.73 9.23
N GLY C 42 -24.03 -54.20 9.49
CA GLY C 42 -24.18 -53.12 10.45
C GLY C 42 -24.13 -51.72 9.88
N ASP C 43 -24.02 -51.56 8.56
CA ASP C 43 -24.13 -50.25 7.93
C ASP C 43 -25.62 -49.98 7.73
N VAL C 44 -26.29 -49.74 8.86
CA VAL C 44 -27.72 -49.55 8.86
C VAL C 44 -28.10 -48.34 8.02
N LYS C 45 -27.33 -47.25 8.16
CA LYS C 45 -27.46 -46.08 7.29
C LYS C 45 -27.74 -46.43 5.83
N ALA C 46 -26.93 -47.31 5.23
CA ALA C 46 -27.08 -47.64 3.80
C ALA C 46 -28.36 -48.43 3.53
N VAL C 47 -28.72 -49.36 4.43
CA VAL C 47 -29.91 -50.16 4.18
C VAL C 47 -31.15 -49.28 4.31
N CYS C 48 -31.10 -48.31 5.21
CA CYS C 48 -32.21 -47.37 5.36
C CYS C 48 -32.24 -46.37 4.21
N LEU C 49 -31.07 -45.96 3.71
CA LEU C 49 -31.03 -45.13 2.51
C LEU C 49 -31.70 -45.85 1.33
N THR C 50 -31.37 -47.12 1.14
CA THR C 50 -31.99 -47.86 0.04
C THR C 50 -33.49 -48.04 0.29
N LEU C 51 -33.88 -48.30 1.54
CA LEU C 51 -35.29 -48.42 1.88
C LEU C 51 -36.06 -47.12 1.60
N PHE C 52 -35.53 -45.98 2.05
CA PHE C 52 -36.21 -44.71 1.89
C PHE C 52 -36.23 -44.27 0.43
N LEU C 53 -35.14 -44.46 -0.31
CA LEU C 53 -35.13 -44.15 -1.72
C LEU C 53 -36.13 -45.01 -2.48
N LEU C 54 -36.19 -46.30 -2.17
CA LEU C 54 -37.13 -47.17 -2.85
C LEU C 54 -38.55 -46.78 -2.48
N ALA C 55 -38.77 -46.37 -1.24
CA ALA C 55 -40.08 -45.86 -0.83
C ALA C 55 -40.46 -44.60 -1.60
N LEU C 56 -39.52 -43.65 -1.69
CA LEU C 56 -39.76 -42.40 -2.41
C LEU C 56 -40.10 -42.66 -3.88
N ARG C 57 -39.33 -43.55 -4.52
CA ARG C 57 -39.63 -43.90 -5.90
C ARG C 57 -40.98 -44.61 -6.01
N ALA C 58 -41.32 -45.43 -5.01
CA ALA C 58 -42.61 -46.11 -5.02
C ALA C 58 -43.76 -45.12 -5.02
N ARG C 59 -43.64 -44.03 -4.26
CA ARG C 59 -44.65 -43.00 -4.27
C ARG C 59 -44.42 -42.06 -5.44
N ARG C 63 -38.01 -36.87 -7.43
CA ARG C 63 -37.30 -35.60 -7.37
C ARG C 63 -36.75 -35.37 -5.98
N GLN C 64 -37.61 -35.47 -4.97
CA GLN C 64 -37.15 -35.27 -3.60
C GLN C 64 -36.13 -36.31 -3.20
N ALA C 65 -36.23 -37.52 -3.77
CA ALA C 65 -35.27 -38.58 -3.49
C ALA C 65 -33.88 -38.22 -4.02
N ASP C 66 -33.80 -37.70 -5.24
CA ASP C 66 -32.51 -37.34 -5.81
C ASP C 66 -31.83 -36.24 -5.00
N GLU C 67 -32.60 -35.24 -4.55
CA GLU C 67 -32.03 -34.15 -3.76
C GLU C 67 -31.58 -34.65 -2.39
N LEU C 68 -32.37 -35.52 -1.76
CA LEU C 68 -31.94 -36.13 -0.50
C LEU C 68 -30.62 -36.86 -0.66
N GLU C 69 -30.49 -37.65 -1.73
CA GLU C 69 -29.21 -38.32 -2.00
C GLU C 69 -28.09 -37.29 -2.14
N ALA C 70 -28.37 -36.19 -2.83
CA ALA C 70 -27.38 -35.14 -3.02
C ALA C 70 -26.95 -34.51 -1.70
N ILE C 71 -27.86 -34.41 -0.73
CA ILE C 71 -27.50 -33.78 0.55
C ILE C 71 -26.66 -34.72 1.40
N GLY C 76 -26.78 -31.58 -5.32
CA GLY C 76 -27.94 -30.71 -5.27
C GLY C 76 -28.29 -30.22 -3.88
N SER C 77 -28.40 -28.90 -3.76
CA SER C 77 -28.84 -28.21 -2.54
C SER C 77 -27.82 -28.33 -1.39
N GLY C 78 -26.82 -29.20 -1.55
CA GLY C 78 -25.65 -29.23 -0.69
C GLY C 78 -24.41 -29.10 -1.57
N LEU C 79 -23.57 -28.10 -1.34
CA LEU C 79 -22.36 -27.93 -2.13
C LEU C 79 -21.27 -28.84 -1.62
N GLN C 80 -20.64 -29.59 -2.51
CA GLN C 80 -19.54 -30.46 -2.10
C GLN C 80 -18.40 -29.59 -1.53
N PRO C 81 -17.70 -30.08 -0.51
CA PRO C 81 -16.62 -29.26 0.09
C PRO C 81 -15.60 -28.72 -0.91
N ALA C 82 -15.27 -29.47 -1.96
CA ALA C 82 -14.35 -28.94 -2.97
C ALA C 82 -14.94 -27.73 -3.67
N VAL C 83 -16.25 -27.70 -3.89
CA VAL C 83 -16.87 -26.54 -4.52
C VAL C 83 -16.78 -25.33 -3.60
N CYS C 84 -16.96 -25.56 -2.30
CA CYS C 84 -16.79 -24.46 -1.36
C CYS C 84 -15.36 -23.96 -1.33
N LEU C 85 -14.38 -24.86 -1.35
CA LEU C 85 -13.01 -24.40 -1.47
C LEU C 85 -12.82 -23.57 -2.72
N ALA C 86 -13.35 -24.02 -3.85
CA ALA C 86 -13.18 -23.28 -5.10
C ALA C 86 -13.73 -21.87 -4.97
N ILE C 87 -14.96 -21.76 -4.48
CA ILE C 87 -15.58 -20.45 -4.29
C ILE C 87 -14.75 -19.59 -3.34
N ARG C 88 -14.40 -20.16 -2.19
CA ARG C 88 -13.66 -19.43 -1.17
C ARG C 88 -12.31 -18.95 -1.70
N VAL C 89 -11.50 -19.85 -2.25
CA VAL C 89 -10.18 -19.47 -2.75
C VAL C 89 -10.29 -18.54 -3.95
N ASN C 90 -11.28 -18.75 -4.80
CA ASN C 90 -11.39 -17.99 -6.04
C ASN C 90 -12.03 -16.63 -5.85
N THR C 91 -12.65 -16.39 -4.69
CA THR C 91 -13.17 -15.07 -4.32
C THR C 91 -12.35 -14.41 -3.20
N PHE C 92 -11.22 -15.02 -2.82
CA PHE C 92 -10.23 -14.44 -1.90
C PHE C 92 -10.81 -14.19 -0.52
N LEU C 93 -11.84 -14.94 -0.16
CA LEU C 93 -12.47 -14.77 1.13
C LEU C 93 -11.55 -15.29 2.21
N SER C 94 -11.39 -14.50 3.26
CA SER C 94 -10.68 -15.02 4.41
C SER C 94 -11.50 -16.12 5.08
N CYS C 95 -10.81 -16.93 5.88
CA CYS C 95 -11.51 -17.97 6.63
C CYS C 95 -12.59 -17.38 7.51
N SER C 96 -12.28 -16.30 8.24
CA SER C 96 -13.29 -15.70 9.11
C SER C 96 -14.48 -15.19 8.31
N GLN C 97 -14.20 -14.57 7.16
CA GLN C 97 -15.27 -14.07 6.33
C GLN C 97 -16.07 -15.23 5.77
N TYR C 98 -15.38 -16.28 5.34
CA TYR C 98 -16.07 -17.48 4.86
C TYR C 98 -16.98 -18.04 5.93
N HIS C 99 -16.52 -18.09 7.18
CA HIS C 99 -17.33 -18.65 8.25
C HIS C 99 -18.54 -17.78 8.55
N LYS C 100 -18.37 -16.47 8.58
CA LYS C 100 -19.52 -15.60 8.78
C LYS C 100 -20.56 -15.87 7.71
N MET C 101 -20.11 -15.99 6.46
CA MET C 101 -21.06 -16.28 5.39
C MET C 101 -21.74 -17.62 5.61
N TYR C 102 -20.95 -18.65 5.92
CA TYR C 102 -21.49 -19.98 6.13
C TYR C 102 -22.56 -19.99 7.21
N ARG C 103 -22.21 -19.47 8.38
CA ARG C 103 -23.14 -19.52 9.50
C ARG C 103 -24.38 -18.65 9.24
N THR C 104 -24.22 -17.50 8.56
CA THR C 104 -25.38 -16.64 8.31
C THR C 104 -26.34 -17.27 7.28
N VAL C 105 -25.80 -17.84 6.20
CA VAL C 105 -26.65 -18.52 5.21
C VAL C 105 -27.36 -19.72 5.84
N LYS C 106 -26.62 -20.56 6.57
CA LYS C 106 -27.20 -21.70 7.27
C LYS C 106 -28.32 -21.25 8.20
N ALA C 107 -28.07 -20.21 9.00
CA ALA C 107 -29.04 -19.75 10.00
C ALA C 107 -30.30 -19.17 9.36
N ILE C 108 -30.18 -18.60 8.17
CA ILE C 108 -31.33 -17.96 7.56
C ILE C 108 -32.13 -18.93 6.67
N THR C 109 -31.48 -19.87 5.97
CA THR C 109 -32.23 -20.87 5.20
C THR C 109 -32.46 -22.16 5.96
N GLY C 110 -31.90 -22.31 7.16
CA GLY C 110 -31.97 -23.56 7.91
C GLY C 110 -31.19 -24.72 7.33
N ARG C 111 -30.65 -24.60 6.12
CA ARG C 111 -29.94 -25.67 5.44
C ARG C 111 -28.45 -25.36 5.36
N GLN C 112 -27.63 -26.41 5.37
CA GLN C 112 -26.18 -26.26 5.35
C GLN C 112 -25.69 -26.21 3.89
N ILE C 113 -25.94 -25.05 3.26
CA ILE C 113 -25.58 -24.87 1.85
C ILE C 113 -24.06 -24.96 1.68
N PHE C 114 -23.33 -24.08 2.36
CA PHE C 114 -21.89 -24.18 2.38
C PHE C 114 -21.45 -25.14 3.47
N GLN C 115 -20.29 -25.75 3.26
CA GLN C 115 -19.74 -26.68 4.24
C GLN C 115 -18.88 -25.92 5.25
N PRO C 116 -18.71 -26.45 6.45
CA PRO C 116 -17.91 -25.76 7.47
C PRO C 116 -16.41 -25.88 7.23
N LEU C 117 -15.65 -25.03 7.94
CA LEU C 117 -14.26 -24.81 7.57
C LEU C 117 -13.44 -26.09 7.57
N HIS C 118 -13.73 -27.00 8.50
CA HIS C 118 -12.94 -28.22 8.55
C HIS C 118 -13.14 -29.05 7.28
N ALA C 119 -14.33 -29.00 6.69
CA ALA C 119 -14.55 -29.74 5.45
C ALA C 119 -13.71 -29.15 4.31
N LEU C 120 -13.60 -27.82 4.25
CA LEU C 120 -12.75 -27.20 3.24
C LEU C 120 -11.27 -27.53 3.46
N ARG C 121 -10.79 -27.53 4.70
CA ARG C 121 -9.40 -27.93 4.95
C ARG C 121 -9.17 -29.38 4.52
N ASN C 122 -10.15 -30.23 4.80
CA ASN C 122 -10.00 -31.63 4.47
C ASN C 122 -9.99 -31.83 2.96
N ALA C 123 -10.81 -31.06 2.23
CA ALA C 123 -10.75 -31.11 0.77
C ALA C 123 -9.47 -30.48 0.24
N GLU C 124 -8.91 -29.50 0.96
CA GLU C 124 -7.66 -28.88 0.56
C GLU C 124 -6.53 -29.90 0.58
N LYS C 125 -6.55 -30.81 1.57
CA LYS C 125 -5.47 -31.80 1.63
C LYS C 125 -5.33 -32.57 0.32
N VAL C 126 -6.44 -32.85 -0.36
CA VAL C 126 -6.40 -33.67 -1.59
C VAL C 126 -5.74 -32.93 -2.75
N LEU C 127 -6.00 -31.63 -2.89
CA LEU C 127 -5.54 -30.91 -4.07
C LEU C 127 -4.11 -30.44 -3.95
N LEU C 128 -3.50 -30.54 -2.79
CA LEU C 128 -2.16 -30.06 -2.54
C LEU C 128 -1.15 -31.18 -2.68
N PRO C 129 0.11 -30.84 -2.93
CA PRO C 129 1.14 -31.89 -3.03
C PRO C 129 1.25 -32.71 -1.77
N GLY C 130 1.62 -33.99 -1.94
CA GLY C 130 1.89 -34.89 -0.84
C GLY C 130 0.77 -35.85 -0.48
N TYR C 131 -0.37 -35.78 -1.17
CA TYR C 131 -1.54 -36.60 -0.82
C TYR C 131 -1.55 -37.97 -1.52
N HIS C 132 -1.28 -38.01 -2.82
CA HIS C 132 -1.32 -39.28 -3.54
C HIS C 132 0.05 -39.96 -3.53
N PRO C 133 0.05 -41.30 -3.50
CA PRO C 133 1.30 -42.07 -3.63
C PRO C 133 1.68 -42.37 -5.06
N PHE C 134 2.98 -42.57 -5.23
CA PHE C 134 3.53 -42.79 -6.56
C PHE C 134 4.86 -43.56 -6.48
N GLU C 135 5.38 -43.94 -7.64
CA GLU C 135 6.73 -44.48 -7.58
C GLU C 135 7.53 -44.10 -8.80
N TRP C 136 8.82 -44.02 -8.61
CA TRP C 136 9.74 -43.72 -9.68
C TRP C 136 10.61 -44.94 -9.91
N GLN C 137 10.62 -45.41 -11.15
CA GLN C 137 11.43 -46.57 -11.55
C GLN C 137 12.38 -46.12 -12.66
N PRO C 138 13.71 -46.06 -12.42
CA PRO C 138 14.17 -46.42 -11.08
C PRO C 138 13.99 -45.21 -10.16
N PRO C 139 14.17 -45.41 -8.83
CA PRO C 139 14.07 -44.27 -7.92
C PRO C 139 14.92 -43.10 -8.37
N LEU C 140 14.39 -41.89 -8.13
CA LEU C 140 15.07 -40.67 -8.54
C LEU C 140 16.37 -40.47 -7.78
N LYS C 141 17.42 -40.10 -8.54
CA LYS C 141 18.73 -39.92 -7.96
C LYS C 141 18.78 -38.66 -7.11
N ASN C 142 19.20 -38.84 -5.86
CA ASN C 142 19.35 -37.73 -4.91
C ASN C 142 18.03 -37.12 -4.53
N VAL C 143 16.94 -37.86 -4.65
CA VAL C 143 15.65 -37.37 -4.19
C VAL C 143 15.07 -38.36 -3.22
N SER C 144 14.56 -37.87 -2.09
CA SER C 144 13.95 -38.76 -1.15
C SER C 144 12.71 -39.39 -1.79
N SER C 145 12.45 -40.64 -1.43
CA SER C 145 11.33 -41.35 -2.03
C SER C 145 10.00 -41.16 -1.28
N ARG C 146 10.01 -40.53 -0.10
CA ARG C 146 8.75 -40.31 0.62
C ARG C 146 7.76 -39.56 -0.23
N THR C 147 6.50 -39.99 -0.17
CA THR C 147 5.42 -39.43 -0.98
C THR C 147 4.47 -38.55 -0.19
N ASP C 148 4.62 -38.47 1.14
CA ASP C 148 3.78 -37.63 1.98
C ASP C 148 4.32 -36.22 2.12
N VAL C 149 5.17 -35.80 1.20
CA VAL C 149 5.92 -34.57 1.34
C VAL C 149 5.15 -33.44 0.67
N GLY C 150 4.96 -32.35 1.42
CA GLY C 150 4.18 -31.24 0.92
C GLY C 150 5.04 -30.01 0.75
N ILE C 151 4.70 -28.95 1.47
CA ILE C 151 5.50 -27.73 1.40
C ILE C 151 6.73 -27.91 2.27
N ILE C 152 7.89 -27.63 1.69
CA ILE C 152 9.16 -27.76 2.37
C ILE C 152 9.90 -26.45 2.23
N ASP C 153 10.87 -26.26 3.12
CA ASP C 153 11.60 -25.02 3.14
C ASP C 153 12.39 -24.83 1.86
N GLY C 154 12.21 -23.66 1.23
CA GLY C 154 12.81 -23.39 -0.06
C GLY C 154 14.31 -23.19 -0.01
N LEU C 155 14.82 -22.73 1.13
CA LEU C 155 16.26 -22.61 1.29
C LEU C 155 16.94 -23.96 1.21
N SER C 156 16.18 -25.05 1.36
CA SER C 156 16.67 -26.42 1.20
C SER C 156 17.87 -26.70 2.11
N GLY C 157 17.71 -26.34 3.39
CA GLY C 157 18.71 -26.52 4.43
C GLY C 157 19.89 -25.58 4.43
N LEU C 158 19.78 -24.43 3.74
CA LEU C 158 20.87 -23.48 3.67
C LEU C 158 21.29 -23.02 5.06
N ALA C 159 22.62 -23.00 5.28
CA ALA C 159 23.16 -22.68 6.59
C ALA C 159 22.85 -21.24 7.00
N SER C 160 22.38 -21.07 8.23
CA SER C 160 21.88 -19.80 8.72
C SER C 160 22.67 -19.29 9.92
N SER C 161 23.78 -19.94 10.27
CA SER C 161 24.62 -19.46 11.36
C SER C 161 25.13 -18.06 11.05
N VAL C 162 25.43 -17.28 12.08
CA VAL C 162 25.94 -15.94 11.88
C VAL C 162 27.29 -15.96 11.18
N ASP C 163 28.01 -17.07 11.30
CA ASP C 163 29.30 -17.17 10.64
C ASP C 163 29.12 -17.20 9.14
N GLU C 164 28.08 -17.89 8.68
CA GLU C 164 27.88 -18.18 7.27
C GLU C 164 27.50 -16.91 6.54
N TYR C 165 27.24 -17.08 5.26
CA TYR C 165 26.73 -15.98 4.46
C TYR C 165 25.36 -15.58 4.97
N PRO C 166 25.05 -14.28 4.98
CA PRO C 166 23.75 -13.81 5.50
C PRO C 166 22.60 -14.24 4.59
N VAL C 167 21.55 -14.76 5.21
CA VAL C 167 20.34 -15.17 4.51
C VAL C 167 19.28 -14.11 4.75
N ASP C 168 18.98 -13.33 3.71
CA ASP C 168 18.02 -12.24 3.78
C ASP C 168 16.70 -12.63 3.14
N THR C 169 16.52 -13.91 2.89
CA THR C 169 15.37 -14.35 2.15
C THR C 169 14.62 -15.40 2.94
N ILE C 170 13.36 -15.53 2.62
CA ILE C 170 12.53 -16.64 3.08
C ILE C 170 11.91 -17.24 1.84
N ALA C 171 11.79 -18.57 1.83
CA ALA C 171 11.35 -19.27 0.63
C ALA C 171 10.63 -20.53 1.03
N LYS C 172 9.61 -20.86 0.26
CA LYS C 172 8.91 -22.12 0.45
C LYS C 172 8.65 -22.73 -0.91
N ARG C 173 8.75 -24.06 -0.98
CA ARG C 173 8.61 -24.72 -2.27
C ARG C 173 7.95 -26.07 -2.06
N PHE C 174 7.59 -26.67 -3.18
CA PHE C 174 7.21 -28.07 -3.23
C PHE C 174 8.43 -28.87 -3.67
N ARG C 175 8.36 -30.18 -3.47
CA ARG C 175 9.25 -31.08 -4.17
C ARG C 175 8.72 -31.30 -5.57
N TYR C 176 9.59 -31.08 -6.56
CA TYR C 176 9.17 -30.93 -7.96
C TYR C 176 8.34 -32.12 -8.44
N ASP C 177 8.83 -33.33 -8.21
CA ASP C 177 8.09 -34.51 -8.65
C ASP C 177 6.72 -34.58 -7.96
N SER C 178 6.70 -34.39 -6.63
CA SER C 178 5.45 -34.39 -5.87
C SER C 178 4.44 -33.41 -6.46
N ALA C 179 4.91 -32.24 -6.90
CA ALA C 179 4.05 -31.26 -7.56
C ALA C 179 3.51 -31.80 -8.88
N LEU C 180 4.37 -32.41 -9.69
CA LEU C 180 3.87 -32.95 -10.96
C LEU C 180 2.84 -34.03 -10.69
N VAL C 181 3.04 -34.83 -9.66
CA VAL C 181 2.05 -35.83 -9.29
C VAL C 181 0.72 -35.16 -8.99
N SER C 182 0.75 -34.16 -8.12
CA SER C 182 -0.49 -33.48 -7.73
C SER C 182 -1.14 -32.85 -8.95
N ALA C 183 -0.34 -32.34 -9.87
CA ALA C 183 -0.90 -31.72 -11.08
C ALA C 183 -1.62 -32.75 -11.95
N LEU C 184 -0.99 -33.91 -12.17
CA LEU C 184 -1.62 -34.93 -13.00
C LEU C 184 -2.90 -35.44 -12.37
N MET C 185 -2.88 -35.63 -11.05
CA MET C 185 -4.10 -36.06 -10.37
C MET C 185 -5.20 -34.99 -10.41
N ASP C 186 -4.80 -33.72 -10.40
CA ASP C 186 -5.76 -32.63 -10.59
C ASP C 186 -6.39 -32.69 -11.98
N MET C 187 -5.63 -33.10 -13.02
CA MET C 187 -6.18 -33.12 -14.38
C MET C 187 -6.57 -34.52 -14.85
N GLU C 188 -6.70 -35.47 -13.93
CA GLU C 188 -7.11 -36.82 -14.29
C GLU C 188 -8.41 -36.86 -15.08
N GLU C 189 -9.41 -36.08 -14.68
CA GLU C 189 -10.70 -36.13 -15.34
C GLU C 189 -10.57 -35.73 -16.81
N ASP C 190 -9.74 -34.74 -17.07
CA ASP C 190 -9.51 -34.30 -18.44
C ASP C 190 -8.71 -35.32 -19.21
N ILE C 191 -7.77 -36.01 -18.57
CA ILE C 191 -6.99 -37.01 -19.28
C ILE C 191 -7.88 -38.19 -19.70
N LEU C 192 -8.68 -38.72 -18.78
CA LEU C 192 -9.57 -39.83 -19.12
C LEU C 192 -10.54 -39.44 -20.21
N GLU C 193 -11.19 -38.29 -20.07
CA GLU C 193 -12.14 -37.89 -21.09
C GLU C 193 -11.47 -37.61 -22.43
N GLY C 194 -10.18 -37.21 -22.44
CA GLY C 194 -9.48 -37.02 -23.70
C GLY C 194 -9.16 -38.35 -24.38
N MET C 195 -8.80 -39.36 -23.58
CA MET C 195 -8.64 -40.69 -24.12
C MET C 195 -9.94 -41.22 -24.74
N ARG C 196 -11.06 -41.08 -24.02
CA ARG C 196 -12.36 -41.42 -24.63
C ARG C 196 -12.59 -40.64 -25.93
N SER C 197 -12.32 -39.34 -25.90
CA SER C 197 -12.56 -38.49 -27.06
C SER C 197 -11.68 -38.88 -28.25
N GLN C 198 -10.58 -39.58 -28.02
CA GLN C 198 -9.77 -40.06 -29.13
C GLN C 198 -10.09 -41.49 -29.53
N ASP C 199 -11.22 -42.03 -29.08
CA ASP C 199 -11.65 -43.41 -29.38
C ASP C 199 -10.72 -44.45 -28.80
N LEU C 200 -10.14 -44.17 -27.63
CA LEU C 200 -9.27 -45.11 -26.93
C LEU C 200 -9.99 -45.63 -25.70
N ASP C 201 -9.38 -46.62 -25.07
CA ASP C 201 -9.98 -47.27 -23.91
C ASP C 201 -9.53 -46.56 -22.64
N ASP C 202 -10.46 -46.36 -21.71
CA ASP C 202 -10.17 -45.69 -20.45
C ASP C 202 -9.04 -46.37 -19.69
N TYR C 203 -9.02 -47.70 -19.69
CA TYR C 203 -8.08 -48.47 -18.89
C TYR C 203 -6.70 -48.64 -19.53
N LEU C 204 -6.48 -48.08 -20.72
CA LEU C 204 -5.18 -48.16 -21.36
C LEU C 204 -4.11 -47.49 -20.48
N ASN C 205 -2.94 -48.11 -20.42
CA ASN C 205 -1.92 -47.68 -19.50
C ASN C 205 -0.57 -47.49 -20.18
N GLY C 206 -0.54 -47.42 -21.52
CA GLY C 206 0.68 -47.29 -22.27
C GLY C 206 1.45 -46.06 -21.81
N PRO C 207 2.67 -45.89 -22.29
CA PRO C 207 3.51 -44.79 -21.78
C PRO C 207 3.01 -43.41 -22.21
N PHE C 208 2.31 -42.69 -21.31
CA PHE C 208 2.02 -41.28 -21.55
C PHE C 208 3.29 -40.45 -21.49
N THR C 209 3.33 -39.41 -22.32
CA THR C 209 4.44 -38.46 -22.39
C THR C 209 3.90 -37.08 -22.07
N VAL C 210 4.49 -36.43 -21.07
CA VAL C 210 4.09 -35.11 -20.61
C VAL C 210 5.16 -34.11 -21.03
N VAL C 211 4.78 -33.13 -21.84
CA VAL C 211 5.63 -32.00 -22.16
C VAL C 211 5.28 -30.91 -21.19
N VAL C 212 6.28 -30.48 -20.42
CA VAL C 212 6.13 -29.54 -19.32
C VAL C 212 6.98 -28.31 -19.58
N LYS C 213 6.34 -27.14 -19.48
CA LYS C 213 7.00 -25.83 -19.59
C LYS C 213 7.49 -25.36 -18.23
N GLU C 214 8.76 -25.00 -18.18
CA GLU C 214 9.32 -24.34 -17.01
C GLU C 214 9.34 -22.85 -17.25
N SER C 215 8.94 -22.10 -16.22
CA SER C 215 8.94 -20.65 -16.24
C SER C 215 9.55 -20.10 -14.94
N CYS C 216 10.27 -19.00 -15.09
CA CYS C 216 10.82 -18.26 -13.96
C CYS C 216 10.82 -16.78 -14.30
N ASP C 217 10.37 -15.97 -13.35
CA ASP C 217 10.37 -14.53 -13.51
C ASP C 217 10.43 -13.94 -12.12
N GLY C 218 10.96 -12.72 -12.04
CA GLY C 218 10.82 -11.91 -10.86
C GLY C 218 9.51 -11.15 -10.90
N MET C 219 8.88 -11.06 -9.73
CA MET C 219 7.62 -10.36 -9.62
C MET C 219 7.81 -8.95 -9.13
N GLY C 220 8.98 -8.37 -9.40
CA GLY C 220 9.15 -6.98 -9.17
C GLY C 220 9.05 -6.70 -7.68
N ASP C 221 8.53 -5.52 -7.36
CA ASP C 221 8.34 -5.18 -5.97
C ASP C 221 7.03 -5.76 -5.42
N VAL C 222 7.14 -6.41 -4.26
CA VAL C 222 6.00 -6.93 -3.54
C VAL C 222 5.65 -6.09 -2.31
N SER C 223 6.49 -5.11 -1.97
CA SER C 223 6.38 -4.43 -0.68
C SER C 223 5.00 -3.87 -0.45
N GLU C 224 4.52 -4.02 0.79
CA GLU C 224 3.41 -3.22 1.29
C GLU C 224 3.95 -2.06 2.12
N LYS C 225 3.45 -0.86 1.89
CA LYS C 225 3.95 0.30 2.60
C LYS C 225 2.85 1.30 2.91
N GLU C 234 11.31 -4.87 -1.62
CA GLU C 234 11.16 -6.32 -1.47
C GLU C 234 10.65 -7.03 -2.74
N LYS C 235 11.54 -7.76 -3.37
CA LYS C 235 11.24 -8.45 -4.60
C LYS C 235 11.00 -9.93 -4.34
N ALA C 236 10.34 -10.59 -5.31
CA ALA C 236 10.08 -12.01 -5.22
C ALA C 236 10.47 -12.67 -6.53
N VAL C 237 10.73 -13.96 -6.45
CA VAL C 237 10.93 -14.79 -7.63
C VAL C 237 9.93 -15.93 -7.53
N ARG C 238 9.35 -16.27 -8.68
CA ARG C 238 8.35 -17.32 -8.82
C ARG C 238 8.88 -18.37 -9.78
N PHE C 239 9.05 -19.60 -9.28
CA PHE C 239 9.49 -20.74 -10.09
C PHE C 239 8.32 -21.68 -10.29
N SER C 240 7.95 -21.91 -11.56
CA SER C 240 6.70 -22.60 -11.87
C SER C 240 6.82 -23.54 -13.06
N PHE C 241 5.82 -24.41 -13.18
CA PHE C 241 5.74 -25.32 -14.32
C PHE C 241 4.31 -25.34 -14.84
N THR C 242 4.18 -25.44 -16.17
CA THR C 242 2.90 -25.56 -16.86
C THR C 242 2.89 -26.87 -17.64
N VAL C 243 1.82 -27.64 -17.48
CA VAL C 243 1.61 -28.86 -18.28
C VAL C 243 1.13 -28.39 -19.65
N MET C 244 1.97 -28.62 -20.67
CA MET C 244 1.75 -28.13 -22.02
C MET C 244 0.95 -29.12 -22.85
N ARG C 245 1.37 -30.40 -22.86
CA ARG C 245 0.51 -31.39 -23.50
C ARG C 245 0.87 -32.78 -23.03
N ILE C 246 -0.11 -33.68 -23.08
CA ILE C 246 0.09 -35.09 -22.76
C ILE C 246 -0.32 -35.93 -23.94
N THR C 247 0.62 -36.72 -24.45
CA THR C 247 0.44 -37.64 -25.56
C THR C 247 0.54 -39.08 -25.07
N ILE C 248 -0.12 -39.99 -25.81
CA ILE C 248 -0.08 -41.42 -25.52
C ILE C 248 0.46 -42.12 -26.76
N GLU C 249 1.08 -43.27 -26.54
CA GLU C 249 1.65 -44.07 -27.61
C GLU C 249 0.74 -45.27 -27.87
N HIS C 250 0.03 -45.21 -29.00
CA HIS C 250 -0.95 -46.21 -29.42
C HIS C 250 -0.62 -46.62 -30.86
N GLY C 251 0.20 -47.65 -31.01
CA GLY C 251 0.78 -47.99 -32.29
C GLY C 251 2.08 -47.25 -32.52
N SER C 252 2.32 -46.77 -33.74
CA SER C 252 3.45 -45.88 -34.01
C SER C 252 3.00 -44.44 -34.08
N GLN C 253 1.97 -44.11 -33.30
CA GLN C 253 1.33 -42.80 -33.28
C GLN C 253 1.37 -42.24 -31.88
N ASN C 254 1.49 -40.92 -31.78
CA ASN C 254 1.48 -40.23 -30.50
C ASN C 254 0.19 -39.41 -30.48
N VAL C 255 -0.80 -39.92 -29.75
CA VAL C 255 -2.15 -39.38 -29.73
C VAL C 255 -2.23 -38.30 -28.66
N LYS C 256 -2.55 -37.07 -29.05
CA LYS C 256 -2.59 -35.95 -28.12
C LYS C 256 -3.88 -36.06 -27.33
N VAL C 257 -3.80 -36.57 -26.10
CA VAL C 257 -4.98 -36.70 -25.26
C VAL C 257 -5.20 -35.50 -24.33
N PHE C 258 -4.22 -34.59 -24.20
CA PHE C 258 -4.43 -33.34 -23.48
C PHE C 258 -3.54 -32.23 -24.01
N GLU C 259 -4.10 -31.04 -24.18
CA GLU C 259 -3.29 -29.89 -24.51
C GLU C 259 -3.85 -28.67 -23.80
N GLU C 260 -2.97 -27.87 -23.21
CA GLU C 260 -3.38 -26.68 -22.49
C GLU C 260 -3.99 -25.66 -23.44
N PRO C 261 -5.25 -25.26 -23.24
CA PRO C 261 -5.85 -24.30 -24.18
C PRO C 261 -5.27 -22.92 -24.07
N LYS C 262 -5.04 -22.41 -22.86
CA LYS C 262 -4.55 -21.06 -22.61
C LYS C 262 -3.20 -21.19 -21.91
N PRO C 263 -2.13 -21.35 -22.69
CA PRO C 263 -0.82 -21.68 -22.07
C PRO C 263 -0.19 -20.50 -21.33
N ASN C 264 -0.64 -19.27 -21.58
CA ASN C 264 -0.07 -18.10 -20.93
C ASN C 264 -1.00 -17.51 -19.87
N SER C 265 -1.89 -18.31 -19.31
CA SER C 265 -2.77 -17.84 -18.25
C SER C 265 -2.19 -18.19 -16.88
N GLU C 266 -2.41 -17.29 -15.93
CA GLU C 266 -2.02 -17.58 -14.55
C GLU C 266 -2.78 -18.78 -14.00
N LEU C 267 -3.88 -19.18 -14.64
CA LEU C 267 -4.70 -20.29 -14.15
C LEU C 267 -4.01 -21.64 -14.25
N CYS C 268 -3.00 -21.77 -15.11
CA CYS C 268 -2.34 -23.06 -15.32
C CYS C 268 -0.84 -23.00 -15.12
N CYS C 269 -0.28 -21.83 -14.80
CA CYS C 269 1.12 -21.71 -14.38
C CYS C 269 1.19 -22.11 -12.90
N LYS C 270 1.61 -23.41 -12.65
CA LYS C 270 1.46 -23.95 -11.31
C LYS C 270 2.65 -23.58 -10.46
N PRO C 271 2.43 -23.04 -9.27
CA PRO C 271 3.55 -22.58 -8.45
C PRO C 271 4.32 -23.72 -7.83
N LEU C 272 5.63 -23.58 -7.87
CA LEU C 272 6.52 -24.59 -7.37
C LEU C 272 7.44 -24.05 -6.29
N CYS C 273 7.90 -22.80 -6.43
CA CYS C 273 8.78 -22.16 -5.46
C CYS C 273 8.49 -20.67 -5.40
N LEU C 274 8.17 -20.14 -4.21
CA LEU C 274 8.06 -18.70 -3.96
C LEU C 274 9.19 -18.24 -3.05
N MET C 275 9.98 -17.27 -3.52
CA MET C 275 11.05 -16.78 -2.65
C MET C 275 11.05 -15.27 -2.59
N LEU C 276 11.40 -14.72 -1.43
CA LEU C 276 11.51 -13.27 -1.28
C LEU C 276 12.95 -12.85 -1.49
N ALA C 277 13.28 -12.53 -2.73
CA ALA C 277 14.67 -12.35 -3.12
C ALA C 277 14.67 -11.67 -4.48
N ASP C 278 15.83 -11.22 -4.90
CA ASP C 278 15.97 -10.45 -6.11
C ASP C 278 16.49 -11.37 -7.21
N GLU C 279 15.75 -11.44 -8.32
CA GLU C 279 16.22 -12.28 -9.42
C GLU C 279 17.63 -11.92 -9.85
N SER C 280 18.11 -10.74 -9.49
CA SER C 280 19.49 -10.37 -9.77
C SER C 280 20.48 -10.82 -8.69
N ASP C 281 20.01 -11.37 -7.58
CA ASP C 281 20.90 -11.85 -6.51
C ASP C 281 21.31 -13.29 -6.86
N HIS C 282 22.42 -13.40 -7.58
CA HIS C 282 22.78 -14.71 -8.14
C HIS C 282 23.03 -15.72 -7.03
N GLU C 283 23.63 -15.31 -5.91
CA GLU C 283 23.95 -16.26 -4.86
C GLU C 283 22.68 -16.89 -4.29
N THR C 284 21.71 -16.06 -3.90
CA THR C 284 20.47 -16.60 -3.33
C THR C 284 19.66 -17.33 -4.39
N LEU C 285 19.66 -16.83 -5.63
CA LEU C 285 18.92 -17.47 -6.70
C LEU C 285 19.44 -18.89 -6.94
N THR C 286 20.77 -19.03 -7.07
CA THR C 286 21.30 -20.37 -7.29
C THR C 286 21.09 -21.25 -6.07
N ALA C 287 21.32 -20.73 -4.87
CA ALA C 287 21.11 -21.56 -3.68
C ALA C 287 19.68 -22.07 -3.61
N ILE C 288 18.70 -21.24 -3.96
CA ILE C 288 17.31 -21.69 -3.78
C ILE C 288 16.87 -22.59 -4.94
N LEU C 289 17.36 -22.35 -6.16
CA LEU C 289 16.91 -23.07 -7.35
C LEU C 289 17.68 -24.36 -7.65
N SER C 290 18.97 -24.47 -7.30
CA SER C 290 19.73 -25.69 -7.55
C SER C 290 19.04 -26.96 -7.07
N PRO C 291 18.47 -27.03 -5.86
CA PRO C 291 17.68 -28.22 -5.48
C PRO C 291 16.59 -28.62 -6.47
N LEU C 292 15.86 -27.63 -7.00
CA LEU C 292 14.81 -27.90 -7.97
C LEU C 292 15.41 -28.44 -9.27
N ILE C 293 16.57 -27.92 -9.67
CA ILE C 293 17.22 -28.41 -10.88
C ILE C 293 17.71 -29.82 -10.71
N ALA C 294 18.14 -30.19 -9.49
CA ALA C 294 18.54 -31.56 -9.26
C ALA C 294 17.36 -32.50 -9.39
N GLU C 295 16.24 -32.14 -8.76
CA GLU C 295 15.05 -32.98 -8.87
C GLU C 295 14.61 -33.14 -10.34
N ARG C 296 14.65 -32.06 -11.12
CA ARG C 296 14.24 -32.18 -12.51
C ARG C 296 15.20 -33.06 -13.30
N GLU C 297 16.50 -32.84 -13.15
CA GLU C 297 17.46 -33.64 -13.89
C GLU C 297 17.28 -35.13 -13.58
N ALA C 298 17.00 -35.47 -12.32
CA ALA C 298 16.72 -36.87 -11.98
C ALA C 298 15.41 -37.38 -12.58
N MET C 299 14.40 -36.52 -12.72
CA MET C 299 13.18 -36.98 -13.38
C MET C 299 13.39 -37.17 -14.87
N LYS C 300 14.46 -36.61 -15.42
CA LYS C 300 14.73 -36.84 -16.83
C LYS C 300 15.08 -38.29 -17.11
N SER C 301 15.53 -39.04 -16.11
CA SER C 301 15.99 -40.40 -16.30
C SER C 301 15.04 -41.45 -15.71
N SER C 302 13.73 -41.22 -15.69
CA SER C 302 12.88 -42.26 -15.12
C SER C 302 11.46 -42.18 -15.67
N GLU C 303 10.66 -43.14 -15.18
CA GLU C 303 9.26 -43.32 -15.46
C GLU C 303 8.50 -43.30 -14.15
N LEU C 304 7.48 -42.46 -14.09
CA LEU C 304 6.62 -42.31 -12.94
C LEU C 304 5.43 -43.25 -13.08
N THR C 305 5.24 -44.15 -12.13
CA THR C 305 4.03 -44.95 -12.08
C THR C 305 3.06 -44.40 -11.03
N LEU C 306 1.83 -44.20 -11.46
CA LEU C 306 0.84 -43.51 -10.64
C LEU C 306 -0.54 -44.04 -10.97
N GLU C 307 -1.37 -44.22 -9.94
CA GLU C 307 -2.65 -44.92 -10.09
C GLU C 307 -3.77 -43.96 -10.39
N MET C 308 -4.33 -44.06 -11.60
CA MET C 308 -5.36 -43.16 -12.07
C MET C 308 -6.60 -43.97 -12.47
N GLY C 309 -7.74 -43.65 -11.88
CA GLY C 309 -8.97 -44.33 -12.21
C GLY C 309 -8.98 -45.82 -11.92
N GLY C 310 -8.17 -46.27 -10.96
CA GLY C 310 -8.01 -47.67 -10.64
C GLY C 310 -6.90 -48.37 -11.39
N ILE C 311 -6.45 -47.81 -12.50
CA ILE C 311 -5.48 -48.47 -13.36
C ILE C 311 -4.14 -47.78 -13.18
N PRO C 312 -3.09 -48.48 -12.80
CA PRO C 312 -1.75 -47.87 -12.83
C PRO C 312 -1.33 -47.47 -14.23
N ARG C 313 -0.82 -46.23 -14.35
CA ARG C 313 -0.34 -45.66 -15.60
C ARG C 313 1.12 -45.28 -15.46
N THR C 314 1.80 -45.19 -16.61
CA THR C 314 3.21 -44.84 -16.70
C THR C 314 3.37 -43.50 -17.43
N PHE C 315 4.26 -42.64 -16.90
CA PHE C 315 4.48 -41.31 -17.47
C PHE C 315 5.97 -41.04 -17.62
N LYS C 316 6.35 -40.56 -18.79
CA LYS C 316 7.66 -39.99 -19.05
C LYS C 316 7.52 -38.48 -19.20
N PHE C 317 8.54 -37.74 -18.79
CA PHE C 317 8.49 -36.28 -18.79
C PHE C 317 9.54 -35.66 -19.71
N ILE C 318 9.12 -34.65 -20.46
CA ILE C 318 10.02 -33.83 -21.27
C ILE C 318 9.95 -32.40 -20.73
N PHE C 319 11.08 -31.91 -20.21
CA PHE C 319 11.15 -30.59 -19.60
C PHE C 319 11.69 -29.58 -20.60
N ARG C 320 10.91 -28.53 -20.86
CA ARG C 320 11.28 -27.46 -21.75
C ARG C 320 11.21 -26.13 -21.01
N GLY C 321 12.38 -25.57 -20.71
CA GLY C 321 12.43 -24.27 -20.05
C GLY C 321 12.24 -23.06 -20.94
N THR C 322 11.00 -22.60 -21.10
CA THR C 322 10.75 -21.54 -22.05
C THR C 322 10.24 -20.26 -21.42
N GLY C 323 9.79 -20.32 -20.17
CA GLY C 323 9.24 -19.16 -19.50
C GLY C 323 10.29 -18.31 -18.82
N TYR C 324 11.33 -17.95 -19.56
CA TYR C 324 12.42 -17.13 -19.08
C TYR C 324 12.53 -15.94 -20.02
N ASP C 325 12.37 -14.74 -19.48
CA ASP C 325 12.61 -13.58 -20.34
C ASP C 325 14.11 -13.42 -20.57
N GLU C 326 14.47 -12.57 -21.53
CA GLU C 326 15.88 -12.47 -21.94
C GLU C 326 16.81 -12.33 -20.73
N LYS C 327 16.49 -11.41 -19.81
CA LYS C 327 17.41 -11.14 -18.72
C LYS C 327 17.68 -12.39 -17.89
N LEU C 328 16.64 -13.15 -17.56
CA LEU C 328 16.83 -14.32 -16.74
C LEU C 328 17.57 -15.42 -17.51
N VAL C 329 17.33 -15.53 -18.83
CA VAL C 329 18.09 -16.48 -19.63
C VAL C 329 19.57 -16.13 -19.60
N ARG C 330 19.90 -14.87 -19.90
CA ARG C 330 21.31 -14.47 -19.89
C ARG C 330 21.92 -14.71 -18.52
N GLU C 331 21.15 -14.53 -17.46
CA GLU C 331 21.69 -14.74 -16.13
C GLU C 331 21.98 -16.22 -15.87
N VAL C 332 21.01 -17.10 -16.18
CA VAL C 332 21.13 -18.51 -15.83
C VAL C 332 21.87 -19.34 -16.87
N GLU C 333 22.21 -18.77 -18.02
CA GLU C 333 23.01 -19.46 -19.03
C GLU C 333 24.40 -18.82 -19.19
N GLY C 334 24.89 -18.17 -18.13
CA GLY C 334 26.24 -17.63 -18.06
C GLY C 334 26.62 -16.58 -19.08
N LEU C 335 25.65 -16.06 -19.82
CA LEU C 335 25.94 -15.03 -20.79
C LEU C 335 26.05 -13.68 -20.10
N GLU C 336 26.50 -12.68 -20.86
CA GLU C 336 26.64 -11.34 -20.36
C GLU C 336 25.29 -10.62 -20.32
N ALA C 337 25.31 -9.45 -19.69
CA ALA C 337 24.12 -8.62 -19.55
C ALA C 337 23.70 -8.06 -20.90
N SER C 338 22.48 -7.53 -20.95
CA SER C 338 21.80 -7.25 -22.21
C SER C 338 22.47 -6.16 -23.04
N GLY C 339 23.37 -5.37 -22.43
CA GLY C 339 24.15 -4.35 -23.12
C GLY C 339 25.28 -4.88 -23.98
N SER C 340 25.56 -6.18 -23.87
CA SER C 340 26.72 -6.79 -24.49
C SER C 340 26.73 -6.60 -25.99
N VAL C 341 27.86 -6.97 -26.60
CA VAL C 341 27.93 -7.06 -28.05
C VAL C 341 27.33 -8.36 -28.57
N TYR C 342 27.22 -9.39 -27.75
CA TYR C 342 26.65 -10.65 -28.23
C TYR C 342 25.16 -10.58 -27.96
N ILE C 343 24.43 -10.11 -28.95
CA ILE C 343 23.05 -9.73 -28.71
C ILE C 343 22.13 -10.95 -28.62
N CYS C 344 22.42 -11.99 -29.39
CA CYS C 344 21.51 -13.13 -29.48
C CYS C 344 21.82 -14.10 -28.37
N THR C 345 20.78 -14.62 -27.71
CA THR C 345 20.91 -15.75 -26.79
C THR C 345 20.84 -17.08 -27.52
N LEU C 346 20.57 -17.04 -28.81
CA LEU C 346 20.48 -18.23 -29.62
C LEU C 346 21.67 -18.42 -30.55
N CYS C 347 22.48 -17.38 -30.80
CA CYS C 347 23.57 -17.50 -31.78
C CYS C 347 24.74 -16.61 -31.40
N ASP C 348 25.85 -16.80 -32.10
CA ASP C 348 27.11 -16.18 -31.73
C ASP C 348 27.29 -14.83 -32.35
N THR C 349 26.26 -14.27 -32.98
CA THR C 349 26.47 -13.05 -33.71
C THR C 349 26.77 -11.87 -32.78
N THR C 350 27.32 -10.81 -33.36
CA THR C 350 27.52 -9.55 -32.67
C THR C 350 26.56 -8.52 -33.25
N ARG C 351 26.27 -7.48 -32.46
CA ARG C 351 25.37 -6.41 -32.89
C ARG C 351 25.79 -5.89 -34.27
N LEU C 352 27.10 -5.69 -34.46
CA LEU C 352 27.62 -5.25 -35.75
C LEU C 352 27.39 -6.31 -36.83
N GLU C 353 27.71 -7.57 -36.52
CA GLU C 353 27.51 -8.67 -37.47
C GLU C 353 26.04 -8.84 -37.84
N ALA C 354 25.15 -8.86 -36.83
CA ALA C 354 23.73 -9.06 -37.11
C ALA C 354 23.12 -7.87 -37.83
N SER C 355 23.75 -6.69 -37.78
CA SER C 355 23.27 -5.59 -38.58
C SER C 355 23.80 -5.63 -40.02
N GLN C 356 24.97 -6.26 -40.25
CA GLN C 356 25.47 -6.40 -41.62
C GLN C 356 24.94 -7.64 -42.35
N ASN C 357 24.81 -8.77 -41.65
CA ASN C 357 24.18 -9.99 -42.14
C ASN C 357 22.81 -10.10 -41.50
N LEU C 358 21.76 -9.72 -42.23
CA LEU C 358 20.45 -9.65 -41.58
C LEU C 358 19.89 -11.03 -41.28
N VAL C 359 19.91 -11.94 -42.25
CA VAL C 359 19.03 -13.09 -42.23
C VAL C 359 19.72 -14.41 -41.91
N PHE C 360 20.97 -14.60 -42.36
CA PHE C 360 21.61 -15.92 -42.37
C PHE C 360 22.40 -16.18 -41.10
N HIS C 361 21.71 -16.79 -40.13
CA HIS C 361 22.26 -17.25 -38.86
C HIS C 361 21.48 -18.48 -38.47
N SER C 362 22.15 -19.42 -37.81
CA SER C 362 21.47 -20.58 -37.25
C SER C 362 21.53 -20.55 -35.73
N ILE C 363 20.61 -21.28 -35.12
CA ILE C 363 20.61 -21.41 -33.66
C ILE C 363 21.77 -22.32 -33.31
N THR C 364 22.78 -21.78 -32.64
CA THR C 364 23.97 -22.55 -32.34
C THR C 364 24.24 -22.73 -30.86
N ARG C 365 23.73 -21.86 -30.00
CA ARG C 365 23.93 -22.03 -28.58
C ARG C 365 23.10 -23.17 -28.03
N SER C 366 23.59 -23.75 -26.95
CA SER C 366 22.95 -24.86 -26.24
C SER C 366 23.62 -24.96 -24.88
N HIS C 367 22.87 -25.45 -23.89
CA HIS C 367 23.36 -25.39 -22.51
C HIS C 367 24.76 -25.97 -22.41
N ALA C 368 25.01 -27.07 -23.11
CA ALA C 368 26.31 -27.71 -23.03
C ALA C 368 27.40 -26.82 -23.62
N GLU C 369 27.17 -26.24 -24.80
CA GLU C 369 28.16 -25.34 -25.36
C GLU C 369 28.51 -24.26 -24.36
N ASN C 370 27.50 -23.70 -23.68
CA ASN C 370 27.77 -22.61 -22.74
C ASN C 370 28.60 -23.09 -21.56
N LEU C 371 28.30 -24.28 -21.02
CA LEU C 371 29.12 -24.83 -19.95
C LEU C 371 30.58 -25.00 -20.38
N GLN C 372 30.78 -25.53 -21.58
CA GLN C 372 32.14 -25.67 -22.12
C GLN C 372 32.82 -24.32 -22.21
N ARG C 373 32.12 -23.34 -22.79
CA ARG C 373 32.75 -22.05 -22.99
C ARG C 373 33.08 -21.37 -21.68
N TYR C 374 32.26 -21.55 -20.65
CA TYR C 374 32.66 -21.07 -19.34
C TYR C 374 33.95 -21.72 -18.90
N GLU C 375 34.06 -23.04 -19.06
CA GLU C 375 35.29 -23.69 -18.64
C GLU C 375 36.49 -23.16 -19.41
N VAL C 376 36.28 -22.87 -20.68
CA VAL C 376 37.33 -22.26 -21.49
C VAL C 376 37.73 -20.91 -20.91
N TRP C 377 36.75 -20.08 -20.59
CA TRP C 377 37.01 -18.76 -20.01
C TRP C 377 37.80 -18.89 -18.71
N ARG C 378 37.38 -19.80 -17.84
CA ARG C 378 37.98 -19.94 -16.51
C ARG C 378 39.40 -20.51 -16.58
N SER C 379 39.69 -21.39 -17.55
CA SER C 379 41.03 -21.95 -17.66
C SER C 379 41.92 -21.21 -18.64
N ASN C 380 41.33 -20.51 -19.61
CA ASN C 380 42.07 -19.73 -20.61
C ASN C 380 43.20 -20.58 -21.19
N PRO C 381 42.88 -21.70 -21.83
CA PRO C 381 43.93 -22.68 -22.13
C PRO C 381 44.87 -22.25 -23.23
N TYR C 382 44.52 -21.28 -24.06
CA TYR C 382 45.46 -20.86 -25.08
C TYR C 382 46.14 -19.56 -24.72
N HIS C 383 46.09 -19.20 -23.44
CA HIS C 383 46.82 -18.06 -22.89
C HIS C 383 46.63 -16.78 -23.73
N GLU C 384 45.38 -16.31 -23.79
CA GLU C 384 44.98 -15.16 -24.56
C GLU C 384 44.78 -13.92 -23.69
N SER C 385 44.77 -12.76 -24.35
CA SER C 385 44.34 -11.56 -23.66
C SER C 385 42.84 -11.64 -23.38
N VAL C 386 42.38 -10.77 -22.48
CA VAL C 386 40.98 -10.84 -22.07
C VAL C 386 40.06 -10.56 -23.27
N GLU C 387 40.44 -9.63 -24.15
CA GLU C 387 39.65 -9.38 -25.36
C GLU C 387 39.56 -10.62 -26.25
N GLU C 388 40.70 -11.24 -26.53
CA GLU C 388 40.73 -12.43 -27.37
C GLU C 388 39.94 -13.58 -26.75
N LEU C 389 40.09 -13.76 -25.44
CA LEU C 389 39.34 -14.79 -24.71
C LEU C 389 37.83 -14.57 -24.82
N ARG C 390 37.38 -13.34 -24.55
CA ARG C 390 35.96 -13.03 -24.67
C ARG C 390 35.44 -13.30 -26.07
N ASP C 391 36.23 -12.94 -27.10
CA ASP C 391 35.87 -13.30 -28.48
C ASP C 391 35.76 -14.81 -28.66
N ARG C 392 36.66 -15.56 -28.02
CA ARG C 392 36.61 -17.00 -28.20
C ARG C 392 35.34 -17.58 -27.59
N VAL C 393 35.01 -17.18 -26.36
CA VAL C 393 33.89 -17.81 -25.66
C VAL C 393 32.59 -17.08 -25.92
N LYS C 394 32.60 -16.10 -26.82
CA LYS C 394 31.39 -15.44 -27.29
C LYS C 394 30.50 -14.92 -26.16
N GLY C 395 31.11 -14.27 -25.18
CA GLY C 395 30.29 -13.67 -24.15
C GLY C 395 29.81 -14.61 -23.09
N VAL C 396 30.14 -15.89 -23.15
CA VAL C 396 29.85 -16.79 -22.05
C VAL C 396 30.97 -16.62 -21.03
N SER C 397 30.75 -15.76 -20.03
CA SER C 397 31.79 -15.42 -19.05
C SER C 397 31.41 -15.84 -17.64
N ALA C 398 30.35 -16.63 -17.49
CA ALA C 398 29.97 -17.18 -16.20
C ALA C 398 29.41 -18.58 -16.41
N LYS C 399 29.37 -19.35 -15.34
CA LYS C 399 29.03 -20.75 -15.46
C LYS C 399 27.52 -20.92 -15.49
N PRO C 400 26.93 -21.47 -16.55
CA PRO C 400 25.49 -21.69 -16.57
C PRO C 400 25.09 -22.63 -15.46
N PHE C 401 23.84 -22.52 -15.05
CA PHE C 401 23.31 -23.47 -14.08
C PHE C 401 21.85 -23.87 -14.32
N ILE C 402 21.23 -23.39 -15.39
CA ILE C 402 19.90 -23.85 -15.79
C ILE C 402 19.88 -24.02 -17.30
N GLU C 403 19.50 -25.22 -17.75
CA GLU C 403 19.32 -25.47 -19.18
C GLU C 403 17.97 -24.91 -19.63
N THR C 404 17.99 -23.92 -20.50
CA THR C 404 16.77 -23.25 -20.97
C THR C 404 16.57 -23.50 -22.44
N VAL C 405 15.34 -23.23 -22.90
CA VAL C 405 15.05 -23.08 -24.32
C VAL C 405 14.71 -21.63 -24.62
N PRO C 406 15.71 -20.77 -24.84
CA PRO C 406 15.42 -19.36 -25.04
C PRO C 406 14.71 -19.12 -26.36
N SER C 407 13.71 -18.25 -26.32
CA SER C 407 12.84 -17.99 -27.47
C SER C 407 12.60 -16.49 -27.59
N ILE C 408 11.51 -16.14 -28.27
CA ILE C 408 11.02 -14.79 -28.45
C ILE C 408 9.50 -14.90 -28.46
N ASP C 409 8.82 -13.77 -28.27
CA ASP C 409 7.36 -13.75 -28.26
C ASP C 409 6.81 -12.86 -29.36
N ALA C 410 5.53 -13.08 -29.68
CA ALA C 410 4.97 -12.42 -30.86
C ALA C 410 5.12 -10.92 -30.75
N LEU C 411 5.06 -10.41 -29.52
CA LEU C 411 5.12 -8.99 -29.25
C LEU C 411 6.37 -8.33 -29.82
N HIS C 412 7.53 -8.91 -29.52
CA HIS C 412 8.77 -8.23 -29.84
C HIS C 412 9.04 -8.20 -31.34
N CYS C 413 8.48 -9.12 -32.13
CA CYS C 413 8.62 -9.03 -33.58
C CYS C 413 7.97 -7.75 -34.13
N ASP C 414 6.67 -7.57 -33.84
CA ASP C 414 5.98 -6.35 -34.19
C ASP C 414 6.75 -5.13 -33.69
N ILE C 415 7.34 -5.24 -32.50
CA ILE C 415 8.00 -4.08 -31.89
C ILE C 415 9.27 -3.70 -32.64
N GLY C 416 10.17 -4.66 -32.87
CA GLY C 416 11.38 -4.38 -33.63
C GLY C 416 11.06 -3.81 -35.00
N ASN C 417 10.10 -4.44 -35.69
CA ASN C 417 9.71 -3.97 -37.01
C ASN C 417 9.16 -2.54 -36.95
N ALA C 418 8.33 -2.23 -35.96
CA ALA C 418 7.75 -0.89 -35.86
C ALA C 418 8.81 0.16 -35.60
N ALA C 419 9.73 -0.10 -34.66
CA ALA C 419 10.81 0.86 -34.45
C ALA C 419 11.56 1.16 -35.74
N GLU C 420 11.88 0.11 -36.51
CA GLU C 420 12.60 0.37 -37.76
C GLU C 420 11.74 1.15 -38.76
N PHE C 421 10.47 0.79 -38.91
CA PHE C 421 9.60 1.52 -39.83
C PHE C 421 9.43 2.98 -39.43
N TYR C 422 9.26 3.27 -38.14
CA TYR C 422 9.13 4.64 -37.63
C TYR C 422 10.37 5.47 -37.94
N LYS C 423 11.55 4.89 -37.74
CA LYS C 423 12.76 5.61 -38.12
C LYS C 423 12.85 5.79 -39.64
N ILE C 424 12.39 4.80 -40.41
CA ILE C 424 12.34 4.95 -41.87
C ILE C 424 11.39 6.08 -42.28
N PHE C 425 10.23 6.18 -41.63
CA PHE C 425 9.29 7.25 -41.93
C PHE C 425 9.93 8.62 -41.68
N GLN C 426 10.51 8.81 -40.50
CA GLN C 426 11.23 10.06 -40.20
C GLN C 426 12.23 10.37 -41.30
N LEU C 427 13.07 9.39 -41.67
CA LEU C 427 14.13 9.65 -42.63
C LEU C 427 13.63 9.75 -44.08
N GLU C 428 12.44 9.23 -44.38
CA GLU C 428 11.82 9.42 -45.69
C GLU C 428 11.14 10.77 -45.84
N ILE C 429 10.75 11.38 -44.72
CA ILE C 429 10.20 12.74 -44.75
C ILE C 429 11.30 13.76 -45.00
N GLY C 430 12.46 13.59 -44.38
CA GLY C 430 13.55 14.50 -44.67
C GLY C 430 14.35 14.21 -45.93
N GLU C 431 13.94 13.21 -46.73
CA GLU C 431 14.63 12.85 -47.99
C GLU C 431 16.11 12.55 -47.78
N VAL C 432 16.44 11.80 -46.71
CA VAL C 432 17.84 11.47 -46.45
C VAL C 432 18.44 10.66 -47.60
N TYR C 433 17.62 9.88 -48.32
CA TYR C 433 18.10 9.17 -49.51
C TYR C 433 18.71 10.13 -50.52
N LYS C 434 18.36 11.40 -50.43
CA LYS C 434 18.86 12.48 -51.27
C LYS C 434 19.83 13.40 -50.54
N HIS C 435 19.64 13.65 -49.25
CA HIS C 435 20.50 14.53 -48.45
C HIS C 435 21.20 13.70 -47.39
N PRO C 436 22.51 13.51 -47.46
CA PRO C 436 23.16 12.63 -46.48
C PRO C 436 23.22 13.21 -45.08
N ASN C 437 23.43 14.52 -44.94
CA ASN C 437 23.72 15.13 -43.65
C ASN C 437 22.52 15.93 -43.16
N ALA C 438 22.30 15.91 -41.84
CA ALA C 438 21.24 16.65 -41.16
C ALA C 438 21.64 16.94 -39.72
N SER C 439 21.29 18.14 -39.25
CA SER C 439 21.46 18.51 -37.86
C SER C 439 20.42 17.82 -36.98
N LYS C 440 20.65 17.83 -35.67
CA LYS C 440 19.65 17.28 -34.74
C LYS C 440 18.33 18.04 -34.81
N GLU C 441 18.40 19.35 -35.03
CA GLU C 441 17.18 20.15 -35.19
C GLU C 441 16.35 19.66 -36.37
N GLU C 442 17.01 19.39 -37.50
CA GLU C 442 16.29 18.95 -38.69
C GLU C 442 15.60 17.60 -38.44
N ARG C 443 16.25 16.72 -37.67
CA ARG C 443 15.67 15.41 -37.35
C ARG C 443 14.49 15.52 -36.38
N LYS C 444 14.62 16.37 -35.35
CA LYS C 444 13.49 16.61 -34.45
C LYS C 444 12.31 17.24 -35.18
N ARG C 445 12.57 18.09 -36.17
CA ARG C 445 11.45 18.66 -36.92
C ARG C 445 10.81 17.64 -37.83
N TRP C 446 11.59 16.73 -38.42
CA TRP C 446 10.98 15.62 -39.17
C TRP C 446 10.09 14.77 -38.26
N GLN C 447 10.60 14.37 -37.10
CA GLN C 447 9.80 13.55 -36.18
C GLN C 447 8.56 14.29 -35.73
N ALA C 448 8.69 15.58 -35.41
CA ALA C 448 7.51 16.36 -35.04
C ALA C 448 6.50 16.38 -36.18
N THR C 449 6.98 16.58 -37.42
CA THR C 449 6.11 16.57 -38.59
C THR C 449 5.33 15.25 -38.65
N LEU C 450 6.05 14.14 -38.54
CA LEU C 450 5.40 12.85 -38.65
C LEU C 450 4.41 12.64 -37.50
N ASP C 451 4.77 13.08 -36.29
CA ASP C 451 3.91 12.91 -35.12
C ASP C 451 2.61 13.72 -35.29
N LYS C 452 2.75 14.98 -35.70
CA LYS C 452 1.57 15.83 -35.97
C LYS C 452 0.71 15.24 -37.07
N HIS C 453 1.32 14.73 -38.14
CA HIS C 453 0.52 14.20 -39.24
C HIS C 453 -0.19 12.92 -38.84
N LEU C 454 0.47 12.04 -38.07
CA LEU C 454 -0.20 10.81 -37.62
C LEU C 454 -1.33 11.13 -36.64
N ARG C 455 -1.12 12.06 -35.71
CA ARG C 455 -2.20 12.52 -34.86
C ARG C 455 -3.38 13.04 -35.69
N LYS C 456 -3.08 13.83 -36.73
CA LYS C 456 -4.13 14.49 -37.50
C LYS C 456 -4.90 13.49 -38.37
N ARG C 457 -4.18 12.70 -39.18
CA ARG C 457 -4.81 11.85 -40.18
C ARG C 457 -5.10 10.44 -39.70
N MET C 458 -4.38 9.93 -38.69
CA MET C 458 -4.60 8.57 -38.21
C MET C 458 -5.20 8.50 -36.82
N ASN C 459 -5.27 9.62 -36.09
CA ASN C 459 -5.73 9.61 -34.71
C ASN C 459 -4.89 8.66 -33.85
N LEU C 460 -3.61 8.50 -34.19
CA LEU C 460 -2.64 7.84 -33.32
C LEU C 460 -1.93 8.88 -32.48
N LYS C 461 -1.98 8.72 -31.16
CA LYS C 461 -1.24 9.64 -30.29
C LYS C 461 0.25 9.35 -30.47
N PRO C 462 1.09 10.38 -30.47
CA PRO C 462 2.54 10.12 -30.47
C PRO C 462 2.96 9.62 -29.11
N ILE C 463 3.97 8.76 -29.12
CA ILE C 463 4.49 8.11 -27.92
C ILE C 463 5.98 8.40 -27.85
N MET C 464 6.44 8.65 -26.64
CA MET C 464 7.84 8.93 -26.44
C MET C 464 8.64 7.69 -26.14
N ARG C 465 7.97 6.58 -25.90
CA ARG C 465 8.67 5.33 -25.65
C ARG C 465 7.89 4.22 -26.34
N MET C 466 8.60 3.26 -26.94
CA MET C 466 7.97 2.24 -27.76
C MET C 466 7.04 1.40 -26.89
N ASN C 467 6.13 0.70 -27.55
CA ASN C 467 5.16 -0.14 -26.85
C ASN C 467 4.46 -1.06 -27.87
N GLY C 468 3.76 -2.06 -27.35
CA GLY C 468 3.12 -3.06 -28.18
C GLY C 468 2.01 -2.57 -29.11
N ASN C 469 0.93 -2.01 -28.56
CA ASN C 469 -0.21 -1.71 -29.43
C ASN C 469 0.08 -0.58 -30.41
N PHE C 470 1.01 0.32 -30.06
CA PHE C 470 1.50 1.29 -31.04
C PHE C 470 2.05 0.60 -32.28
N ALA C 471 2.93 -0.39 -32.07
CA ALA C 471 3.41 -1.21 -33.18
C ALA C 471 2.24 -1.85 -33.91
N ARG C 472 1.29 -2.39 -33.16
CA ARG C 472 0.14 -3.05 -33.77
C ARG C 472 -0.63 -2.09 -34.67
N LYS C 473 -0.80 -0.85 -34.25
CA LYS C 473 -1.62 0.10 -35.00
C LYS C 473 -0.84 0.77 -36.12
N LEU C 474 0.49 0.92 -35.98
CA LEU C 474 1.30 1.59 -36.99
C LEU C 474 1.60 0.72 -38.20
N MET C 475 1.76 -0.60 -38.00
CA MET C 475 2.08 -1.53 -39.08
C MET C 475 0.82 -1.90 -39.87
N THR C 476 0.32 -0.92 -40.62
CA THR C 476 -0.79 -1.11 -41.54
C THR C 476 -0.43 -0.42 -42.86
N GLN C 477 -1.06 -0.87 -43.95
CA GLN C 477 -0.82 -0.24 -45.23
C GLN C 477 -1.48 1.12 -45.31
N GLU C 478 -2.57 1.31 -44.55
CA GLU C 478 -3.25 2.61 -44.51
C GLU C 478 -2.31 3.70 -44.01
N THR C 479 -1.51 3.39 -42.98
CA THR C 479 -0.54 4.37 -42.49
C THR C 479 0.57 4.60 -43.51
N VAL C 480 0.88 3.60 -44.33
CA VAL C 480 1.84 3.83 -45.40
C VAL C 480 1.29 4.83 -46.40
N ASP C 481 0.01 4.68 -46.76
CA ASP C 481 -0.65 5.69 -47.60
C ASP C 481 -0.55 7.08 -46.99
N ALA C 482 -0.96 7.20 -45.72
CA ALA C 482 -0.86 8.45 -44.99
C ALA C 482 0.54 9.07 -45.06
N VAL C 483 1.58 8.29 -44.77
CA VAL C 483 2.93 8.86 -44.78
C VAL C 483 3.38 9.16 -46.20
N CYS C 484 2.87 8.42 -47.20
CA CYS C 484 3.15 8.74 -48.59
C CYS C 484 2.59 10.10 -48.97
N GLU C 485 1.48 10.48 -48.34
CA GLU C 485 1.00 11.86 -48.48
C GLU C 485 2.03 12.91 -48.06
N LEU C 486 3.16 12.52 -47.46
CA LEU C 486 4.19 13.48 -47.06
C LEU C 486 5.49 13.30 -47.84
N ILE C 487 5.59 12.29 -48.69
CA ILE C 487 6.82 11.99 -49.43
C ILE C 487 6.63 12.43 -50.86
N PRO C 488 7.53 13.24 -51.42
CA PRO C 488 7.33 13.75 -52.78
C PRO C 488 7.46 12.67 -53.82
N SER C 489 8.57 11.93 -53.78
CA SER C 489 8.90 11.00 -54.84
C SER C 489 8.05 9.74 -54.68
N GLU C 490 7.42 9.30 -55.77
CA GLU C 490 6.56 8.12 -55.73
C GLU C 490 7.32 6.81 -55.91
N GLU C 491 8.57 6.85 -56.39
CA GLU C 491 9.41 5.66 -56.33
C GLU C 491 9.62 5.21 -54.89
N ARG C 492 9.69 6.16 -53.96
CA ARG C 492 9.82 5.77 -52.57
C ARG C 492 8.49 5.40 -51.96
N HIS C 493 7.39 5.89 -52.53
CA HIS C 493 6.07 5.33 -52.22
C HIS C 493 6.03 3.85 -52.57
N GLU C 494 6.55 3.48 -53.75
CA GLU C 494 6.63 2.08 -54.12
C GLU C 494 7.51 1.29 -53.15
N ALA C 495 8.66 1.86 -52.79
CA ALA C 495 9.56 1.20 -51.83
C ALA C 495 8.86 0.90 -50.51
N LEU C 496 8.21 1.91 -49.94
CA LEU C 496 7.55 1.75 -48.66
C LEU C 496 6.38 0.78 -48.74
N ARG C 497 5.59 0.86 -49.82
CA ARG C 497 4.46 -0.06 -49.97
C ARG C 497 4.93 -1.49 -50.05
N GLU C 498 6.01 -1.74 -50.79
CA GLU C 498 6.53 -3.10 -50.87
C GLU C 498 7.08 -3.57 -49.53
N LEU C 499 7.90 -2.75 -48.86
CA LEU C 499 8.47 -3.12 -47.56
C LEU C 499 7.36 -3.50 -46.57
N MET C 500 6.30 -2.69 -46.50
CA MET C 500 5.21 -3.00 -45.57
C MET C 500 4.42 -4.22 -46.03
N ASP C 501 4.32 -4.44 -47.34
CA ASP C 501 3.67 -5.65 -47.82
C ASP C 501 4.44 -6.90 -47.37
N LEU C 502 5.77 -6.85 -47.43
CA LEU C 502 6.57 -7.96 -46.93
C LEU C 502 6.36 -8.14 -45.43
N TYR C 503 6.35 -7.03 -44.66
CA TYR C 503 6.05 -7.15 -43.24
C TYR C 503 4.72 -7.87 -43.03
N LEU C 504 3.72 -7.51 -43.82
CA LEU C 504 2.41 -8.09 -43.60
C LEU C 504 2.35 -9.54 -44.07
N LYS C 505 3.21 -9.91 -45.04
CA LYS C 505 3.31 -11.31 -45.45
C LYS C 505 3.94 -12.17 -44.37
N MET C 506 4.89 -11.61 -43.61
CA MET C 506 5.55 -12.38 -42.55
C MET C 506 4.71 -12.47 -41.27
N LYS C 507 4.10 -11.35 -40.85
CA LYS C 507 3.41 -11.24 -39.55
C LYS C 507 2.56 -12.45 -39.14
N PRO C 508 1.70 -13.01 -40.01
CA PRO C 508 0.86 -14.13 -39.55
C PRO C 508 1.66 -15.27 -38.96
N VAL C 509 2.88 -15.46 -39.47
CA VAL C 509 3.76 -16.55 -39.02
C VAL C 509 4.03 -16.44 -37.53
N TRP C 510 4.57 -15.30 -37.09
CA TRP C 510 4.93 -15.19 -35.68
C TRP C 510 3.74 -14.82 -34.81
N ARG C 511 2.60 -14.49 -35.41
CA ARG C 511 1.52 -14.15 -34.50
C ARG C 511 0.55 -15.30 -34.28
N SER C 512 0.37 -16.17 -35.27
CA SER C 512 -0.61 -17.24 -35.16
C SER C 512 -0.24 -18.22 -34.06
N SER C 513 -1.23 -19.00 -33.62
CA SER C 513 -0.99 -20.02 -32.60
C SER C 513 -0.43 -21.31 -33.18
N CYS C 514 -0.80 -21.66 -34.41
CA CYS C 514 -0.19 -22.79 -35.11
C CYS C 514 -0.03 -22.43 -36.57
N PRO C 515 1.06 -21.75 -36.91
CA PRO C 515 1.30 -21.39 -38.32
C PRO C 515 1.25 -22.56 -39.27
N ALA C 516 1.69 -23.74 -38.82
CA ALA C 516 1.64 -24.92 -39.67
C ALA C 516 0.25 -25.11 -40.26
N LYS C 517 -0.79 -25.07 -39.41
CA LYS C 517 -2.14 -25.28 -39.88
C LYS C 517 -2.81 -24.00 -40.37
N GLU C 518 -2.51 -22.87 -39.75
CA GLU C 518 -3.34 -21.69 -39.98
C GLU C 518 -2.89 -20.88 -41.18
N CYS C 519 -1.61 -20.91 -41.49
CA CYS C 519 -1.16 -20.21 -42.69
C CYS C 519 0.08 -20.90 -43.25
N PRO C 520 -0.05 -22.14 -43.71
CA PRO C 520 1.13 -22.88 -44.20
C PRO C 520 1.91 -22.18 -45.31
N GLU C 521 1.26 -21.42 -46.20
CA GLU C 521 1.99 -20.78 -47.29
C GLU C 521 2.86 -19.64 -46.79
N SER C 522 2.35 -18.88 -45.81
CA SER C 522 3.14 -17.80 -45.23
C SER C 522 4.42 -18.36 -44.62
N LEU C 523 4.31 -19.46 -43.88
CA LEU C 523 5.45 -20.09 -43.21
C LEU C 523 6.45 -20.64 -44.23
N CYS C 524 5.94 -21.36 -45.25
CA CYS C 524 6.82 -21.83 -46.32
C CYS C 524 7.61 -20.68 -46.90
N GLN C 525 6.96 -19.54 -47.09
CA GLN C 525 7.63 -18.45 -47.77
C GLN C 525 8.39 -17.52 -46.83
N TYR C 526 8.33 -17.73 -45.50
CA TYR C 526 8.92 -16.78 -44.56
C TYR C 526 10.38 -16.50 -44.86
N SER C 527 11.16 -17.55 -45.12
CA SER C 527 12.58 -17.34 -45.37
C SER C 527 12.78 -16.45 -46.60
N PHE C 528 12.00 -16.71 -47.66
CA PHE C 528 12.11 -15.92 -48.89
C PHE C 528 11.70 -14.46 -48.66
N ASN C 529 10.64 -14.26 -47.91
CA ASN C 529 10.15 -12.91 -47.65
C ASN C 529 11.13 -12.11 -46.82
N SER C 530 11.75 -12.74 -45.81
CA SER C 530 12.74 -12.02 -45.01
C SER C 530 14.01 -11.75 -45.82
N GLN C 531 14.36 -12.65 -46.76
CA GLN C 531 15.50 -12.38 -47.62
C GLN C 531 15.25 -11.14 -48.48
N ARG C 532 14.07 -11.08 -49.09
CA ARG C 532 13.73 -9.95 -49.95
C ARG C 532 13.59 -8.66 -49.14
N PHE C 533 13.04 -8.76 -47.93
CA PHE C 533 12.95 -7.64 -46.99
C PHE C 533 14.33 -7.04 -46.71
N ALA C 534 15.30 -7.89 -46.33
CA ALA C 534 16.64 -7.41 -46.04
C ALA C 534 17.30 -6.84 -47.28
N GLU C 535 17.03 -7.46 -48.44
CA GLU C 535 17.63 -6.97 -49.67
C GLU C 535 17.07 -5.59 -50.03
N LEU C 536 15.77 -5.40 -49.83
CA LEU C 536 15.16 -4.08 -50.01
C LEU C 536 15.81 -3.06 -49.08
N LEU C 537 15.95 -3.41 -47.80
CA LEU C 537 16.57 -2.49 -46.85
C LEU C 537 18.00 -2.17 -47.26
N SER C 538 18.69 -3.13 -47.85
CA SER C 538 20.09 -2.94 -48.19
C SER C 538 20.28 -2.18 -49.51
N THR C 539 19.28 -2.17 -50.37
CA THR C 539 19.38 -1.48 -51.66
C THR C 539 18.71 -0.11 -51.65
N LYS C 540 17.39 -0.07 -51.42
CA LYS C 540 16.63 1.16 -51.54
C LYS C 540 16.50 1.93 -50.22
N PHE C 541 17.23 1.52 -49.20
CA PHE C 541 17.14 2.13 -47.87
C PHE C 541 18.53 2.19 -47.25
N LYS C 542 19.55 2.41 -48.08
CA LYS C 542 20.94 2.37 -47.61
C LYS C 542 21.17 3.21 -46.36
N TYR C 543 20.44 4.32 -46.25
CA TYR C 543 20.66 5.31 -45.19
C TYR C 543 20.35 4.74 -43.81
N ARG C 544 19.45 3.75 -43.74
CA ARG C 544 19.07 3.18 -42.46
C ARG C 544 19.94 1.99 -42.10
N TYR C 545 21.24 2.20 -42.26
CA TYR C 545 22.25 1.34 -41.67
C TYR C 545 23.21 2.20 -40.87
N GLU C 546 23.29 1.95 -39.56
CA GLU C 546 24.21 2.67 -38.70
C GLU C 546 25.00 1.72 -37.79
N GLY C 547 24.99 0.42 -38.06
CA GLY C 547 25.73 -0.53 -37.27
C GLY C 547 25.07 -0.99 -36.00
N LYS C 548 23.83 -0.61 -35.75
CA LYS C 548 23.14 -1.07 -34.55
C LYS C 548 21.94 -1.89 -34.95
N ILE C 549 21.53 -2.80 -34.07
CA ILE C 549 20.34 -3.61 -34.33
C ILE C 549 19.90 -4.24 -33.02
N THR C 550 18.59 -4.51 -32.92
CA THR C 550 17.95 -4.98 -31.71
C THR C 550 17.91 -6.50 -31.64
N ASN C 551 17.85 -6.99 -30.41
CA ASN C 551 17.65 -8.42 -30.19
C ASN C 551 16.41 -8.88 -30.93
N TYR C 552 15.34 -8.08 -30.81
CA TYR C 552 14.06 -8.50 -31.35
C TYR C 552 14.09 -8.54 -32.87
N PHE C 553 14.74 -7.56 -33.51
CA PHE C 553 14.81 -7.57 -34.97
C PHE C 553 15.62 -8.74 -35.48
N HIS C 554 16.84 -8.91 -34.95
CA HIS C 554 17.69 -10.01 -35.35
C HIS C 554 16.98 -11.36 -35.22
N LYS C 555 16.37 -11.60 -34.05
CA LYS C 555 15.58 -12.82 -33.90
C LYS C 555 14.45 -12.86 -34.93
N THR C 556 13.83 -11.72 -35.23
CA THR C 556 12.66 -11.76 -36.10
C THR C 556 13.04 -12.10 -37.53
N LEU C 557 14.19 -11.62 -37.98
CA LEU C 557 14.59 -11.82 -39.36
C LEU C 557 15.36 -13.11 -39.58
N ALA C 558 15.98 -13.68 -38.53
CA ALA C 558 16.89 -14.80 -38.71
C ALA C 558 16.45 -16.09 -38.05
N HIS C 559 15.70 -16.03 -36.96
CA HIS C 559 15.43 -17.21 -36.15
C HIS C 559 13.98 -17.64 -36.14
N VAL C 560 13.08 -16.88 -36.76
CA VAL C 560 11.64 -17.18 -36.65
C VAL C 560 11.31 -18.56 -37.21
N PRO C 561 11.80 -18.97 -38.39
CA PRO C 561 11.44 -20.31 -38.88
C PRO C 561 12.00 -21.42 -38.02
N GLU C 562 13.27 -21.30 -37.63
CA GLU C 562 13.87 -22.34 -36.80
C GLU C 562 13.16 -22.44 -35.45
N ILE C 563 12.80 -21.29 -34.87
CA ILE C 563 12.04 -21.32 -33.62
C ILE C 563 10.67 -21.98 -33.83
N ILE C 564 10.04 -21.73 -34.98
CA ILE C 564 8.75 -22.38 -35.21
C ILE C 564 8.90 -23.89 -35.33
N GLU C 565 10.02 -24.34 -35.90
CA GLU C 565 10.19 -25.78 -36.00
C GLU C 565 10.61 -26.40 -34.67
N ARG C 566 11.26 -25.62 -33.81
CA ARG C 566 11.60 -26.13 -32.48
C ARG C 566 10.39 -26.15 -31.55
N ASP C 567 9.57 -25.11 -31.56
CA ASP C 567 8.50 -24.98 -30.56
C ASP C 567 7.10 -25.16 -31.14
N GLY C 568 6.91 -24.96 -32.45
CA GLY C 568 5.59 -24.98 -33.05
C GLY C 568 4.87 -23.65 -33.11
N SER C 569 5.32 -22.65 -32.36
CA SER C 569 4.59 -21.40 -32.25
C SER C 569 5.50 -20.29 -31.75
N ILE C 570 5.07 -19.06 -32.00
CA ILE C 570 5.64 -17.91 -31.34
C ILE C 570 4.63 -17.23 -30.42
N GLY C 571 3.39 -17.07 -30.87
CA GLY C 571 2.43 -16.21 -30.17
C GLY C 571 2.02 -16.51 -28.73
N GLN C 579 2.13 -9.32 -16.19
CA GLN C 579 1.97 -8.06 -15.47
C GLN C 579 0.90 -8.15 -14.38
N SER C 580 0.57 -9.36 -13.97
CA SER C 580 -0.51 -9.62 -13.02
C SER C 580 -0.02 -10.53 -11.92
N GLY C 581 1.01 -11.32 -12.16
CA GLY C 581 1.45 -12.25 -11.16
C GLY C 581 1.81 -11.55 -9.85
N ASN C 582 2.38 -10.36 -9.96
CA ASN C 582 2.68 -9.55 -8.78
C ASN C 582 1.44 -9.21 -7.96
N LYS C 583 0.39 -8.74 -8.63
CA LYS C 583 -0.85 -8.49 -7.91
C LYS C 583 -1.35 -9.76 -7.22
N LEU C 584 -1.25 -10.91 -7.90
CA LEU C 584 -1.70 -12.17 -7.30
C LEU C 584 -0.97 -12.43 -6.01
N PHE C 585 0.36 -12.35 -6.05
CA PHE C 585 1.16 -12.59 -4.87
C PHE C 585 0.77 -11.63 -3.76
N ARG C 586 0.63 -10.35 -4.10
CA ARG C 586 0.32 -9.35 -3.07
C ARG C 586 -1.03 -9.61 -2.43
N ARG C 587 -2.05 -9.89 -3.26
CA ARG C 587 -3.40 -10.09 -2.73
C ARG C 587 -3.42 -11.27 -1.78
N PHE C 588 -2.80 -12.38 -2.18
CA PHE C 588 -2.78 -13.54 -1.29
C PHE C 588 -2.05 -13.19 -0.01
N ARG C 589 -0.97 -12.40 -0.14
CA ARG C 589 -0.20 -12.02 1.05
C ARG C 589 -1.04 -11.21 2.03
N LYS C 590 -1.91 -10.35 1.52
CA LYS C 590 -2.68 -9.47 2.40
C LYS C 590 -3.85 -10.20 3.05
N MET C 591 -4.62 -10.95 2.27
CA MET C 591 -5.96 -11.35 2.65
C MET C 591 -6.12 -12.84 2.92
N ASN C 592 -5.06 -13.63 2.78
CA ASN C 592 -5.18 -15.07 2.99
C ASN C 592 -3.96 -15.64 3.69
N ALA C 593 -3.19 -14.82 4.41
CA ALA C 593 -1.88 -15.24 4.92
C ALA C 593 -1.68 -14.85 6.37
N ARG C 594 -1.14 -15.80 7.13
CA ARG C 594 -0.75 -15.50 8.50
C ARG C 594 0.36 -14.46 8.45
N GLN C 595 0.31 -13.49 9.37
CA GLN C 595 1.23 -12.37 9.29
C GLN C 595 2.45 -12.73 10.13
N SER C 596 3.23 -13.68 9.59
CA SER C 596 4.45 -14.17 10.21
C SER C 596 5.40 -14.67 9.12
N LYS C 597 6.71 -14.40 9.28
CA LYS C 597 7.61 -14.53 8.14
C LYS C 597 7.79 -15.97 7.69
N CYS C 598 7.55 -16.95 8.55
CA CYS C 598 7.76 -18.31 8.07
C CYS C 598 6.47 -18.97 7.59
N TYR C 599 5.31 -18.53 8.06
CA TYR C 599 4.10 -19.12 7.55
C TYR C 599 3.52 -18.35 6.37
N GLU C 600 3.77 -17.05 6.25
CA GLU C 600 3.07 -16.30 5.20
C GLU C 600 3.46 -16.85 3.86
N MET C 601 4.72 -17.25 3.70
CA MET C 601 5.16 -17.75 2.41
C MET C 601 4.45 -19.04 2.07
N GLU C 602 4.36 -19.99 3.00
CA GLU C 602 3.67 -21.23 2.65
C GLU C 602 2.16 -21.04 2.56
N ASP C 603 1.57 -20.07 3.26
CA ASP C 603 0.15 -19.76 3.09
C ASP C 603 -0.15 -19.21 1.72
N VAL C 604 0.74 -18.36 1.21
CA VAL C 604 0.60 -17.85 -0.14
C VAL C 604 0.81 -18.97 -1.17
N LEU C 605 1.82 -19.83 -0.95
CA LEU C 605 2.09 -20.91 -1.90
C LEU C 605 0.91 -21.89 -1.96
N LYS C 606 0.36 -22.25 -0.79
CA LYS C 606 -0.79 -23.13 -0.76
C LYS C 606 -1.99 -22.52 -1.49
N HIS C 607 -2.27 -21.23 -1.24
CA HIS C 607 -3.40 -20.63 -1.94
C HIS C 607 -3.15 -20.52 -3.43
N HIS C 608 -1.91 -20.28 -3.83
CA HIS C 608 -1.61 -20.16 -5.25
C HIS C 608 -1.83 -21.49 -5.96
N TRP C 609 -1.34 -22.56 -5.35
CA TRP C 609 -1.56 -23.90 -5.89
C TRP C 609 -3.05 -24.21 -5.99
N LEU C 610 -3.81 -23.95 -4.93
CA LEU C 610 -5.26 -24.17 -4.99
C LEU C 610 -5.88 -23.39 -6.14
N TYR C 611 -5.41 -22.15 -6.37
CA TYR C 611 -5.91 -21.29 -7.44
C TYR C 611 -5.66 -21.89 -8.81
N THR C 612 -4.53 -22.57 -8.99
CA THR C 612 -4.16 -23.08 -10.30
C THR C 612 -4.71 -24.47 -10.57
N SER C 613 -5.51 -25.02 -9.66
CA SER C 613 -5.96 -26.41 -9.79
C SER C 613 -7.15 -26.46 -10.73
N LYS C 614 -7.02 -27.21 -11.82
CA LYS C 614 -8.11 -27.26 -12.78
C LYS C 614 -9.35 -27.85 -12.16
N TYR C 615 -9.17 -28.76 -11.21
CA TYR C 615 -10.33 -29.42 -10.60
C TYR C 615 -11.31 -28.41 -10.01
N LEU C 616 -10.81 -27.29 -9.49
CA LEU C 616 -11.69 -26.28 -8.92
C LEU C 616 -12.21 -25.33 -10.00
N GLN C 617 -11.37 -25.02 -11.00
CA GLN C 617 -11.77 -24.12 -12.08
C GLN C 617 -12.94 -24.66 -12.85
N LYS C 618 -13.05 -25.98 -12.91
CA LYS C 618 -14.18 -26.60 -13.56
C LYS C 618 -15.47 -26.29 -12.79
N PHE C 619 -15.41 -26.27 -11.45
CA PHE C 619 -16.57 -25.84 -10.66
C PHE C 619 -16.86 -24.38 -10.86
N MET C 620 -15.84 -23.57 -11.11
CA MET C 620 -16.15 -22.16 -11.36
C MET C 620 -16.60 -21.92 -12.79
N ASN C 621 -16.55 -22.93 -13.66
CA ASN C 621 -17.15 -22.88 -14.99
C ASN C 621 -18.34 -23.82 -15.14
N ALA C 622 -19.09 -24.02 -14.05
CA ALA C 622 -20.17 -25.00 -14.06
C ALA C 622 -21.30 -24.61 -14.99
N HIS C 623 -21.65 -23.31 -15.03
CA HIS C 623 -22.72 -22.78 -15.87
C HIS C 623 -22.56 -23.06 -17.36
N ASN C 624 -21.42 -23.57 -17.80
CA ASN C 624 -21.19 -23.95 -19.21
C ASN C 624 -21.41 -25.44 -19.49
N MET D 1 44.13 1.85 18.99
CA MET D 1 43.18 1.39 17.98
C MET D 1 42.02 2.39 17.77
N SER D 2 42.12 3.18 16.69
CA SER D 2 41.20 4.26 16.37
C SER D 2 40.28 3.84 15.22
N LEU D 3 38.97 4.00 15.41
CA LEU D 3 37.95 3.60 14.43
C LEU D 3 37.57 4.78 13.52
N GLN D 4 37.41 4.50 12.23
CA GLN D 4 37.17 5.54 11.23
C GLN D 4 36.16 5.11 10.17
N MET D 5 35.10 5.89 9.93
CA MET D 5 34.16 5.52 8.87
C MET D 5 34.77 5.70 7.48
N VAL D 6 34.26 4.94 6.50
CA VAL D 6 34.75 4.95 5.13
C VAL D 6 33.57 5.07 4.18
N THR D 7 33.66 5.98 3.21
CA THR D 7 32.69 6.03 2.11
C THR D 7 33.19 5.20 0.94
N VAL D 8 32.27 4.81 0.04
CA VAL D 8 32.61 3.90 -1.05
C VAL D 8 32.07 4.42 -2.38
N GLY D 9 32.77 4.06 -3.45
CA GLY D 9 32.46 4.54 -4.77
C GLY D 9 31.21 3.92 -5.31
N HIS D 10 31.05 4.02 -6.64
CA HIS D 10 29.82 3.60 -7.30
C HIS D 10 29.59 2.10 -7.16
N ASN D 11 30.67 1.31 -7.20
CA ASN D 11 30.52 -0.14 -7.17
C ASN D 11 30.64 -0.70 -5.76
N ILE D 12 29.98 -0.07 -4.78
CA ILE D 12 30.04 -0.57 -3.41
C ILE D 12 29.37 -1.92 -3.29
N ALA D 13 28.43 -2.23 -4.19
CA ALA D 13 27.69 -3.48 -4.09
C ALA D 13 28.63 -4.69 -4.23
N LEU D 14 29.78 -4.52 -4.89
CA LEU D 14 30.72 -5.61 -5.06
C LEU D 14 31.15 -6.25 -3.73
N ILE D 15 31.21 -5.48 -2.66
CA ILE D 15 31.74 -5.97 -1.40
C ILE D 15 30.70 -6.81 -0.67
N GLN D 16 31.03 -8.07 -0.40
CA GLN D 16 30.12 -9.03 0.23
C GLN D 16 30.85 -9.83 1.31
N PRO D 17 30.10 -10.38 2.27
CA PRO D 17 30.72 -11.19 3.32
C PRO D 17 31.45 -12.39 2.73
N GLY D 18 32.61 -12.71 3.30
CA GLY D 18 33.46 -13.74 2.77
C GLY D 18 34.47 -13.27 1.75
N PHE D 19 34.51 -11.97 1.46
CA PHE D 19 35.48 -11.43 0.52
C PHE D 19 36.88 -11.55 1.11
N SER D 20 37.86 -11.28 0.27
CA SER D 20 39.25 -11.35 0.67
C SER D 20 39.98 -10.09 0.23
N LEU D 21 40.96 -9.68 1.03
CA LEU D 21 41.87 -8.60 0.70
C LEU D 21 43.29 -9.14 0.76
N MET D 22 44.09 -8.76 -0.21
CA MET D 22 45.48 -9.19 -0.25
C MET D 22 46.40 -7.99 -0.44
N ASN D 23 47.61 -8.09 0.12
CA ASN D 23 48.59 -7.02 0.10
C ASN D 23 49.80 -7.42 -0.73
N PHE D 24 50.10 -6.63 -1.78
CA PHE D 24 51.25 -6.81 -2.64
C PHE D 24 52.04 -5.49 -2.67
N ASP D 25 53.19 -5.48 -2.01
CA ASP D 25 54.11 -4.33 -2.05
C ASP D 25 53.43 -3.06 -1.53
N GLY D 26 52.66 -3.22 -0.46
CA GLY D 26 51.91 -2.12 0.12
C GLY D 26 50.57 -1.87 -0.53
N GLN D 27 50.42 -2.24 -1.81
CA GLN D 27 49.17 -2.02 -2.52
C GLN D 27 48.16 -3.11 -2.16
N VAL D 28 46.96 -2.70 -1.77
CA VAL D 28 45.91 -3.63 -1.37
C VAL D 28 45.01 -3.93 -2.55
N PHE D 29 44.59 -5.19 -2.63
CA PHE D 29 43.71 -5.66 -3.68
C PHE D 29 42.55 -6.42 -3.05
N PHE D 30 41.47 -6.48 -3.81
CA PHE D 30 40.19 -6.99 -3.37
C PHE D 30 39.74 -8.10 -4.29
N PHE D 31 39.21 -9.16 -3.70
CA PHE D 31 38.79 -10.32 -4.46
C PHE D 31 37.58 -10.93 -3.80
N GLY D 32 36.67 -11.42 -4.61
CA GLY D 32 35.45 -11.98 -4.09
C GLY D 32 34.32 -11.00 -4.21
N GLN D 33 34.18 -10.42 -5.39
CA GLN D 33 33.07 -9.52 -5.61
C GLN D 33 31.78 -10.32 -5.55
N LYS D 34 30.66 -9.60 -5.38
CA LYS D 34 29.34 -10.21 -5.50
C LYS D 34 28.99 -10.41 -6.97
N GLY D 35 28.30 -11.54 -7.25
CA GLY D 35 27.92 -11.86 -8.62
C GLY D 35 29.11 -12.21 -9.50
N TRP D 36 28.83 -12.71 -10.71
CA TRP D 36 29.89 -13.03 -11.65
C TRP D 36 30.49 -11.76 -12.27
N PRO D 37 31.77 -11.79 -12.64
CA PRO D 37 32.41 -10.58 -13.16
C PRO D 37 31.63 -9.99 -14.32
N LYS D 38 31.64 -8.67 -14.39
CA LYS D 38 30.94 -7.91 -15.42
C LYS D 38 31.93 -7.28 -16.39
N ARG D 39 31.40 -6.81 -17.52
CA ARG D 39 32.24 -6.24 -18.57
C ARG D 39 33.06 -5.04 -18.10
N SER D 40 32.66 -4.39 -17.00
CA SER D 40 33.48 -3.34 -16.42
C SER D 40 34.77 -3.86 -15.78
N CYS D 41 34.74 -5.08 -15.24
CA CYS D 41 35.92 -5.70 -14.62
C CYS D 41 35.87 -7.20 -14.86
N PRO D 42 36.55 -7.69 -15.91
CA PRO D 42 36.40 -9.10 -16.24
C PRO D 42 37.06 -10.02 -15.24
N THR D 43 38.11 -9.56 -14.56
CA THR D 43 38.85 -10.43 -13.67
C THR D 43 38.14 -10.65 -12.34
N GLY D 44 37.45 -9.63 -11.84
CA GLY D 44 36.89 -9.69 -10.51
C GLY D 44 37.87 -9.38 -9.40
N VAL D 45 39.06 -8.89 -9.74
CA VAL D 45 40.07 -8.49 -8.77
C VAL D 45 40.31 -6.99 -8.94
N PHE D 46 40.30 -6.24 -7.83
CA PHE D 46 40.26 -4.78 -7.84
C PHE D 46 41.33 -4.17 -6.96
N HIS D 47 42.06 -3.19 -7.48
N HIS D 47 42.03 -3.17 -7.50
CA HIS D 47 42.84 -2.32 -6.62
CA HIS D 47 42.74 -2.23 -6.65
C HIS D 47 41.91 -1.68 -5.59
C HIS D 47 41.81 -1.72 -5.57
N PHE D 48 42.18 -1.96 -4.32
CA PHE D 48 41.37 -1.55 -3.17
C PHE D 48 42.11 -0.36 -2.57
N ASP D 49 41.71 0.86 -2.92
CA ASP D 49 42.45 2.06 -2.56
C ASP D 49 41.61 2.96 -1.65
N ILE D 50 42.09 3.23 -0.45
CA ILE D 50 41.40 4.13 0.48
C ILE D 50 42.19 5.43 0.57
N LYS D 51 41.63 6.52 0.04
CA LYS D 51 42.24 7.84 0.06
C LYS D 51 41.30 8.83 0.75
N GLN D 52 41.78 9.49 1.81
CA GLN D 52 41.00 10.44 2.59
C GLN D 52 39.67 9.83 3.05
N ASN D 53 39.76 8.60 3.57
CA ASN D 53 38.61 7.83 4.06
C ASN D 53 37.56 7.56 2.97
N HIS D 54 37.96 7.61 1.69
CA HIS D 54 37.09 7.29 0.56
C HIS D 54 37.67 6.07 -0.15
N LEU D 55 36.86 5.04 -0.35
CA LEU D 55 37.31 3.79 -0.93
C LEU D 55 36.94 3.74 -2.41
N LYS D 56 37.96 3.62 -3.26
CA LYS D 56 37.79 3.40 -4.69
C LYS D 56 38.26 2.01 -5.04
N LEU D 57 37.42 1.30 -5.79
CA LEU D 57 37.74 -0.01 -6.32
C LEU D 57 38.04 0.16 -7.80
N LYS D 58 39.26 -0.14 -8.17
CA LYS D 58 39.64 0.04 -9.56
C LYS D 58 39.96 -1.31 -10.19
N PRO D 59 39.50 -1.58 -11.40
CA PRO D 59 39.69 -2.92 -11.96
C PRO D 59 41.17 -3.23 -12.13
N ALA D 60 41.53 -4.47 -11.85
CA ALA D 60 42.86 -4.98 -12.11
C ALA D 60 42.78 -5.95 -13.28
N ILE D 61 43.87 -6.06 -14.02
CA ILE D 61 43.91 -6.91 -15.20
C ILE D 61 44.78 -8.13 -14.96
N PHE D 62 44.43 -9.23 -15.63
CA PHE D 62 45.17 -10.47 -15.54
C PHE D 62 46.16 -10.56 -16.70
N SER D 63 47.18 -11.39 -16.53
CA SER D 63 48.17 -11.60 -17.57
C SER D 63 47.69 -12.62 -18.59
N LYS D 64 48.42 -12.71 -19.70
CA LYS D 64 47.97 -13.56 -20.79
C LYS D 64 47.91 -15.03 -20.37
N ASP D 65 48.85 -15.50 -19.55
CA ASP D 65 48.90 -16.90 -19.15
C ASP D 65 48.06 -17.19 -17.92
N SER D 66 47.08 -16.34 -17.63
CA SER D 66 46.34 -16.45 -16.39
C SER D 66 45.09 -17.29 -16.54
N CYS D 67 44.72 -17.95 -15.44
CA CYS D 67 43.37 -18.47 -15.28
C CYS D 67 42.49 -17.33 -14.80
N TYR D 68 41.21 -17.35 -15.19
CA TYR D 68 40.23 -16.33 -14.78
C TYR D 68 39.34 -16.93 -13.70
N LEU D 69 39.85 -16.94 -12.47
CA LEU D 69 39.16 -17.66 -11.41
C LEU D 69 37.80 -17.02 -11.13
N PRO D 70 36.83 -17.82 -10.69
CA PRO D 70 35.58 -17.24 -10.25
C PRO D 70 35.75 -16.60 -8.88
N PRO D 71 35.01 -15.54 -8.59
CA PRO D 71 35.04 -14.97 -7.23
C PRO D 71 34.61 -15.99 -6.17
N LEU D 72 35.35 -16.01 -5.06
CA LEU D 72 35.18 -17.04 -4.04
C LEU D 72 34.96 -16.43 -2.66
N ARG D 73 33.95 -16.96 -1.98
CA ARG D 73 33.52 -16.51 -0.66
C ARG D 73 34.07 -17.49 0.36
N TYR D 74 34.64 -16.96 1.44
CA TYR D 74 35.21 -17.77 2.51
C TYR D 74 36.27 -18.78 2.06
N PRO D 75 37.21 -18.40 1.20
CA PRO D 75 38.30 -19.33 0.88
C PRO D 75 39.36 -19.34 1.96
N ALA D 76 40.19 -20.38 1.95
CA ALA D 76 41.38 -20.41 2.78
C ALA D 76 42.49 -19.72 2.02
N THR D 77 43.04 -18.65 2.60
CA THR D 77 44.03 -17.83 1.91
C THR D 77 45.27 -17.70 2.79
N CYS D 78 46.44 -17.63 2.15
CA CYS D 78 47.68 -17.37 2.89
C CYS D 78 48.71 -16.75 1.96
N SER D 79 49.77 -16.21 2.57
CA SER D 79 50.86 -15.56 1.86
C SER D 79 52.09 -16.44 1.82
N TYR D 80 52.76 -16.45 0.66
CA TYR D 80 53.92 -17.29 0.41
C TYR D 80 55.08 -16.41 -0.06
N LYS D 81 56.24 -16.55 0.56
CA LYS D 81 57.40 -15.77 0.17
C LYS D 81 58.26 -16.59 -0.78
N LYS D 88 59.46 -15.12 -5.51
CA LYS D 88 58.58 -13.95 -5.52
C LYS D 88 57.46 -14.09 -4.48
N HIS D 89 56.82 -12.95 -4.17
CA HIS D 89 55.76 -12.92 -3.18
C HIS D 89 54.42 -13.24 -3.85
N GLN D 90 53.66 -14.17 -3.26
CA GLN D 90 52.44 -14.63 -3.88
C GLN D 90 51.39 -14.98 -2.82
N TYR D 91 50.17 -15.25 -3.30
CA TYR D 91 49.01 -15.59 -2.48
C TYR D 91 48.43 -16.94 -2.91
N ILE D 92 48.07 -17.77 -1.93
CA ILE D 92 47.47 -19.08 -2.15
C ILE D 92 45.99 -19.00 -1.76
N ILE D 93 45.10 -19.40 -2.69
CA ILE D 93 43.67 -19.46 -2.47
C ILE D 93 43.23 -20.91 -2.67
N HIS D 94 42.58 -21.48 -1.66
CA HIS D 94 42.02 -22.82 -1.78
C HIS D 94 40.60 -22.83 -1.25
N GLY D 95 39.73 -23.54 -1.96
CA GLY D 95 38.38 -23.77 -1.46
C GLY D 95 37.46 -22.60 -1.77
N GLY D 96 36.42 -22.46 -0.96
CA GLY D 96 35.51 -21.35 -1.04
C GLY D 96 34.22 -21.65 -1.81
N LYS D 97 33.30 -20.69 -1.73
CA LYS D 97 32.03 -20.74 -2.42
C LYS D 97 32.06 -19.87 -3.67
N THR D 98 31.44 -20.38 -4.78
CA THR D 98 31.27 -19.71 -6.05
C THR D 98 29.93 -18.99 -6.09
N PRO D 99 29.76 -18.07 -7.04
CA PRO D 99 28.44 -17.43 -7.19
C PRO D 99 27.28 -18.41 -7.36
N ASN D 100 27.54 -19.58 -7.94
CA ASN D 100 26.49 -20.57 -8.14
C ASN D 100 26.27 -21.45 -6.94
N ASN D 101 26.85 -21.10 -5.79
CA ASN D 101 26.82 -21.87 -4.54
C ASN D 101 27.62 -23.16 -4.61
N GLU D 102 28.44 -23.34 -5.65
CA GLU D 102 29.33 -24.49 -5.74
C GLU D 102 30.60 -24.26 -4.91
N LEU D 103 31.13 -25.34 -4.34
CA LEU D 103 32.36 -25.27 -3.57
C LEU D 103 33.51 -25.69 -4.47
N SER D 104 34.60 -24.91 -4.45
CA SER D 104 35.78 -25.21 -5.27
C SER D 104 36.75 -26.04 -4.44
N ASP D 105 37.31 -27.08 -5.03
CA ASP D 105 38.41 -27.79 -4.36
C ASP D 105 39.78 -27.43 -4.94
N LYS D 106 39.83 -26.62 -6.01
CA LYS D 106 41.05 -26.24 -6.73
C LYS D 106 41.89 -25.23 -5.94
N ILE D 107 43.14 -25.07 -6.35
CA ILE D 107 44.04 -24.11 -5.71
C ILE D 107 44.51 -23.12 -6.75
N TYR D 108 44.46 -21.83 -6.42
CA TYR D 108 44.89 -20.76 -7.32
C TYR D 108 46.05 -20.03 -6.67
N ILE D 109 46.97 -19.56 -7.51
CA ILE D 109 48.16 -18.84 -7.08
C ILE D 109 48.16 -17.48 -7.74
N MET D 110 48.20 -16.43 -6.92
CA MET D 110 48.13 -15.04 -7.36
C MET D 110 49.49 -14.38 -7.15
N SER D 111 50.01 -13.76 -8.21
CA SER D 111 51.27 -13.05 -8.08
C SER D 111 51.29 -11.86 -9.02
N VAL D 112 52.14 -10.87 -8.71
CA VAL D 112 52.26 -9.67 -9.53
C VAL D 112 53.11 -9.97 -10.75
N ALA D 113 52.50 -9.96 -11.94
CA ALA D 113 53.20 -10.27 -13.18
C ALA D 113 53.87 -9.05 -13.80
N CYS D 114 53.19 -7.91 -13.76
CA CYS D 114 53.71 -6.69 -14.34
C CYS D 114 53.04 -5.54 -13.61
N LYS D 115 53.78 -4.45 -13.37
CA LYS D 115 53.22 -3.27 -12.71
C LYS D 115 53.51 -2.04 -13.57
N ASN D 116 52.46 -1.45 -14.11
CA ASN D 116 52.57 -0.26 -14.95
C ASN D 116 51.81 0.87 -14.25
N ASN D 117 52.55 1.86 -13.78
CA ASN D 117 52.00 3.04 -13.12
C ASN D 117 51.01 2.69 -12.02
N VAL D 120 48.45 -2.54 -11.92
CA VAL D 120 49.16 -3.80 -11.81
C VAL D 120 48.49 -4.88 -12.63
N THR D 121 49.30 -5.67 -13.33
CA THR D 121 48.84 -6.88 -13.98
C THR D 121 49.12 -8.08 -13.08
N PHE D 122 48.14 -8.96 -12.94
CA PHE D 122 48.28 -10.16 -12.13
C PHE D 122 48.45 -11.39 -13.01
N ARG D 123 49.13 -12.39 -12.44
CA ARG D 123 49.16 -13.75 -12.95
C ARG D 123 48.41 -14.63 -11.95
N CYS D 124 47.38 -15.33 -12.44
CA CYS D 124 46.62 -16.29 -11.66
C CYS D 124 46.79 -17.67 -12.30
N THR D 125 47.55 -18.54 -11.64
CA THR D 125 47.81 -19.88 -12.16
C THR D 125 47.22 -20.93 -11.22
N GLU D 126 46.43 -21.82 -11.77
CA GLU D 126 45.84 -22.88 -10.96
C GLU D 126 46.79 -24.06 -10.88
N LYS D 127 46.94 -24.58 -9.67
CA LYS D 127 47.78 -25.73 -9.38
C LYS D 127 46.89 -26.95 -9.20
N ASP D 128 47.16 -27.99 -9.98
CA ASP D 128 46.40 -29.23 -9.86
C ASP D 128 46.85 -30.00 -8.61
N LEU D 129 45.94 -30.80 -8.07
CA LEU D 129 46.20 -31.55 -6.84
C LEU D 129 45.94 -33.03 -7.09
N VAL D 130 46.92 -33.86 -6.73
CA VAL D 130 46.84 -35.31 -6.86
C VAL D 130 47.22 -35.92 -5.52
N GLY D 131 46.73 -37.14 -5.30
CA GLY D 131 47.00 -37.82 -4.05
C GLY D 131 45.81 -37.89 -3.12
N ASP D 132 45.96 -37.31 -1.93
CA ASP D 132 44.85 -37.13 -0.97
C ASP D 132 44.34 -35.70 -1.09
N VAL D 133 43.57 -35.43 -2.15
CA VAL D 133 43.07 -34.08 -2.35
C VAL D 133 41.99 -33.76 -1.32
N PRO D 134 42.02 -32.58 -0.68
CA PRO D 134 40.98 -32.26 0.31
C PRO D 134 39.64 -31.99 -0.35
N GLU D 135 38.58 -32.56 0.24
CA GLU D 135 37.23 -32.35 -0.28
C GLU D 135 36.95 -30.85 -0.34
N PRO D 136 36.15 -30.42 -1.32
CA PRO D 136 35.92 -28.98 -1.47
C PRO D 136 35.27 -28.40 -0.22
N ARG D 137 35.77 -27.23 0.20
CA ARG D 137 35.36 -26.68 1.48
C ARG D 137 35.39 -25.16 1.40
N TYR D 138 34.69 -24.54 2.35
CA TYR D 138 34.86 -23.12 2.65
C TYR D 138 34.98 -22.97 4.15
N GLY D 139 35.51 -21.82 4.58
CA GLY D 139 35.71 -21.58 5.99
C GLY D 139 36.80 -22.41 6.63
N HIS D 140 37.90 -22.61 5.92
CA HIS D 140 38.99 -23.43 6.41
C HIS D 140 40.25 -22.57 6.39
N SER D 141 41.29 -23.04 7.08
CA SER D 141 42.53 -22.29 7.24
C SER D 141 43.65 -22.96 6.47
N ILE D 142 44.50 -22.13 5.85
CA ILE D 142 45.69 -22.61 5.16
C ILE D 142 46.84 -21.66 5.46
N ASP D 143 48.02 -22.23 5.71
CA ASP D 143 49.22 -21.49 6.07
C ASP D 143 50.45 -22.21 5.55
N VAL D 144 51.57 -21.49 5.48
CA VAL D 144 52.84 -22.06 5.03
C VAL D 144 53.76 -22.22 6.23
N VAL D 145 54.33 -23.41 6.40
CA VAL D 145 55.30 -23.69 7.45
C VAL D 145 56.64 -23.96 6.79
N TYR D 146 57.71 -23.63 7.52
CA TYR D 146 59.07 -23.85 7.07
C TYR D 146 59.80 -24.71 8.09
N SER D 147 60.27 -25.88 7.65
CA SER D 147 61.03 -26.81 8.49
C SER D 147 62.25 -27.28 7.73
N ARG D 148 63.43 -27.13 8.34
CA ARG D 148 64.71 -27.53 7.76
C ARG D 148 64.85 -27.07 6.31
N GLY D 149 64.78 -25.77 6.11
CA GLY D 149 65.00 -25.23 4.78
C GLY D 149 64.03 -25.70 3.72
N LYS D 150 62.89 -26.28 4.12
CA LYS D 150 61.85 -26.75 3.21
C LYS D 150 60.52 -26.10 3.55
N SER D 151 59.73 -25.81 2.51
CA SER D 151 58.46 -25.12 2.63
C SER D 151 57.31 -26.09 2.34
N MET D 152 56.29 -26.07 3.20
CA MET D 152 55.17 -27.00 3.11
C MET D 152 53.90 -26.26 3.52
N GLY D 153 52.76 -26.57 2.90
CA GLY D 153 51.52 -25.91 3.23
C GLY D 153 50.68 -26.76 4.16
N VAL D 154 50.08 -26.13 5.16
CA VAL D 154 49.23 -26.80 6.14
C VAL D 154 47.81 -26.25 6.01
N LEU D 155 46.83 -27.15 5.95
CA LEU D 155 45.43 -26.79 5.73
C LEU D 155 44.56 -27.58 6.69
N PHE D 156 43.64 -26.90 7.36
CA PHE D 156 42.82 -27.55 8.38
C PHE D 156 41.40 -26.97 8.40
N GLY D 157 40.45 -27.85 8.67
CA GLY D 157 39.10 -27.47 9.06
C GLY D 157 38.18 -27.18 7.89
N GLY D 158 37.03 -26.59 8.22
CA GLY D 158 36.10 -26.08 7.25
C GLY D 158 34.82 -26.89 7.16
N ARG D 159 34.01 -26.52 6.16
CA ARG D 159 32.71 -27.13 5.92
C ARG D 159 32.52 -27.44 4.44
N SER D 160 31.62 -28.37 4.18
CA SER D 160 31.17 -28.67 2.81
C SER D 160 29.78 -29.29 2.88
N TYR D 161 29.21 -29.54 1.71
CA TYR D 161 27.90 -30.16 1.63
C TYR D 161 28.03 -31.66 1.94
N MET D 162 26.88 -32.30 2.17
CA MET D 162 26.87 -33.75 2.33
C MET D 162 27.51 -34.41 1.11
N PRO D 163 28.02 -35.63 1.25
CA PRO D 163 28.60 -36.33 0.11
C PRO D 163 27.52 -36.71 -0.91
N SER D 164 27.96 -36.89 -2.16
CA SER D 164 27.03 -37.24 -3.24
C SER D 164 26.16 -38.43 -2.88
N THR D 165 26.62 -39.25 -1.93
CA THR D 165 25.84 -40.40 -1.55
C THR D 165 24.63 -39.98 -0.73
N GLN D 166 24.86 -39.25 0.36
CA GLN D 166 23.79 -38.95 1.29
C GLN D 166 23.07 -37.65 0.96
N ARG D 167 23.54 -36.92 -0.04
CA ARG D 167 22.91 -35.66 -0.38
C ARG D 167 21.52 -35.91 -0.96
N THR D 168 20.56 -35.20 -0.41
CA THR D 168 19.18 -35.23 -0.83
C THR D 168 18.76 -33.80 -1.12
N THR D 169 17.94 -33.63 -2.16
CA THR D 169 17.56 -32.28 -2.54
C THR D 169 16.83 -31.59 -1.40
N GLU D 170 16.05 -32.34 -0.63
CA GLU D 170 15.30 -31.70 0.44
C GLU D 170 16.24 -30.96 1.39
N LYS D 171 17.46 -31.43 1.56
CA LYS D 171 18.47 -30.76 2.37
C LYS D 171 19.70 -30.47 1.54
N TRP D 172 19.49 -30.08 0.29
CA TRP D 172 20.59 -29.96 -0.67
C TRP D 172 21.73 -29.12 -0.11
N ASN D 173 21.41 -27.98 0.48
CA ASN D 173 22.41 -27.02 0.91
C ASN D 173 22.94 -27.28 2.30
N SER D 174 22.44 -28.34 2.97
CA SER D 174 22.95 -28.71 4.27
C SER D 174 24.46 -28.91 4.21
N VAL D 175 25.14 -28.41 5.23
CA VAL D 175 26.59 -28.41 5.28
C VAL D 175 26.97 -29.13 6.55
N ALA D 176 28.21 -29.60 6.60
CA ALA D 176 28.78 -30.22 7.79
C ALA D 176 30.27 -29.90 7.86
N ASP D 177 30.81 -30.02 9.07
CA ASP D 177 32.23 -29.79 9.30
C ASP D 177 33.06 -30.86 8.60
N CYS D 178 34.19 -30.47 8.00
CA CYS D 178 35.09 -31.47 7.44
C CYS D 178 35.66 -32.35 8.54
N LEU D 179 36.17 -33.51 8.15
CA LEU D 179 36.91 -34.33 9.10
C LEU D 179 38.17 -33.58 9.55
N PRO D 180 38.46 -33.55 10.86
CA PRO D 180 39.55 -32.67 11.33
C PRO D 180 40.92 -33.26 11.05
N HIS D 181 41.20 -33.47 9.78
CA HIS D 181 42.48 -33.98 9.33
C HIS D 181 43.34 -32.80 8.94
N VAL D 182 44.62 -32.92 9.19
CA VAL D 182 45.56 -31.91 8.73
C VAL D 182 46.07 -32.31 7.36
N PHE D 183 46.15 -31.35 6.43
CA PHE D 183 46.56 -31.63 5.06
C PHE D 183 47.86 -30.89 4.80
N LEU D 184 48.93 -31.65 4.55
CA LEU D 184 50.19 -31.09 4.06
C LEU D 184 50.18 -31.06 2.53
N ILE D 185 50.54 -29.92 1.97
CA ILE D 185 50.37 -29.64 0.55
C ILE D 185 51.69 -29.11 -0.01
N ASP D 186 52.26 -29.83 -0.98
CA ASP D 186 53.42 -29.35 -1.72
C ASP D 186 52.91 -28.60 -2.94
N PHE D 187 53.20 -27.29 -2.95
CA PHE D 187 52.73 -26.37 -3.98
C PHE D 187 53.49 -26.45 -5.30
N GLU D 188 54.78 -26.80 -5.27
CA GLU D 188 55.52 -26.87 -6.53
C GLU D 188 54.99 -27.99 -7.42
N PHE D 189 54.69 -29.14 -6.83
CA PHE D 189 54.26 -30.29 -7.58
C PHE D 189 52.79 -30.63 -7.40
N GLY D 190 52.13 -30.06 -6.41
CA GLY D 190 50.72 -30.34 -6.29
C GLY D 190 50.40 -31.65 -5.64
N CYS D 191 51.10 -32.00 -4.57
CA CYS D 191 50.79 -33.27 -3.95
C CYS D 191 50.29 -33.03 -2.53
N ALA D 192 49.42 -33.93 -2.06
CA ALA D 192 48.66 -33.68 -0.86
C ALA D 192 48.65 -34.93 0.01
N THR D 193 48.89 -34.72 1.32
CA THR D 193 48.94 -35.81 2.29
C THR D 193 48.03 -35.50 3.47
N SER D 194 47.25 -36.50 3.89
CA SER D 194 46.26 -36.36 4.96
C SER D 194 46.72 -37.09 6.23
N TYR D 195 46.69 -36.37 7.37
CA TYR D 195 47.11 -36.90 8.67
C TYR D 195 45.97 -36.83 9.67
N ILE D 196 45.59 -37.98 10.24
CA ILE D 196 44.64 -38.05 11.35
C ILE D 196 45.40 -37.88 12.66
N LEU D 197 44.94 -36.96 13.50
CA LEU D 197 45.55 -36.69 14.79
C LEU D 197 44.60 -37.07 15.92
N PRO D 198 45.11 -37.67 17.01
CA PRO D 198 44.22 -38.04 18.13
C PRO D 198 43.70 -36.84 18.92
N GLU D 199 44.48 -35.76 19.00
CA GLU D 199 44.08 -34.60 19.80
C GLU D 199 42.98 -33.79 19.13
N LEU D 200 42.79 -33.94 17.83
CA LEU D 200 41.78 -33.19 17.07
C LEU D 200 40.61 -34.12 16.83
N GLN D 201 39.65 -34.08 17.76
CA GLN D 201 38.51 -35.00 17.69
C GLN D 201 37.35 -34.43 16.87
N ASP D 202 37.07 -33.14 16.99
CA ASP D 202 35.89 -32.55 16.38
C ASP D 202 36.26 -31.67 15.19
N GLY D 203 35.27 -31.43 14.34
CA GLY D 203 35.44 -30.54 13.21
C GLY D 203 35.46 -29.08 13.60
N LEU D 204 36.06 -28.26 12.74
CA LEU D 204 36.24 -26.86 13.11
C LEU D 204 36.19 -26.02 11.85
N SER D 205 35.47 -24.90 11.93
CA SER D 205 35.34 -23.98 10.82
C SER D 205 35.38 -22.55 11.34
N PHE D 206 35.75 -21.63 10.44
CA PHE D 206 35.76 -20.20 10.74
C PHE D 206 36.70 -19.86 11.90
N HIS D 207 37.75 -20.65 12.07
CA HIS D 207 38.74 -20.41 13.11
C HIS D 207 39.83 -19.46 12.62
N VAL D 208 40.73 -19.11 13.54
CA VAL D 208 41.88 -18.26 13.23
C VAL D 208 43.15 -19.11 13.22
N SER D 209 44.09 -18.76 12.35
CA SER D 209 45.33 -19.53 12.18
C SER D 209 46.55 -18.60 12.20
N ILE D 210 47.57 -18.95 12.99
CA ILE D 210 48.81 -18.19 13.08
C ILE D 210 50.00 -19.11 12.78
N ALA D 211 50.83 -18.73 11.82
CA ALA D 211 51.91 -19.58 11.32
C ALA D 211 53.26 -18.94 11.59
N ARG D 212 54.09 -19.63 12.38
CA ARG D 212 55.46 -19.20 12.68
C ARG D 212 56.35 -20.42 12.56
N ASN D 213 57.34 -20.35 11.66
CA ASN D 213 58.35 -21.40 11.45
C ASN D 213 57.65 -22.71 11.13
N ASP D 214 57.92 -23.78 11.87
CA ASP D 214 57.35 -25.09 11.67
C ASP D 214 56.06 -25.29 12.45
N THR D 215 55.46 -24.21 12.93
CA THR D 215 54.32 -24.29 13.83
C THR D 215 53.16 -23.50 13.28
N VAL D 216 51.96 -24.03 13.49
CA VAL D 216 50.71 -23.33 13.22
C VAL D 216 49.80 -23.47 14.43
N TYR D 217 49.35 -22.34 14.95
CA TYR D 217 48.42 -22.29 16.07
C TYR D 217 47.01 -22.08 15.53
N ILE D 218 46.07 -22.87 16.07
CA ILE D 218 44.67 -22.90 15.68
C ILE D 218 43.87 -22.37 16.86
N LEU D 219 43.10 -21.31 16.63
CA LEU D 219 42.39 -20.63 17.68
C LEU D 219 40.90 -20.53 17.39
N GLY D 220 40.09 -20.81 18.41
CA GLY D 220 38.65 -20.60 18.35
C GLY D 220 37.95 -21.43 17.29
N GLY D 221 37.10 -20.77 16.51
CA GLY D 221 36.31 -21.46 15.52
C GLY D 221 34.94 -21.85 16.03
N HIS D 222 34.19 -22.54 15.16
CA HIS D 222 32.85 -23.02 15.44
C HIS D 222 32.75 -24.48 15.02
N SER D 223 32.29 -25.33 15.93
CA SER D 223 32.10 -26.75 15.67
C SER D 223 30.61 -26.96 15.46
N LEU D 224 30.23 -27.33 14.24
CA LEU D 224 28.82 -27.32 13.89
C LEU D 224 28.06 -28.45 14.59
N ALA D 225 28.67 -29.63 14.68
CA ALA D 225 27.95 -30.77 15.24
C ALA D 225 27.51 -30.50 16.68
N SER D 226 28.45 -30.11 17.54
CA SER D 226 28.12 -29.78 18.92
C SER D 226 27.45 -28.41 19.05
N ASN D 227 27.62 -27.55 18.04
CA ASN D 227 27.17 -26.15 18.07
C ASN D 227 27.78 -25.39 19.26
N ILE D 228 29.10 -25.54 19.40
CA ILE D 228 29.90 -24.90 20.44
C ILE D 228 31.02 -24.16 19.75
N ARG D 229 31.45 -23.04 20.34
CA ARG D 229 32.66 -22.41 19.83
C ARG D 229 33.77 -22.70 20.82
N PRO D 230 34.43 -23.87 20.73
CA PRO D 230 35.26 -24.35 21.86
C PRO D 230 36.38 -23.38 22.18
N ALA D 231 36.66 -23.27 23.48
CA ALA D 231 37.69 -22.37 23.99
C ALA D 231 39.05 -23.06 24.03
N ASN D 232 39.42 -23.70 22.93
CA ASN D 232 40.68 -24.42 22.86
C ASN D 232 41.62 -23.79 21.84
N LEU D 233 42.91 -24.01 22.10
CA LEU D 233 44.03 -23.62 21.25
C LEU D 233 44.87 -24.85 20.93
N TYR D 234 45.18 -25.05 19.65
CA TYR D 234 45.94 -26.21 19.19
C TYR D 234 47.24 -25.77 18.56
N ARG D 235 48.37 -26.30 19.04
CA ARG D 235 49.65 -26.09 18.40
C ARG D 235 49.94 -27.30 17.50
N ILE D 236 50.37 -27.02 16.27
CA ILE D 236 50.67 -28.07 15.30
C ILE D 236 52.10 -27.85 14.82
N ARG D 237 52.98 -28.80 15.13
CA ARG D 237 54.35 -28.76 14.72
C ARG D 237 54.56 -29.69 13.53
N VAL D 238 55.31 -29.21 12.53
CA VAL D 238 55.57 -29.94 11.30
C VAL D 238 57.07 -30.06 11.10
N ASP D 239 57.54 -31.29 10.89
CA ASP D 239 58.93 -31.57 10.58
C ASP D 239 59.03 -32.06 9.15
N LEU D 240 59.96 -31.50 8.39
CA LEU D 240 60.15 -31.83 6.98
C LEU D 240 61.54 -32.46 6.82
N PRO D 241 61.68 -33.78 7.15
CA PRO D 241 62.95 -34.46 6.88
C PRO D 241 63.02 -34.95 5.44
N LEU D 242 64.00 -35.80 5.12
CA LEU D 242 64.08 -36.31 3.76
C LEU D 242 62.86 -37.16 3.41
N GLY D 243 62.36 -37.94 4.37
CA GLY D 243 61.22 -38.80 4.15
C GLY D 243 59.90 -38.09 4.35
N THR D 244 58.87 -38.90 4.60
CA THR D 244 57.57 -38.35 4.93
C THR D 244 57.70 -37.40 6.12
N PRO D 245 57.11 -36.21 6.05
CA PRO D 245 57.17 -35.29 7.18
C PRO D 245 56.40 -35.87 8.37
N ALA D 246 56.66 -35.30 9.55
CA ALA D 246 55.98 -35.72 10.76
C ALA D 246 55.22 -34.55 11.35
N VAL D 247 53.98 -34.80 11.76
CA VAL D 247 53.10 -33.77 12.31
C VAL D 247 52.68 -34.19 13.71
N ASN D 248 52.85 -33.27 14.66
CA ASN D 248 52.37 -33.50 16.02
C ASN D 248 51.54 -32.31 16.46
N CYS D 249 50.41 -32.60 17.07
CA CYS D 249 49.52 -31.58 17.58
C CYS D 249 49.44 -31.74 19.09
N THR D 250 49.34 -30.62 19.78
CA THR D 250 49.23 -30.60 21.24
C THR D 250 48.18 -29.58 21.64
N VAL D 251 47.37 -29.95 22.62
CA VAL D 251 46.38 -29.06 23.19
C VAL D 251 47.07 -28.07 24.14
N LEU D 252 46.66 -26.80 24.08
CA LEU D 252 47.25 -25.77 24.92
C LEU D 252 46.15 -25.06 25.70
N PRO D 253 46.29 -24.95 27.02
CA PRO D 253 45.29 -24.21 27.79
C PRO D 253 45.39 -22.71 27.53
N GLY D 254 44.31 -22.02 27.87
CA GLY D 254 44.22 -20.59 27.67
C GLY D 254 43.71 -20.16 26.31
N GLY D 255 42.89 -20.99 25.66
CA GLY D 255 42.43 -20.69 24.31
C GLY D 255 41.16 -19.86 24.35
N ILE D 256 41.13 -18.81 23.54
CA ILE D 256 39.92 -17.99 23.42
C ILE D 256 38.86 -18.73 22.61
N SER D 257 37.61 -18.35 22.82
CA SER D 257 36.47 -18.88 22.09
C SER D 257 35.93 -17.78 21.18
N VAL D 258 36.18 -17.91 19.88
CA VAL D 258 35.73 -16.91 18.92
C VAL D 258 35.69 -17.52 17.52
N SER D 259 34.59 -17.29 16.81
CA SER D 259 34.46 -17.68 15.41
C SER D 259 34.52 -16.44 14.53
N SER D 260 35.03 -16.62 13.32
CA SER D 260 35.05 -15.57 12.30
C SER D 260 35.84 -14.34 12.74
N ALA D 261 36.81 -14.52 13.63
CA ALA D 261 37.66 -13.39 13.98
C ALA D 261 38.57 -13.01 12.81
N ILE D 262 39.09 -11.79 12.85
CA ILE D 262 40.02 -11.27 11.85
C ILE D 262 41.36 -11.02 12.53
N LEU D 263 42.44 -11.24 11.79
CA LEU D 263 43.79 -11.16 12.34
C LEU D 263 44.64 -10.19 11.51
N THR D 264 45.46 -9.38 12.18
CA THR D 264 46.37 -8.48 11.47
C THR D 264 47.74 -8.47 12.16
N GLN D 265 48.75 -8.01 11.41
CA GLN D 265 50.15 -7.98 11.86
C GLN D 265 50.54 -6.56 12.21
N THR D 266 50.77 -6.30 13.50
CA THR D 266 51.22 -5.00 14.00
C THR D 266 52.74 -4.87 14.05
N ASN D 267 53.45 -5.95 14.40
CA ASN D 267 54.91 -5.98 14.33
C ASN D 267 55.34 -7.44 14.26
N ASN D 268 56.60 -7.65 13.85
CA ASN D 268 57.15 -9.00 13.71
C ASN D 268 56.96 -9.81 14.99
N ASP D 269 56.40 -11.02 14.84
CA ASP D 269 56.12 -11.94 15.94
C ASP D 269 55.11 -11.39 16.95
N GLU D 270 54.22 -10.49 16.52
CA GLU D 270 53.11 -10.02 17.37
C GLU D 270 51.87 -9.77 16.52
N PHE D 271 50.75 -10.42 16.86
CA PHE D 271 49.49 -10.28 16.13
C PHE D 271 48.37 -9.83 17.06
N VAL D 272 47.45 -9.02 16.54
CA VAL D 272 46.23 -8.60 17.24
C VAL D 272 45.03 -9.13 16.46
N ILE D 273 44.02 -9.62 17.19
CA ILE D 273 42.77 -10.09 16.59
C ILE D 273 41.61 -9.24 17.11
N VAL D 274 40.81 -8.68 16.14
CA VAL D 274 39.58 -7.95 16.41
C VAL D 274 38.45 -8.97 16.41
N GLY D 275 37.33 -8.63 17.01
CA GLY D 275 36.34 -9.66 17.30
C GLY D 275 35.66 -10.30 16.09
N GLY D 276 34.92 -11.35 16.42
CA GLY D 276 34.03 -12.11 15.56
C GLY D 276 32.73 -12.26 16.32
N TYR D 277 32.17 -13.46 16.28
CA TYR D 277 30.96 -13.74 17.04
C TYR D 277 31.32 -14.72 18.15
N GLN D 278 30.90 -14.40 19.36
CA GLN D 278 31.17 -15.16 20.57
C GLN D 278 30.06 -16.14 20.94
N LEU D 279 28.82 -15.80 20.61
CA LEU D 279 27.70 -16.71 20.70
C LEU D 279 26.77 -16.42 19.52
N GLU D 280 25.78 -17.29 19.34
CA GLU D 280 24.86 -17.06 18.24
C GLU D 280 24.16 -15.71 18.41
N ASN D 281 23.80 -15.37 19.65
CA ASN D 281 23.14 -14.11 19.99
C ASN D 281 24.11 -13.02 20.44
N GLN D 282 25.37 -13.36 20.72
CA GLN D 282 26.36 -12.41 21.21
C GLN D 282 27.43 -12.15 20.16
N LYS D 283 28.15 -11.06 20.39
CA LYS D 283 29.23 -10.63 19.52
C LYS D 283 30.45 -10.41 20.39
N ARG D 284 31.63 -10.59 19.83
CA ARG D 284 32.85 -10.35 20.60
C ARG D 284 33.34 -8.92 20.35
N MET D 285 33.09 -8.04 21.34
CA MET D 285 33.47 -6.64 21.23
C MET D 285 34.91 -6.41 21.64
N VAL D 286 35.44 -7.23 22.55
CA VAL D 286 36.80 -7.12 23.05
C VAL D 286 37.79 -7.51 21.96
N CYS D 287 39.06 -7.19 22.18
CA CYS D 287 40.13 -7.51 21.24
C CYS D 287 41.22 -8.26 22.00
N SER D 288 41.96 -9.09 21.26
CA SER D 288 43.01 -9.90 21.88
C SER D 288 44.34 -9.62 21.20
N LEU D 289 45.42 -9.80 21.96
CA LEU D 289 46.79 -9.67 21.50
C LEU D 289 47.50 -11.00 21.72
N VAL D 290 48.19 -11.50 20.70
CA VAL D 290 48.97 -12.73 20.79
C VAL D 290 50.43 -12.42 20.52
N SER D 291 51.29 -12.92 21.40
CA SER D 291 52.75 -12.84 21.28
C SER D 291 53.33 -14.25 21.19
N LEU D 292 54.29 -14.45 20.28
CA LEU D 292 54.79 -15.79 19.99
C LEU D 292 55.98 -16.17 20.87
N ILE D 297 53.13 -19.26 22.96
CA ILE D 297 52.33 -18.05 22.66
C ILE D 297 51.50 -17.60 23.88
N GLU D 298 51.38 -16.28 24.06
CA GLU D 298 50.66 -15.66 25.17
C GLU D 298 49.52 -14.81 24.61
N ILE D 299 48.32 -15.00 25.16
CA ILE D 299 47.12 -14.28 24.73
C ILE D 299 46.69 -13.35 25.86
N SER D 300 46.64 -12.05 25.56
CA SER D 300 46.26 -11.03 26.53
C SER D 300 45.17 -10.14 25.94
N GLU D 301 44.14 -9.88 26.74
CA GLU D 301 43.09 -8.95 26.35
C GLU D 301 43.64 -7.54 26.20
N MET D 302 43.08 -6.78 25.25
CA MET D 302 43.45 -5.38 25.11
C MET D 302 42.24 -4.51 25.35
N GLU D 303 42.51 -3.22 25.45
CA GLU D 303 41.44 -2.26 25.69
C GLU D 303 40.53 -2.24 24.48
N THR D 304 39.23 -2.37 24.73
CA THR D 304 38.28 -2.35 23.65
C THR D 304 38.27 -0.98 22.99
N PRO D 305 38.32 -0.91 21.66
CA PRO D 305 38.32 0.39 20.98
C PRO D 305 36.97 1.09 21.07
N ASP D 306 36.90 2.31 20.55
CA ASP D 306 35.71 3.14 20.69
C ASP D 306 34.69 2.75 19.62
N TRP D 307 33.94 1.68 19.90
CA TRP D 307 32.88 1.27 19.00
C TRP D 307 31.76 2.31 18.99
N THR D 308 31.18 2.58 17.81
CA THR D 308 30.02 3.45 17.77
C THR D 308 28.76 2.65 18.09
N SER D 309 27.64 3.35 18.24
CA SER D 309 26.39 2.69 18.60
C SER D 309 25.92 1.73 17.50
N ASP D 310 26.10 2.13 16.24
CA ASP D 310 25.66 1.31 15.11
C ASP D 310 26.34 -0.05 15.10
N ILE D 311 27.65 -0.06 15.34
CA ILE D 311 28.39 -1.32 15.43
C ILE D 311 27.94 -2.13 16.62
N LYS D 312 27.71 -1.48 17.75
CA LYS D 312 27.34 -2.21 18.97
C LYS D 312 26.00 -2.90 18.84
N HIS D 313 25.04 -2.28 18.14
CA HIS D 313 23.70 -2.86 18.02
C HIS D 313 23.49 -3.67 16.75
N SER D 314 24.51 -3.80 15.89
CA SER D 314 24.43 -4.67 14.73
C SER D 314 24.63 -6.13 15.11
N LYS D 315 23.76 -7.00 14.58
CA LYS D 315 23.85 -8.44 14.82
C LYS D 315 24.93 -9.09 13.97
N ILE D 316 25.22 -8.52 12.81
CA ILE D 316 26.18 -9.08 11.87
C ILE D 316 27.29 -8.06 11.65
N TRP D 317 28.52 -8.54 11.56
CA TRP D 317 29.63 -7.73 11.05
C TRP D 317 30.61 -8.65 10.36
N PHE D 318 31.29 -8.11 9.38
CA PHE D 318 32.22 -8.91 8.60
C PHE D 318 33.40 -8.04 8.23
N GLY D 319 34.52 -8.67 7.91
CA GLY D 319 35.66 -7.86 7.55
C GLY D 319 36.83 -8.68 7.08
N SER D 320 37.89 -7.96 6.72
CA SER D 320 39.14 -8.62 6.34
C SER D 320 40.33 -7.76 6.72
N ASN D 321 41.50 -8.42 6.80
CA ASN D 321 42.75 -7.77 7.15
C ASN D 321 43.35 -7.11 5.90
N MET D 322 43.70 -5.83 6.03
CA MET D 322 44.30 -5.07 4.93
C MET D 322 45.80 -5.29 4.80
N GLY D 323 46.46 -5.68 5.90
CA GLY D 323 47.88 -5.99 5.88
C GLY D 323 48.72 -5.09 6.75
N ASN D 324 48.49 -3.78 6.63
CA ASN D 324 49.25 -2.76 7.34
C ASN D 324 48.76 -2.60 8.77
N GLY D 325 48.57 -3.71 9.48
CA GLY D 325 48.05 -3.67 10.83
C GLY D 325 46.73 -2.94 10.95
N THR D 326 45.93 -2.91 9.87
CA THR D 326 44.67 -2.18 9.81
C THR D 326 43.57 -3.10 9.30
N ILE D 327 42.43 -3.10 9.99
CA ILE D 327 41.30 -3.96 9.67
C ILE D 327 40.31 -3.12 8.88
N PHE D 328 39.63 -3.76 7.91
CA PHE D 328 38.54 -3.15 7.16
C PHE D 328 37.25 -3.90 7.49
N LEU D 329 36.29 -3.19 8.09
CA LEU D 329 35.08 -3.77 8.63
C LEU D 329 33.85 -3.24 7.91
N GLY D 330 32.75 -3.99 8.07
CA GLY D 330 31.44 -3.68 7.54
C GLY D 330 30.29 -4.21 8.37
N ILE D 331 29.22 -3.41 8.41
CA ILE D 331 27.96 -3.65 9.11
C ILE D 331 26.77 -3.45 8.17
N PRO D 332 25.66 -4.15 8.42
CA PRO D 332 24.48 -4.02 7.56
C PRO D 332 23.76 -2.71 7.80
N GLY D 333 23.15 -2.20 6.73
CA GLY D 333 22.36 -0.98 6.83
C GLY D 333 20.85 -1.13 6.80
N GLU D 341 21.01 2.96 2.82
CA GLU D 341 22.29 2.51 2.26
C GLU D 341 22.52 1.00 2.43
N ALA D 342 23.33 0.39 1.54
CA ALA D 342 23.52 -1.06 1.52
C ALA D 342 24.31 -1.60 2.72
N PHE D 343 25.60 -1.24 2.79
CA PHE D 343 26.50 -1.64 3.87
C PHE D 343 27.33 -0.43 4.32
N TYR D 344 27.68 -0.42 5.60
CA TYR D 344 28.45 0.65 6.20
C TYR D 344 29.81 0.12 6.61
N PHE D 345 30.87 0.86 6.28
CA PHE D 345 32.24 0.39 6.39
C PHE D 345 33.09 1.30 7.27
N TYR D 346 34.00 0.67 8.02
CA TYR D 346 34.92 1.32 8.94
C TYR D 346 36.31 0.74 8.73
N THR D 347 37.33 1.49 9.17
CA THR D 347 38.73 1.05 9.24
C THR D 347 39.23 1.21 10.66
N LEU D 348 39.64 0.11 11.28
CA LEU D 348 40.14 0.10 12.65
C LEU D 348 41.63 -0.25 12.62
N ARG D 349 42.47 0.70 13.03
CA ARG D 349 43.94 0.56 12.86
C ARG D 349 44.67 0.12 14.12
N PRO E 99 -52.51 -10.84 -14.11
CA PRO E 99 -52.52 -11.40 -15.46
C PRO E 99 -52.23 -10.33 -16.50
N SER E 100 -51.51 -10.73 -17.55
CA SER E 100 -51.32 -9.86 -18.70
C SER E 100 -52.67 -9.59 -19.35
N ALA E 101 -52.71 -8.55 -20.20
CA ALA E 101 -53.92 -8.27 -20.95
C ALA E 101 -54.32 -9.48 -21.78
N PHE E 102 -53.33 -10.08 -22.47
CA PHE E 102 -53.57 -11.24 -23.31
C PHE E 102 -53.92 -12.48 -22.49
N PHE E 103 -53.44 -12.59 -21.24
CA PHE E 103 -53.76 -13.73 -20.38
C PHE E 103 -55.22 -13.71 -19.93
N LEU E 104 -55.71 -12.55 -19.47
CA LEU E 104 -57.13 -12.40 -19.15
C LEU E 104 -57.98 -12.58 -20.39
N PHE E 105 -57.55 -12.01 -21.51
CA PHE E 105 -58.20 -12.28 -22.79
C PHE E 105 -58.27 -13.80 -23.08
N CYS E 106 -57.14 -14.53 -23.06
CA CYS E 106 -57.16 -15.97 -23.37
C CYS E 106 -58.06 -16.76 -22.40
N SER E 107 -58.06 -16.41 -21.11
CA SER E 107 -58.98 -17.05 -20.18
C SER E 107 -60.44 -16.82 -20.57
N GLU E 108 -60.77 -15.60 -21.04
CA GLU E 108 -62.17 -15.28 -21.33
C GLU E 108 -62.69 -16.00 -22.58
N TYR E 109 -61.84 -16.15 -23.61
CA TYR E 109 -62.23 -16.73 -24.90
C TYR E 109 -61.74 -18.16 -25.14
N ARG E 110 -61.19 -18.83 -24.13
CA ARG E 110 -61.08 -20.28 -24.23
C ARG E 110 -62.45 -20.94 -24.39
N PRO E 111 -63.53 -20.40 -23.81
CA PRO E 111 -64.87 -21.01 -24.05
C PRO E 111 -65.26 -21.05 -25.51
N LYS E 112 -65.10 -19.93 -26.23
CA LYS E 112 -65.50 -19.86 -27.63
C LYS E 112 -64.68 -20.80 -28.51
N ILE E 113 -63.35 -20.75 -28.37
CA ILE E 113 -62.48 -21.58 -29.21
C ILE E 113 -62.65 -23.05 -28.88
N LYS E 114 -62.94 -23.38 -27.61
CA LYS E 114 -63.17 -24.78 -27.25
C LYS E 114 -64.51 -25.28 -27.77
N GLY E 115 -65.56 -24.46 -27.67
CA GLY E 115 -66.85 -24.86 -28.21
C GLY E 115 -66.82 -25.03 -29.71
N GLU E 116 -66.16 -24.09 -30.42
CA GLU E 116 -66.00 -24.20 -31.86
C GLU E 116 -65.23 -25.46 -32.23
N HIS E 117 -64.24 -25.83 -31.41
CA HIS E 117 -63.27 -26.86 -31.76
C HIS E 117 -62.90 -27.68 -30.53
N PRO E 118 -63.43 -28.89 -30.33
CA PRO E 118 -63.29 -29.47 -28.99
C PRO E 118 -61.92 -30.10 -28.77
N GLY E 119 -61.35 -30.73 -29.79
CA GLY E 119 -60.03 -31.34 -29.63
C GLY E 119 -58.82 -30.47 -29.98
N GLY E 123 -56.17 -23.30 -27.47
CA GLY E 123 -55.13 -22.32 -27.21
C GLY E 123 -54.72 -21.62 -28.47
N ASP E 124 -54.59 -22.36 -29.57
CA ASP E 124 -54.00 -21.77 -30.76
C ASP E 124 -54.92 -20.71 -31.38
N VAL E 125 -56.24 -20.89 -31.28
CA VAL E 125 -57.17 -19.97 -31.97
C VAL E 125 -57.29 -18.66 -31.21
N ALA E 126 -57.43 -18.74 -29.88
CA ALA E 126 -57.35 -17.55 -29.05
C ALA E 126 -55.99 -16.87 -29.17
N LYS E 127 -54.91 -17.66 -29.27
CA LYS E 127 -53.58 -17.13 -29.55
C LYS E 127 -53.61 -16.24 -30.80
N LYS E 128 -54.13 -16.78 -31.91
CA LYS E 128 -54.16 -16.05 -33.17
C LYS E 128 -55.00 -14.78 -33.06
N LEU E 129 -56.21 -14.90 -32.51
CA LEU E 129 -57.13 -13.77 -32.47
C LEU E 129 -56.58 -12.63 -31.61
N GLY E 130 -56.05 -12.99 -30.43
CA GLY E 130 -55.36 -12.00 -29.61
C GLY E 130 -54.20 -11.36 -30.33
N GLU E 131 -53.39 -12.19 -31.02
CA GLU E 131 -52.33 -11.71 -31.90
C GLU E 131 -52.81 -10.58 -32.83
N MET E 132 -53.80 -10.88 -33.68
CA MET E 132 -54.09 -10.04 -34.85
C MET E 132 -54.89 -8.82 -34.45
N TRP E 133 -55.56 -8.92 -33.32
CA TRP E 133 -56.32 -7.82 -32.79
C TRP E 133 -55.48 -6.94 -31.87
N ASN E 134 -54.38 -7.46 -31.28
CA ASN E 134 -53.43 -6.62 -30.53
C ASN E 134 -52.47 -5.87 -31.45
N ASN E 135 -52.11 -6.44 -32.61
CA ASN E 135 -51.41 -5.70 -33.65
C ASN E 135 -52.27 -4.59 -34.28
N THR E 136 -53.60 -4.73 -34.27
CA THR E 136 -54.51 -3.73 -34.87
C THR E 136 -54.53 -2.42 -34.11
N ASP E 140 -59.08 -1.60 -25.75
CA ASP E 140 -60.18 -2.41 -25.26
C ASP E 140 -59.72 -3.50 -24.31
N LYS E 141 -58.45 -3.89 -24.41
CA LYS E 141 -57.83 -4.63 -23.32
C LYS E 141 -57.56 -3.78 -22.05
N GLN E 142 -58.22 -2.63 -21.88
CA GLN E 142 -57.95 -1.77 -20.72
C GLN E 142 -58.35 -2.42 -19.38
N PRO E 143 -59.44 -3.19 -19.27
CA PRO E 143 -59.77 -3.71 -17.93
C PRO E 143 -58.77 -4.74 -17.43
N TYR E 144 -58.06 -5.42 -18.34
CA TYR E 144 -57.07 -6.40 -17.90
C TYR E 144 -55.87 -5.70 -17.25
N GLU E 145 -55.43 -4.58 -17.85
CA GLU E 145 -54.44 -3.74 -17.18
C GLU E 145 -54.97 -3.13 -15.88
N LYS E 146 -56.24 -2.76 -15.80
CA LYS E 146 -56.79 -2.32 -14.51
C LYS E 146 -56.61 -3.39 -13.44
N LYS E 147 -57.09 -4.60 -13.72
CA LYS E 147 -57.00 -5.67 -12.73
C LYS E 147 -55.55 -5.99 -12.42
N ALA E 148 -54.67 -5.89 -13.41
CA ALA E 148 -53.27 -6.18 -13.19
C ALA E 148 -52.64 -5.19 -12.22
N ALA E 149 -52.95 -3.90 -12.38
CA ALA E 149 -52.44 -2.90 -11.42
C ALA E 149 -52.97 -3.16 -10.01
N LYS E 150 -54.27 -3.47 -9.90
CA LYS E 150 -54.85 -3.77 -8.60
C LYS E 150 -54.13 -4.93 -7.92
N LEU E 151 -54.03 -6.08 -8.60
CA LEU E 151 -53.37 -7.25 -8.03
C LEU E 151 -51.88 -7.00 -7.78
N LYS E 152 -51.23 -6.17 -8.61
CA LYS E 152 -49.82 -5.84 -8.40
C LYS E 152 -49.61 -5.15 -7.06
N GLU E 153 -50.32 -4.05 -6.81
CA GLU E 153 -50.18 -3.37 -5.52
C GLU E 153 -50.67 -4.20 -4.34
N LYS E 154 -51.63 -5.11 -4.57
CA LYS E 154 -52.05 -6.02 -3.51
C LYS E 154 -50.92 -6.95 -3.09
N TYR E 155 -50.29 -7.60 -4.07
CA TYR E 155 -49.10 -8.39 -3.78
C TYR E 155 -47.97 -7.53 -3.20
N GLU E 156 -47.87 -6.26 -3.60
CA GLU E 156 -46.86 -5.37 -3.02
C GLU E 156 -47.08 -5.18 -1.53
N LYS E 157 -48.33 -4.95 -1.13
CA LYS E 157 -48.63 -4.83 0.30
C LYS E 157 -48.24 -6.10 1.07
N ASP E 158 -48.41 -7.27 0.43
CA ASP E 158 -48.09 -8.55 1.05
C ASP E 158 -46.62 -8.64 1.38
N ILE E 159 -46.30 -8.63 2.68
CA ILE E 159 -44.92 -8.67 3.14
C ILE E 159 -44.51 -10.09 3.51
#